data_6XLG
#
_entry.id   6XLG
#
_cell.length_a   1.00
_cell.length_b   1.00
_cell.length_c   1.00
_cell.angle_alpha   90.00
_cell.angle_beta   90.00
_cell.angle_gamma   90.00
#
_symmetry.space_group_name_H-M   'P 1'
#
loop_
_entity.id
_entity.type
_entity.pdbx_description
1 polymer 'ATP-dependent molecular chaperone HSC82'
2 polymer 'Hsp90 co-chaperone AHA1'
3 non-polymer 'PHOSPHOTHIOPHOSPHORIC ACID-ADENYLATE ESTER'
4 non-polymer 'MAGNESIUM ION'
5 non-polymer 'POTASSIUM ION'
#
loop_
_entity_poly.entity_id
_entity_poly.type
_entity_poly.pdbx_seq_one_letter_code
_entity_poly.pdbx_strand_id
1 'polypeptide(L)'
;MAGETFEFQAEITQLMSLIINTVYSNKEIFLRELISNASDALDKIRYQALSDPKQLETEPDLFIRITPKPEEKVLEIRDS
GIGMTKAELINNLGTIAKSGTKAFMEALSAGADVSMIGQFGVGFYSLFLVADRVQVISKNNEDEQYIWESNAGGSFTVTL
DEVNERIGRGTVLRLFLKDDQLEYLEEKRIKEVIKRHSEFVAYPIQLLVTKEVEKEVPIPEEEKKDEEKKDEDDKKPKLE
EVDEEEEEKKPKTKKVKEEVQELEELNKTKPLWTRNPSDITQEEYNAFYKSISNDWEDPLYVKHFSVEGQLEFRAILFIP
KRAPFDLFESKKKKNNIKLYVRRVFITDEAEDLIPEWLSFVKGVVDSEDLPLNLSREMLQQNKIMKVIRKNIVKKLIEAF
NEIAEDSEQFDKFYSAFAKNIKLGVHEDTQNRAALAKLLRYNSTKSVDELTSLTDYVTRMPEHQKNIYYITGESLKAVEK
SPFLDALKAKNFEVLFLTDPIDEYAFTQLKEFEGKTLVDITKDFELEETDEEKAEREKEIKEYEPLTKALKDILGDQVEK
VVVSYKLLDAPAAIRTGQFGWSANMERIMKAQALRDSSMSSYMSSKKTFEISPKSPIIKELKKRVDEGGAQDKTVKDLTN
LLFETALLTSGFSLEEPTSFASRINRLISLGLNIDEDEETETAPEASTEAPVEEVPADTEMEEVD
;
A,B
2 'polypeptide(L)'
;MVVNNPNNWHWVDKNCIGWAKEYFKQKLVGVEAGSVKDKKYAKIKSVSSIEGDCEVNQRKGKVISLFDLKITVLIEGHVD
SKDGSALPFEGSINVPEVAFDSEASSYQFDISIFKETSELSEAKPLIRSELLPKLRQIFQQFGKDLLATHGNDIQVPESQ
VKSNYTRGNQKSSFTEIKDSASKPKKNALPSSTSTSAPVSSTNKVPQNGSGNSTSIYLEPTFNVPSSELYETFLDKQRIL
AWTRSAQFFNSGPKLETKEKFELFGGNVISELVSCEKDKKLVFHWKLKDWSAPFNSTIEMTFHESQEFHETKLQVKWTGI
PVGEEDRVRANFEEYYVRSIKLTFGFGAVL
;
C,D
#
loop_
_chem_comp.id
_chem_comp.type
_chem_comp.name
_chem_comp.formula
AGS non-polymer 'PHOSPHOTHIOPHOSPHORIC ACID-ADENYLATE ESTER' 'C10 H16 N5 O12 P3 S'
K non-polymer 'POTASSIUM ION' 'K 1'
MG non-polymer 'MAGNESIUM ION' 'Mg 2'
#
# COMPACT_ATOMS: atom_id res chain seq x y z
N GLY A 3 -10.29 56.11 -16.71
CA GLY A 3 -10.75 54.76 -16.45
C GLY A 3 -12.05 54.71 -15.68
N GLU A 4 -12.97 53.86 -16.11
CA GLU A 4 -14.27 53.69 -15.48
C GLU A 4 -14.25 52.48 -14.57
N THR A 5 -14.79 52.62 -13.37
CA THR A 5 -14.78 51.57 -12.36
C THR A 5 -16.12 50.84 -12.37
N PHE A 6 -16.06 49.50 -12.32
CA PHE A 6 -17.24 48.67 -12.31
C PHE A 6 -17.14 47.66 -11.17
N GLU A 7 -18.20 47.55 -10.39
CA GLU A 7 -18.26 46.54 -9.34
C GLU A 7 -18.39 45.15 -9.94
N PHE A 8 -17.83 44.16 -9.25
CA PHE A 8 -17.92 42.78 -9.72
C PHE A 8 -19.36 42.28 -9.61
N GLN A 9 -19.79 41.54 -10.62
CA GLN A 9 -21.12 40.97 -10.69
C GLN A 9 -21.04 39.45 -10.66
N ALA A 10 -22.19 38.80 -10.67
CA ALA A 10 -22.25 37.34 -10.65
C ALA A 10 -23.52 36.88 -11.35
N GLU A 11 -23.37 35.88 -12.23
CA GLU A 11 -24.51 35.31 -12.95
C GLU A 11 -25.18 34.29 -12.04
N ILE A 12 -26.43 34.57 -11.64
CA ILE A 12 -27.09 33.75 -10.64
C ILE A 12 -27.59 32.44 -11.25
N THR A 13 -28.09 32.48 -12.48
CA THR A 13 -28.67 31.29 -13.09
C THR A 13 -27.63 30.19 -13.30
N GLN A 14 -26.36 30.55 -13.43
CA GLN A 14 -25.29 29.57 -13.59
C GLN A 14 -24.53 29.28 -12.30
N LEU A 15 -24.49 30.23 -11.37
CA LEU A 15 -23.81 30.00 -10.10
C LEU A 15 -24.50 28.91 -9.29
N MET A 16 -25.82 28.81 -9.38
CA MET A 16 -26.54 27.77 -8.67
C MET A 16 -26.15 26.38 -9.18
N SER A 17 -26.01 26.24 -10.50
CA SER A 17 -25.64 24.94 -11.06
C SER A 17 -24.21 24.56 -10.69
N LEU A 18 -23.32 25.53 -10.56
CA LEU A 18 -21.92 25.23 -10.25
C LEU A 18 -21.77 24.82 -8.79
N ILE A 19 -22.48 25.50 -7.88
CA ILE A 19 -22.33 25.21 -6.46
C ILE A 19 -23.01 23.89 -6.08
N ILE A 20 -24.16 23.61 -6.69
CA ILE A 20 -24.90 22.40 -6.35
C ILE A 20 -24.24 21.16 -6.96
N ASN A 21 -23.95 21.21 -8.26
CA ASN A 21 -23.53 20.01 -8.98
C ASN A 21 -22.02 19.80 -8.98
N THR A 22 -21.23 20.86 -9.16
CA THR A 22 -19.80 20.75 -9.39
C THR A 22 -18.97 21.24 -8.22
N VAL A 23 -19.44 21.04 -6.99
CA VAL A 23 -18.68 21.38 -5.80
C VAL A 23 -18.56 20.17 -4.89
N TYR A 24 -19.70 19.60 -4.51
CA TYR A 24 -19.73 18.46 -3.60
C TYR A 24 -19.58 17.17 -4.39
N SER A 25 -18.62 16.32 -3.97
CA SER A 25 -18.37 15.08 -4.68
C SER A 25 -19.44 14.04 -4.38
N ASN A 26 -19.68 13.77 -3.10
CA ASN A 26 -20.67 12.76 -2.69
C ASN A 26 -22.04 13.41 -2.52
N LYS A 27 -23.07 12.62 -2.78
CA LYS A 27 -24.44 13.11 -2.64
C LYS A 27 -24.89 13.17 -1.18
N GLU A 28 -24.35 12.28 -0.34
CA GLU A 28 -24.76 12.23 1.07
C GLU A 28 -24.29 13.43 1.87
N ILE A 29 -23.45 14.30 1.29
CA ILE A 29 -22.94 15.46 2.02
C ILE A 29 -24.06 16.47 2.31
N PHE A 30 -25.19 16.38 1.60
CA PHE A 30 -26.28 17.32 1.85
C PHE A 30 -26.82 17.20 3.27
N LEU A 31 -26.78 15.98 3.84
CA LEU A 31 -27.26 15.81 5.21
C LEU A 31 -26.30 16.40 6.23
N ARG A 32 -25.00 16.36 5.95
CA ARG A 32 -24.03 16.95 6.87
C ARG A 32 -24.20 18.46 6.98
N GLU A 33 -24.58 19.12 5.88
CA GLU A 33 -24.74 20.56 5.91
C GLU A 33 -26.01 20.99 6.63
N LEU A 34 -27.09 20.21 6.47
CA LEU A 34 -28.35 20.57 7.11
C LEU A 34 -28.27 20.34 8.62
N ILE A 35 -27.64 19.24 9.05
CA ILE A 35 -27.46 19.00 10.48
C ILE A 35 -26.56 20.06 11.09
N SER A 36 -25.49 20.42 10.38
CA SER A 36 -24.59 21.48 10.86
C SER A 36 -25.34 22.80 11.00
N ASN A 37 -26.17 23.14 10.01
CA ASN A 37 -26.98 24.36 10.11
C ASN A 37 -27.95 24.28 11.27
N ALA A 38 -28.55 23.10 11.49
CA ALA A 38 -29.41 22.92 12.66
C ALA A 38 -28.62 23.06 13.96
N SER A 39 -27.39 22.54 13.97
CA SER A 39 -26.54 22.70 15.15
C SER A 39 -26.21 24.16 15.39
N ASP A 40 -25.92 24.92 14.33
CA ASP A 40 -25.65 26.34 14.47
C ASP A 40 -26.86 27.09 14.99
N ALA A 41 -28.06 26.73 14.51
CA ALA A 41 -29.27 27.35 15.01
C ALA A 41 -29.48 27.04 16.49
N LEU A 42 -29.19 25.81 16.91
CA LEU A 42 -29.31 25.45 18.31
C LEU A 42 -28.24 26.11 19.17
N ASP A 43 -27.19 26.65 18.56
CA ASP A 43 -26.17 27.39 19.31
C ASP A 43 -26.50 28.87 19.44
N LYS A 44 -27.42 29.39 18.64
CA LYS A 44 -27.83 30.78 18.75
C LYS A 44 -28.87 30.97 19.85
N ILE A 45 -29.89 30.11 19.87
CA ILE A 45 -30.92 30.20 20.90
C ILE A 45 -30.34 29.84 22.26
N ARG A 46 -29.38 28.90 22.31
CA ARG A 46 -28.76 28.56 23.58
C ARG A 46 -27.92 29.71 24.12
N TYR A 47 -27.25 30.46 23.22
CA TYR A 47 -26.50 31.63 23.65
C TYR A 47 -27.43 32.71 24.20
N GLN A 48 -28.60 32.88 23.58
CA GLN A 48 -29.57 33.85 24.09
C GLN A 48 -30.16 33.41 25.42
N ALA A 49 -30.17 32.11 25.68
CA ALA A 49 -30.70 31.61 26.95
C ALA A 49 -29.83 32.02 28.14
N LEU A 50 -28.56 32.35 27.90
CA LEU A 50 -27.69 32.79 28.98
C LEU A 50 -28.05 34.17 29.50
N SER A 51 -28.76 34.97 28.70
CA SER A 51 -29.17 36.31 29.10
C SER A 51 -30.68 36.47 29.23
N ASP A 52 -31.47 35.80 28.39
CA ASP A 52 -32.92 35.89 28.44
C ASP A 52 -33.49 34.48 28.30
N PRO A 53 -33.93 33.86 29.39
CA PRO A 53 -34.50 32.51 29.29
C PRO A 53 -35.88 32.48 28.66
N LYS A 54 -36.54 33.62 28.49
CA LYS A 54 -37.87 33.63 27.89
C LYS A 54 -37.84 33.18 26.44
N GLN A 55 -36.72 33.39 25.74
CA GLN A 55 -36.61 32.95 24.36
C GLN A 55 -36.53 31.44 24.22
N LEU A 56 -36.12 30.74 25.28
CA LEU A 56 -35.98 29.29 25.25
C LEU A 56 -37.21 28.56 25.77
N GLU A 57 -38.02 29.21 26.61
CA GLU A 57 -39.19 28.55 27.19
C GLU A 57 -40.26 28.22 26.14
N THR A 58 -40.18 28.83 24.95
CA THR A 58 -41.13 28.49 23.90
C THR A 58 -40.94 27.05 23.44
N GLU A 59 -39.68 26.61 23.30
CA GLU A 59 -39.36 25.24 22.94
C GLU A 59 -38.12 24.82 23.73
N PRO A 60 -38.30 24.39 24.98
CA PRO A 60 -37.12 24.07 25.81
C PRO A 60 -36.35 22.87 25.31
N ASP A 61 -37.01 21.88 24.73
CA ASP A 61 -36.33 20.67 24.28
C ASP A 61 -35.49 20.99 23.04
N LEU A 62 -34.17 20.89 23.18
CA LEU A 62 -33.23 21.12 22.08
C LEU A 62 -32.90 19.77 21.44
N PHE A 63 -33.31 19.58 20.20
CA PHE A 63 -33.11 18.32 19.51
C PHE A 63 -33.16 18.56 18.01
N ILE A 64 -32.76 17.55 17.25
CA ILE A 64 -32.82 17.55 15.79
C ILE A 64 -33.60 16.32 15.37
N ARG A 65 -34.78 16.52 14.81
CA ARG A 65 -35.66 15.42 14.44
C ARG A 65 -35.65 15.23 12.93
N ILE A 66 -35.45 13.98 12.50
CA ILE A 66 -35.45 13.62 11.09
C ILE A 66 -36.61 12.66 10.85
N THR A 67 -37.51 13.04 9.94
CA THR A 67 -38.73 12.26 9.68
C THR A 67 -38.76 11.84 8.21
N PRO A 68 -38.40 10.59 7.90
CA PRO A 68 -38.55 10.10 6.53
C PRO A 68 -39.99 9.67 6.26
N LYS A 69 -40.48 10.02 5.07
CA LYS A 69 -41.84 9.72 4.66
C LYS A 69 -41.83 9.04 3.30
N PRO A 70 -41.87 7.70 3.26
CA PRO A 70 -41.90 7.02 1.95
C PRO A 70 -43.23 7.18 1.23
N GLU A 71 -44.32 7.41 1.96
CA GLU A 71 -45.62 7.60 1.33
C GLU A 71 -45.75 8.95 0.64
N GLU A 72 -44.84 9.88 0.90
CA GLU A 72 -44.86 11.19 0.27
C GLU A 72 -43.55 11.57 -0.40
N LYS A 73 -42.49 10.77 -0.23
CA LYS A 73 -41.18 11.06 -0.81
C LYS A 73 -40.64 12.41 -0.33
N VAL A 74 -40.84 12.69 0.96
CA VAL A 74 -40.39 13.93 1.58
C VAL A 74 -39.57 13.60 2.81
N LEU A 75 -38.36 14.14 2.89
CA LEU A 75 -37.48 13.96 4.03
C LEU A 75 -37.50 15.23 4.86
N GLU A 76 -38.14 15.16 6.02
CA GLU A 76 -38.28 16.32 6.91
C GLU A 76 -37.18 16.30 7.96
N ILE A 77 -36.58 17.46 8.19
CA ILE A 77 -35.54 17.63 9.20
C ILE A 77 -35.97 18.79 10.09
N ARG A 78 -36.41 18.48 11.31
CA ARG A 78 -36.91 19.49 12.23
C ARG A 78 -35.85 19.80 13.29
N ASP A 79 -35.73 21.08 13.61
CA ASP A 79 -34.81 21.54 14.64
C ASP A 79 -35.49 22.62 15.46
N SER A 80 -35.09 22.72 16.73
CA SER A 80 -35.67 23.67 17.67
C SER A 80 -34.73 24.86 17.92
N GLY A 81 -34.02 25.30 16.90
CA GLY A 81 -33.07 26.39 17.04
C GLY A 81 -33.71 27.76 17.21
N ILE A 82 -32.96 28.81 16.89
CA ILE A 82 -33.48 30.16 17.05
C ILE A 82 -34.53 30.47 15.99
N GLY A 83 -34.44 29.82 14.83
CA GLY A 83 -35.35 30.09 13.74
C GLY A 83 -34.92 31.29 12.92
N MET A 84 -35.61 31.47 11.78
CA MET A 84 -35.32 32.55 10.85
C MET A 84 -36.57 33.40 10.65
N THR A 85 -36.40 34.72 10.68
CA THR A 85 -37.49 35.64 10.47
C THR A 85 -37.76 35.80 8.97
N LYS A 86 -38.75 36.63 8.64
CA LYS A 86 -39.05 36.89 7.24
C LYS A 86 -37.90 37.61 6.55
N ALA A 87 -37.28 38.57 7.24
CA ALA A 87 -36.13 39.27 6.67
C ALA A 87 -34.92 38.36 6.55
N GLU A 88 -34.77 37.39 7.45
CA GLU A 88 -33.63 36.49 7.39
C GLU A 88 -33.80 35.42 6.32
N LEU A 89 -35.03 35.01 6.03
CA LEU A 89 -35.25 34.00 4.99
C LEU A 89 -34.94 34.56 3.60
N ILE A 90 -35.13 35.86 3.40
CA ILE A 90 -34.86 36.47 2.10
C ILE A 90 -33.44 37.02 1.99
N ASN A 91 -32.74 37.21 3.10
CA ASN A 91 -31.38 37.74 3.10
C ASN A 91 -30.34 36.68 3.41
N ASN A 92 -30.52 35.91 4.48
CA ASN A 92 -29.53 34.89 4.83
C ASN A 92 -29.72 33.63 4.00
N LEU A 93 -30.97 33.22 3.75
CA LEU A 93 -31.24 32.00 3.03
C LEU A 93 -31.44 32.20 1.54
N GLY A 94 -31.71 33.44 1.11
CA GLY A 94 -31.99 33.71 -0.29
C GLY A 94 -30.82 34.28 -1.06
N THR A 95 -29.75 34.64 -0.36
CA THR A 95 -28.56 35.23 -0.98
C THR A 95 -27.41 34.24 -0.93
N ILE A 96 -26.79 33.99 -2.09
CA ILE A 96 -25.67 33.08 -2.17
C ILE A 96 -24.47 33.69 -1.45
N ALA A 97 -23.70 32.82 -0.77
CA ALA A 97 -22.50 33.19 -0.03
C ALA A 97 -22.79 34.12 1.15
N LYS A 98 -24.05 34.28 1.53
CA LYS A 98 -24.44 35.06 2.69
C LYS A 98 -24.61 34.10 3.87
N SER A 99 -23.70 34.19 4.84
CA SER A 99 -23.68 33.29 5.98
C SER A 99 -24.05 34.09 7.24
N GLY A 100 -25.33 33.99 7.62
CA GLY A 100 -25.78 34.63 8.86
C GLY A 100 -25.17 34.03 10.11
N THR A 101 -24.72 32.77 10.03
CA THR A 101 -24.06 32.15 11.18
C THR A 101 -22.71 32.79 11.46
N LYS A 102 -21.95 33.10 10.40
CA LYS A 102 -20.66 33.76 10.59
C LYS A 102 -20.84 35.18 11.11
N ALA A 103 -21.90 35.86 10.67
CA ALA A 103 -22.18 37.20 11.17
C ALA A 103 -22.54 37.17 12.65
N PHE A 104 -23.22 36.12 13.11
CA PHE A 104 -23.52 35.99 14.53
C PHE A 104 -22.27 35.73 15.35
N MET A 105 -21.29 35.02 14.77
CA MET A 105 -20.04 34.78 15.48
C MET A 105 -19.25 36.06 15.69
N GLU A 106 -19.23 36.93 14.66
CA GLU A 106 -18.50 38.19 14.77
C GLU A 106 -19.18 39.16 15.72
N ALA A 107 -20.48 38.97 16.01
CA ALA A 107 -21.21 39.82 16.92
C ALA A 107 -21.17 39.34 18.36
N LEU A 108 -20.46 38.26 18.65
CA LEU A 108 -20.37 37.74 20.00
C LEU A 108 -19.50 38.64 20.86
N SER A 109 -19.79 38.66 22.16
CA SER A 109 -19.02 39.46 23.09
C SER A 109 -17.65 38.82 23.36
N ALA A 110 -16.76 39.61 23.95
CA ALA A 110 -15.42 39.13 24.26
C ALA A 110 -15.49 38.11 25.39
N GLY A 111 -15.03 36.88 25.12
CA GLY A 111 -15.04 35.82 26.09
C GLY A 111 -16.13 34.78 25.91
N ALA A 112 -16.78 34.74 24.76
CA ALA A 112 -17.83 33.76 24.53
C ALA A 112 -17.25 32.36 24.38
N ASP A 113 -18.10 31.36 24.58
CA ASP A 113 -17.71 29.96 24.48
C ASP A 113 -18.63 29.20 23.54
N VAL A 114 -19.12 29.86 22.48
CA VAL A 114 -20.04 29.26 21.52
C VAL A 114 -19.36 29.30 20.17
N SER A 115 -18.85 28.15 19.73
CA SER A 115 -18.21 28.01 18.43
C SER A 115 -19.18 27.38 17.44
N MET A 116 -19.30 27.99 16.27
CA MET A 116 -20.21 27.52 15.24
C MET A 116 -19.44 27.13 13.99
N ILE A 117 -20.10 26.37 13.12
CA ILE A 117 -19.47 25.82 11.93
C ILE A 117 -19.79 26.65 10.70
N GLY A 118 -21.00 27.18 10.59
CA GLY A 118 -21.41 27.94 9.43
C GLY A 118 -20.59 29.20 9.21
N GLN A 119 -19.75 29.18 8.17
CA GLN A 119 -18.91 30.34 7.84
C GLN A 119 -18.86 30.68 6.36
N PHE A 120 -19.33 29.81 5.46
CA PHE A 120 -19.25 30.08 4.03
C PHE A 120 -20.54 30.71 3.50
N GLY A 121 -21.67 30.02 3.65
CA GLY A 121 -22.94 30.51 3.19
C GLY A 121 -23.49 29.85 1.94
N VAL A 122 -22.94 28.71 1.52
CA VAL A 122 -23.41 28.01 0.34
C VAL A 122 -23.72 26.56 0.70
N GLY A 123 -23.60 26.23 1.99
CA GLY A 123 -23.87 24.87 2.43
C GLY A 123 -25.33 24.48 2.35
N PHE A 124 -26.23 25.46 2.48
CA PHE A 124 -27.66 25.16 2.41
C PHE A 124 -28.05 24.65 1.03
N TYR A 125 -27.46 25.22 -0.02
CA TYR A 125 -27.81 24.84 -1.39
C TYR A 125 -27.40 23.42 -1.74
N SER A 126 -26.65 22.74 -0.87
CA SER A 126 -26.21 21.37 -1.17
C SER A 126 -27.36 20.37 -1.13
N LEU A 127 -28.49 20.73 -0.52
CA LEU A 127 -29.60 19.78 -0.40
C LEU A 127 -30.24 19.45 -1.75
N PHE A 128 -30.07 20.31 -2.75
CA PHE A 128 -30.68 20.09 -4.06
C PHE A 128 -29.97 19.01 -4.87
N LEU A 129 -28.90 18.42 -4.35
CA LEU A 129 -28.25 17.32 -5.06
C LEU A 129 -29.14 16.08 -5.12
N VAL A 130 -29.98 15.88 -4.11
CA VAL A 130 -30.87 14.73 -4.04
C VAL A 130 -32.33 15.11 -4.07
N ALA A 131 -32.65 16.41 -4.04
CA ALA A 131 -34.03 16.87 -4.04
C ALA A 131 -34.24 17.85 -5.20
N ASP A 132 -35.49 17.93 -5.66
CA ASP A 132 -35.86 18.85 -6.73
C ASP A 132 -36.36 20.19 -6.17
N ARG A 133 -37.26 20.14 -5.20
CA ARG A 133 -37.79 21.34 -4.56
C ARG A 133 -37.74 21.18 -3.05
N VAL A 134 -37.51 22.29 -2.36
CA VAL A 134 -37.41 22.32 -0.91
C VAL A 134 -38.53 23.20 -0.37
N GLN A 135 -39.02 22.85 0.83
CA GLN A 135 -40.07 23.60 1.51
C GLN A 135 -39.58 23.84 2.94
N VAL A 136 -38.94 24.98 3.16
CA VAL A 136 -38.38 25.34 4.46
C VAL A 136 -39.43 26.06 5.28
N ILE A 137 -39.79 25.48 6.42
CA ILE A 137 -40.77 26.06 7.33
C ILE A 137 -40.01 26.59 8.53
N SER A 138 -40.01 27.90 8.70
CA SER A 138 -39.28 28.57 9.78
C SER A 138 -40.24 29.27 10.72
N LYS A 139 -39.79 29.47 11.95
CA LYS A 139 -40.60 30.15 12.97
C LYS A 139 -39.66 30.72 14.02
N ASN A 140 -39.64 32.04 14.14
CA ASN A 140 -38.79 32.72 15.11
C ASN A 140 -39.67 33.37 16.19
N ASN A 141 -39.02 33.76 17.30
CA ASN A 141 -39.74 34.36 18.41
C ASN A 141 -40.20 35.77 18.09
N GLU A 142 -39.40 36.53 17.33
CA GLU A 142 -39.71 37.92 17.00
C GLU A 142 -40.35 38.06 15.63
N ASP A 143 -40.93 36.99 15.10
CA ASP A 143 -41.60 37.02 13.80
C ASP A 143 -42.63 35.91 13.76
N GLU A 144 -43.32 35.79 12.63
CA GLU A 144 -44.34 34.79 12.42
C GLU A 144 -43.76 33.58 11.69
N GLN A 145 -44.61 32.58 11.48
CA GLN A 145 -44.21 31.36 10.79
C GLN A 145 -44.39 31.54 9.29
N TYR A 146 -43.31 31.31 8.53
CA TYR A 146 -43.32 31.50 7.09
C TYR A 146 -42.84 30.23 6.41
N ILE A 147 -43.04 30.19 5.09
CA ILE A 147 -42.64 29.06 4.25
C ILE A 147 -41.64 29.57 3.22
N TRP A 148 -40.53 28.84 3.07
CA TRP A 148 -39.50 29.16 2.08
C TRP A 148 -39.45 28.01 1.08
N GLU A 149 -40.10 28.19 -0.07
CA GLU A 149 -40.20 27.16 -1.10
C GLU A 149 -39.38 27.57 -2.31
N SER A 150 -38.57 26.64 -2.81
CA SER A 150 -37.75 26.89 -3.99
C SER A 150 -37.46 25.57 -4.67
N ASN A 151 -37.58 25.55 -6.00
CA ASN A 151 -37.36 24.35 -6.80
C ASN A 151 -36.00 24.37 -7.49
N ALA A 152 -34.98 24.96 -6.86
CA ALA A 152 -33.63 25.05 -7.40
C ALA A 152 -33.60 25.73 -8.77
N GLY A 153 -34.48 26.71 -8.95
CA GLY A 153 -34.54 27.43 -10.21
C GLY A 153 -33.78 28.75 -10.18
N GLY A 154 -34.49 29.85 -10.31
CA GLY A 154 -33.87 31.16 -10.28
C GLY A 154 -34.44 32.07 -9.21
N SER A 155 -35.64 31.76 -8.74
CA SER A 155 -36.31 32.56 -7.71
C SER A 155 -36.91 31.65 -6.66
N PHE A 156 -37.22 32.24 -5.50
CA PHE A 156 -37.83 31.52 -4.40
C PHE A 156 -39.07 32.29 -3.93
N THR A 157 -40.00 31.56 -3.33
CA THR A 157 -41.27 32.12 -2.88
C THR A 157 -41.33 32.06 -1.36
N VAL A 158 -41.67 33.20 -0.75
CA VAL A 158 -41.84 33.30 0.70
C VAL A 158 -43.31 33.58 0.98
N THR A 159 -43.96 32.66 1.69
CA THR A 159 -45.39 32.75 1.97
C THR A 159 -45.64 32.54 3.45
N LEU A 160 -46.58 33.32 4.01
CA LEU A 160 -46.96 33.15 5.40
C LEU A 160 -47.58 31.79 5.61
N ASP A 161 -47.01 31.02 6.54
CA ASP A 161 -47.46 29.65 6.80
C ASP A 161 -48.85 29.69 7.44
N GLU A 162 -49.85 29.17 6.71
CA GLU A 162 -51.21 29.11 7.21
C GLU A 162 -51.84 27.73 7.02
N VAL A 163 -51.08 26.75 6.56
CA VAL A 163 -51.62 25.41 6.33
C VAL A 163 -50.86 24.33 7.08
N ASN A 164 -49.61 24.55 7.47
CA ASN A 164 -48.82 23.54 8.15
C ASN A 164 -49.07 23.60 9.65
N GLU A 165 -48.42 22.71 10.40
CA GLU A 165 -48.58 22.65 11.84
C GLU A 165 -47.94 23.87 12.50
N ARG A 166 -48.48 24.26 13.65
CA ARG A 166 -47.99 25.40 14.42
C ARG A 166 -46.85 24.92 15.32
N ILE A 167 -45.63 25.31 14.99
CA ILE A 167 -44.45 24.95 15.76
C ILE A 167 -44.10 26.10 16.71
N GLY A 168 -43.49 25.76 17.83
CA GLY A 168 -43.11 26.75 18.81
C GLY A 168 -41.95 27.62 18.35
N ARG A 169 -40.80 27.00 18.08
CA ARG A 169 -39.62 27.72 17.63
C ARG A 169 -38.68 26.74 16.94
N GLY A 170 -38.03 27.21 15.88
CA GLY A 170 -37.07 26.42 15.14
C GLY A 170 -37.29 26.56 13.65
N THR A 171 -36.82 25.57 12.90
CA THR A 171 -36.93 25.57 11.45
C THR A 171 -37.16 24.14 10.98
N VAL A 172 -38.14 23.97 10.08
CA VAL A 172 -38.47 22.68 9.50
C VAL A 172 -38.13 22.72 8.02
N LEU A 173 -37.42 21.70 7.55
CA LEU A 173 -36.99 21.61 6.16
C LEU A 173 -37.62 20.38 5.52
N ARG A 174 -38.50 20.59 4.54
CA ARG A 174 -39.14 19.51 3.82
C ARG A 174 -38.47 19.37 2.46
N LEU A 175 -37.72 18.28 2.28
CA LEU A 175 -36.96 18.03 1.06
C LEU A 175 -37.72 17.04 0.20
N PHE A 176 -38.18 17.48 -0.97
CA PHE A 176 -38.84 16.61 -1.94
C PHE A 176 -37.76 15.92 -2.75
N LEU A 177 -37.34 14.74 -2.28
CA LEU A 177 -36.24 14.03 -2.92
C LEU A 177 -36.64 13.57 -4.32
N LYS A 178 -35.62 13.35 -5.15
CA LYS A 178 -35.84 12.93 -6.52
C LYS A 178 -36.35 11.48 -6.56
N ASP A 179 -36.84 11.09 -7.73
CA ASP A 179 -37.33 9.72 -7.90
C ASP A 179 -36.19 8.71 -7.86
N ASP A 180 -34.99 9.11 -8.26
CA ASP A 180 -33.83 8.23 -8.24
C ASP A 180 -33.00 8.39 -6.96
N GLN A 181 -33.34 9.35 -6.11
CA GLN A 181 -32.65 9.56 -4.84
C GLN A 181 -33.48 9.12 -3.65
N LEU A 182 -34.43 8.21 -3.86
CA LEU A 182 -35.28 7.73 -2.77
C LEU A 182 -34.53 6.85 -1.77
N GLU A 183 -33.25 6.55 -2.02
CA GLU A 183 -32.48 5.72 -1.09
C GLU A 183 -32.27 6.43 0.24
N TYR A 184 -32.27 7.77 0.25
CA TYR A 184 -32.07 8.53 1.47
C TYR A 184 -33.31 8.56 2.36
N LEU A 185 -34.38 7.87 1.98
CA LEU A 185 -35.57 7.74 2.82
C LEU A 185 -35.56 6.47 3.66
N GLU A 186 -34.57 5.60 3.47
CA GLU A 186 -34.49 4.35 4.21
C GLU A 186 -33.76 4.55 5.53
N GLU A 187 -33.95 3.59 6.44
CA GLU A 187 -33.33 3.69 7.75
C GLU A 187 -31.82 3.47 7.67
N LYS A 188 -31.36 2.60 6.77
CA LYS A 188 -29.95 2.27 6.70
C LYS A 188 -29.13 3.46 6.19
N ARG A 189 -29.60 4.11 5.12
CA ARG A 189 -28.84 5.19 4.53
C ARG A 189 -28.78 6.41 5.44
N ILE A 190 -29.87 6.69 6.17
CA ILE A 190 -29.87 7.84 7.07
C ILE A 190 -28.91 7.62 8.23
N LYS A 191 -28.90 6.42 8.81
CA LYS A 191 -27.99 6.13 9.91
C LYS A 191 -26.54 6.11 9.44
N GLU A 192 -26.31 5.77 8.16
CA GLU A 192 -24.94 5.70 7.66
C GLU A 192 -24.31 7.09 7.57
N VAL A 193 -25.08 8.08 7.09
CA VAL A 193 -24.52 9.41 6.92
C VAL A 193 -24.26 10.06 8.27
N ILE A 194 -25.16 9.88 9.23
CA ILE A 194 -24.96 10.45 10.56
C ILE A 194 -23.78 9.78 11.26
N LYS A 195 -23.66 8.46 11.12
CA LYS A 195 -22.51 7.76 11.70
C LYS A 195 -21.20 8.22 11.05
N ARG A 196 -21.27 8.71 9.81
CA ARG A 196 -20.08 9.11 9.06
C ARG A 196 -19.72 10.58 9.26
N HIS A 197 -20.72 11.46 9.29
CA HIS A 197 -20.48 12.90 9.30
C HIS A 197 -20.99 13.62 10.54
N SER A 198 -22.11 13.18 11.12
CA SER A 198 -22.69 13.90 12.25
C SER A 198 -22.82 13.00 13.47
N GLU A 199 -21.76 12.27 13.79
CA GLU A 199 -21.81 11.31 14.89
C GLU A 199 -21.64 11.98 16.26
N PHE A 200 -20.90 13.08 16.31
CA PHE A 200 -20.57 13.74 17.57
C PHE A 200 -21.19 15.14 17.65
N VAL A 201 -22.46 15.24 17.27
CA VAL A 201 -23.17 16.50 17.40
C VAL A 201 -23.52 16.74 18.87
N ALA A 202 -23.35 17.99 19.31
CA ALA A 202 -23.62 18.33 20.70
C ALA A 202 -25.09 18.25 21.07
N TYR A 203 -25.99 18.11 20.09
CA TYR A 203 -27.41 18.02 20.35
C TYR A 203 -27.96 16.69 19.85
N PRO A 204 -28.93 16.11 20.56
CA PRO A 204 -29.41 14.77 20.19
C PRO A 204 -30.15 14.80 18.85
N ILE A 205 -29.75 13.90 17.96
CA ILE A 205 -30.37 13.77 16.64
C ILE A 205 -31.40 12.65 16.72
N GLN A 206 -32.66 12.98 16.46
CA GLN A 206 -33.76 12.03 16.56
C GLN A 206 -34.18 11.59 15.16
N LEU A 207 -34.38 10.29 14.98
CA LEU A 207 -34.82 9.71 13.72
C LEU A 207 -36.11 8.93 13.97
N LEU A 208 -37.15 9.25 13.21
CA LEU A 208 -38.44 8.58 13.35
C LEU A 208 -38.38 7.26 12.60
N VAL A 209 -38.21 6.17 13.33
CA VAL A 209 -38.11 4.83 12.76
C VAL A 209 -39.44 4.12 12.96
N THR A 210 -39.99 3.57 11.88
CA THR A 210 -41.25 2.84 11.93
C THR A 210 -40.98 1.38 12.28
N LYS A 211 -41.91 0.79 13.02
CA LYS A 211 -41.77 -0.61 13.45
C LYS A 211 -42.84 -1.48 12.82
N VAL A 260 -46.44 1.65 14.35
CA VAL A 260 -45.56 1.87 15.49
C VAL A 260 -44.32 2.65 15.06
N GLN A 261 -44.24 3.91 15.49
CA GLN A 261 -43.12 4.78 15.14
C GLN A 261 -42.36 5.13 16.42
N GLU A 262 -41.03 5.01 16.35
CA GLU A 262 -40.17 5.29 17.50
C GLU A 262 -39.13 6.34 17.12
N LEU A 263 -38.54 6.95 18.15
CA LEU A 263 -37.52 7.98 17.97
C LEU A 263 -36.15 7.38 18.28
N GLU A 264 -35.28 7.35 17.28
CA GLU A 264 -33.95 6.77 17.40
C GLU A 264 -32.91 7.87 17.56
N GLU A 265 -32.11 7.77 18.61
CA GLU A 265 -31.02 8.72 18.86
C GLU A 265 -29.77 8.23 18.14
N LEU A 266 -29.31 9.01 17.16
CA LEU A 266 -28.19 8.62 16.32
C LEU A 266 -26.85 9.14 16.81
N ASN A 267 -26.83 9.96 17.86
CA ASN A 267 -25.60 10.55 18.39
C ASN A 267 -25.54 10.37 19.90
N LYS A 268 -25.82 9.15 20.36
CA LYS A 268 -25.74 8.85 21.79
C LYS A 268 -24.33 9.05 22.34
N THR A 269 -23.31 8.76 21.53
CA THR A 269 -21.94 8.92 21.97
C THR A 269 -21.53 10.38 21.86
N LYS A 270 -21.00 10.93 22.96
CA LYS A 270 -20.56 12.32 22.96
C LYS A 270 -19.05 12.41 22.78
N PRO A 271 -18.57 13.45 22.10
CA PRO A 271 -17.12 13.59 21.91
C PRO A 271 -16.41 13.92 23.21
N LEU A 272 -15.26 13.29 23.42
CA LEU A 272 -14.49 13.47 24.64
C LEU A 272 -13.39 14.51 24.53
N TRP A 273 -13.17 15.08 23.33
CA TRP A 273 -12.11 16.08 23.18
C TRP A 273 -12.49 17.43 23.76
N THR A 274 -13.76 17.64 24.12
CA THR A 274 -14.18 18.88 24.75
C THR A 274 -13.93 18.89 26.26
N ARG A 275 -13.50 17.77 26.83
CA ARG A 275 -13.23 17.66 28.26
C ARG A 275 -11.74 17.42 28.48
N ASN A 276 -11.31 17.60 29.72
CA ASN A 276 -9.93 17.36 30.07
C ASN A 276 -9.67 15.86 30.20
N PRO A 277 -8.47 15.40 29.86
CA PRO A 277 -8.17 13.96 29.95
C PRO A 277 -8.17 13.42 31.37
N SER A 278 -8.16 14.28 32.39
CA SER A 278 -8.14 13.80 33.76
C SER A 278 -9.52 13.36 34.23
N ASP A 279 -10.57 14.11 33.89
CA ASP A 279 -11.91 13.78 34.32
C ASP A 279 -12.52 12.61 33.56
N ILE A 280 -11.92 12.20 32.44
CA ILE A 280 -12.45 11.10 31.64
C ILE A 280 -11.96 9.78 32.22
N THR A 281 -12.88 8.86 32.45
CA THR A 281 -12.56 7.56 33.02
C THR A 281 -12.11 6.61 31.91
N GLN A 282 -11.95 5.33 32.25
CA GLN A 282 -11.50 4.35 31.27
C GLN A 282 -12.64 3.84 30.41
N GLU A 283 -13.81 3.61 31.00
CA GLU A 283 -14.96 3.11 30.23
C GLU A 283 -15.44 4.14 29.21
N GLU A 284 -15.23 5.43 29.48
CA GLU A 284 -15.60 6.45 28.51
C GLU A 284 -14.70 6.40 27.28
N TYR A 285 -13.40 6.15 27.50
CA TYR A 285 -12.49 5.99 26.37
C TYR A 285 -12.78 4.72 25.59
N ASN A 286 -13.23 3.67 26.27
CA ASN A 286 -13.57 2.43 25.56
C ASN A 286 -14.78 2.61 24.67
N ALA A 287 -15.82 3.30 25.17
CA ALA A 287 -17.00 3.56 24.34
C ALA A 287 -16.68 4.52 23.20
N PHE A 288 -15.77 5.47 23.41
CA PHE A 288 -15.38 6.38 22.35
C PHE A 288 -14.61 5.66 21.26
N TYR A 289 -13.75 4.71 21.64
CA TYR A 289 -13.01 3.95 20.64
C TYR A 289 -13.93 3.05 19.83
N LYS A 290 -14.93 2.45 20.48
CA LYS A 290 -15.89 1.61 19.78
C LYS A 290 -16.82 2.39 18.88
N SER A 291 -16.88 3.72 19.04
CA SER A 291 -17.72 4.56 18.19
C SER A 291 -16.97 5.10 16.98
N ILE A 292 -15.70 5.48 17.15
CA ILE A 292 -14.93 5.99 16.03
C ILE A 292 -14.48 4.86 15.12
N SER A 293 -14.31 3.65 15.66
CA SER A 293 -13.86 2.51 14.88
C SER A 293 -14.82 1.34 15.09
N ASN A 294 -14.86 0.45 14.11
CA ASN A 294 -15.72 -0.72 14.14
C ASN A 294 -15.15 -1.86 14.99
N ASP A 295 -14.07 -1.62 15.73
CA ASP A 295 -13.47 -2.66 16.54
C ASP A 295 -14.36 -3.02 17.72
N TRP A 296 -14.30 -4.28 18.12
CA TRP A 296 -15.10 -4.80 19.23
C TRP A 296 -14.38 -4.79 20.57
N GLU A 297 -13.05 -4.84 20.56
CA GLU A 297 -12.28 -4.90 21.79
C GLU A 297 -11.98 -3.51 22.33
N ASP A 298 -11.65 -3.45 23.61
CA ASP A 298 -11.30 -2.19 24.24
C ASP A 298 -9.92 -1.74 23.79
N PRO A 299 -9.66 -0.43 23.74
CA PRO A 299 -8.33 0.05 23.37
C PRO A 299 -7.32 -0.26 24.47
N LEU A 300 -6.14 -0.71 24.04
CA LEU A 300 -5.10 -1.07 24.99
C LEU A 300 -4.57 0.16 25.73
N TYR A 301 -4.37 1.26 25.01
CA TYR A 301 -3.87 2.49 25.61
C TYR A 301 -4.52 3.68 24.91
N VAL A 302 -4.67 4.77 25.66
CA VAL A 302 -5.28 5.99 25.17
C VAL A 302 -4.37 7.16 25.51
N LYS A 303 -4.13 8.02 24.52
CA LYS A 303 -3.26 9.19 24.70
C LYS A 303 -4.06 10.43 24.28
N HIS A 304 -4.54 11.19 25.25
CA HIS A 304 -5.31 12.41 25.02
C HIS A 304 -4.45 13.60 25.44
N PHE A 305 -4.07 14.42 24.46
CA PHE A 305 -3.26 15.60 24.71
C PHE A 305 -3.91 16.80 24.01
N SER A 306 -3.40 17.98 24.34
CA SER A 306 -3.90 19.22 23.77
C SER A 306 -2.75 20.19 23.60
N VAL A 307 -2.67 20.83 22.42
CA VAL A 307 -1.63 21.80 22.11
C VAL A 307 -2.27 23.15 21.92
N GLU A 308 -1.62 24.20 22.40
CA GLU A 308 -2.11 25.56 22.29
C GLU A 308 -1.03 26.44 21.65
N GLY A 309 -1.40 27.69 21.38
CA GLY A 309 -0.48 28.64 20.80
C GLY A 309 -0.79 29.01 19.37
N GLN A 310 0.21 28.89 18.49
CA GLN A 310 0.01 29.26 17.09
C GLN A 310 -0.89 28.28 16.37
N LEU A 311 -0.98 27.03 16.85
CA LEU A 311 -1.81 26.01 16.23
C LEU A 311 -2.41 25.16 17.35
N GLU A 312 -3.73 25.26 17.52
CA GLU A 312 -4.44 24.53 18.56
C GLU A 312 -5.17 23.35 17.95
N PHE A 313 -5.07 22.19 18.61
CA PHE A 313 -5.76 20.99 18.17
C PHE A 313 -5.78 19.99 19.32
N ARG A 314 -6.91 19.30 19.48
CA ARG A 314 -7.10 18.30 20.51
C ARG A 314 -7.21 16.93 19.86
N ALA A 315 -6.26 16.05 20.16
CA ALA A 315 -6.19 14.73 19.55
C ALA A 315 -6.31 13.66 20.63
N ILE A 316 -7.21 12.70 20.40
CA ILE A 316 -7.37 11.54 21.28
C ILE A 316 -6.97 10.32 20.48
N LEU A 317 -5.83 9.73 20.81
CA LEU A 317 -5.27 8.62 20.07
C LEU A 317 -5.35 7.34 20.90
N PHE A 318 -5.89 6.28 20.29
CA PHE A 318 -6.07 5.00 20.95
C PHE A 318 -5.12 3.97 20.34
N ILE A 319 -4.74 2.99 21.16
CA ILE A 319 -3.89 1.89 20.74
C ILE A 319 -4.70 0.60 20.87
N PRO A 320 -4.96 -0.12 19.78
CA PRO A 320 -5.75 -1.35 19.87
C PRO A 320 -5.00 -2.45 20.59
N LYS A 321 -5.71 -3.56 20.80
CA LYS A 321 -5.10 -4.72 21.45
C LYS A 321 -4.23 -5.54 20.49
N ARG A 322 -4.60 -5.56 19.21
CA ARG A 322 -3.88 -6.33 18.20
C ARG A 322 -3.62 -5.48 16.98
N ALA A 323 -2.61 -5.87 16.21
CA ALA A 323 -2.26 -5.13 15.00
C ALA A 323 -3.33 -5.35 13.93
N PRO A 324 -3.88 -4.29 13.35
CA PRO A 324 -4.91 -4.44 12.30
C PRO A 324 -4.31 -4.79 10.95
N PHE A 325 -3.75 -5.99 10.87
CA PHE A 325 -3.13 -6.47 9.64
C PHE A 325 -4.05 -7.46 8.93
N ASN A 335 -6.18 5.37 6.08
CA ASN A 335 -5.85 6.05 7.33
C ASN A 335 -6.94 5.83 8.37
N ASN A 336 -6.53 5.69 9.63
CA ASN A 336 -7.45 5.49 10.74
C ASN A 336 -7.64 6.73 11.60
N ILE A 337 -6.84 7.77 11.39
CA ILE A 337 -6.92 9.00 12.18
C ILE A 337 -7.91 9.93 11.50
N LYS A 338 -9.04 10.18 12.15
CA LYS A 338 -10.06 11.07 11.61
C LYS A 338 -9.78 12.51 12.00
N LEU A 339 -10.26 13.43 11.17
CA LEU A 339 -10.07 14.86 11.37
C LEU A 339 -11.44 15.51 11.54
N TYR A 340 -11.62 16.24 12.65
CA TYR A 340 -12.86 16.92 12.96
C TYR A 340 -12.62 18.41 13.12
N VAL A 341 -13.61 19.21 12.73
CA VAL A 341 -13.57 20.66 12.85
C VAL A 341 -14.89 21.08 13.48
N ARG A 342 -14.87 21.37 14.79
CA ARG A 342 -16.03 21.84 15.54
C ARG A 342 -17.19 20.84 15.44
N ARG A 343 -16.92 19.63 15.94
CA ARG A 343 -17.93 18.56 16.03
C ARG A 343 -18.47 18.15 14.66
N VAL A 344 -17.66 18.32 13.61
CA VAL A 344 -18.07 18.00 12.24
C VAL A 344 -16.95 17.19 11.59
N PHE A 345 -17.29 16.01 11.08
CA PHE A 345 -16.31 15.17 10.39
C PHE A 345 -15.96 15.79 9.04
N ILE A 346 -14.67 15.86 8.74
CA ILE A 346 -14.21 16.47 7.50
C ILE A 346 -13.79 15.39 6.51
N THR A 347 -12.77 14.61 6.88
CA THR A 347 -12.23 13.58 5.99
C THR A 347 -11.34 12.67 6.81
N ASP A 348 -11.01 11.51 6.22
CA ASP A 348 -10.10 10.55 6.82
C ASP A 348 -9.02 10.11 5.84
N GLU A 349 -8.81 10.86 4.76
CA GLU A 349 -7.83 10.52 3.73
C GLU A 349 -6.57 11.39 3.82
N ALA A 350 -6.26 11.92 5.00
CA ALA A 350 -5.04 12.70 5.16
C ALA A 350 -3.82 11.82 4.91
N GLU A 351 -2.99 12.22 3.94
CA GLU A 351 -1.84 11.40 3.57
C GLU A 351 -0.68 11.61 4.55
N ASP A 352 -0.11 12.81 4.56
CA ASP A 352 1.03 13.10 5.43
C ASP A 352 0.58 13.56 6.82
N LEU A 353 -0.27 12.76 7.44
CA LEU A 353 -0.72 13.02 8.81
C LEU A 353 -0.06 12.08 9.83
N ILE A 354 0.18 10.83 9.44
CA ILE A 354 0.80 9.85 10.32
C ILE A 354 1.61 8.87 9.47
N PRO A 355 2.83 8.52 9.87
CA PRO A 355 3.66 7.63 9.04
C PRO A 355 3.03 6.25 8.87
N GLU A 356 3.53 5.53 7.87
CA GLU A 356 3.00 4.20 7.56
C GLU A 356 3.28 3.22 8.69
N TRP A 357 4.47 3.28 9.29
CA TRP A 357 4.80 2.38 10.39
C TRP A 357 4.01 2.68 11.65
N LEU A 358 3.42 3.87 11.76
CA LEU A 358 2.67 4.28 12.93
C LEU A 358 1.16 4.19 12.71
N SER A 359 0.72 3.77 11.53
CA SER A 359 -0.71 3.72 11.18
C SER A 359 -1.48 2.63 11.94
N PHE A 360 -0.87 1.94 12.90
CA PHE A 360 -1.59 0.92 13.66
C PHE A 360 -2.50 1.50 14.73
N VAL A 361 -2.29 2.76 15.11
CA VAL A 361 -3.12 3.40 16.11
C VAL A 361 -4.33 4.04 15.42
N LYS A 362 -5.35 4.34 16.21
CA LYS A 362 -6.56 4.98 15.74
C LYS A 362 -6.85 6.21 16.61
N GLY A 363 -7.94 6.89 16.31
CA GLY A 363 -8.36 8.05 17.06
C GLY A 363 -8.81 9.15 16.15
N VAL A 364 -9.05 10.32 16.74
CA VAL A 364 -9.54 11.50 16.02
C VAL A 364 -8.70 12.71 16.42
N VAL A 365 -8.72 13.72 15.56
CA VAL A 365 -7.98 14.96 15.76
C VAL A 365 -8.94 16.11 15.47
N ASP A 366 -9.29 16.87 16.50
CA ASP A 366 -10.17 18.03 16.36
C ASP A 366 -9.34 19.30 16.36
N SER A 367 -9.54 20.13 15.33
CA SER A 367 -8.83 21.39 15.20
C SER A 367 -9.76 22.43 14.59
N GLU A 368 -9.36 23.69 14.70
CA GLU A 368 -10.13 24.80 14.15
C GLU A 368 -9.36 25.66 13.17
N ASP A 369 -8.06 25.41 12.99
CA ASP A 369 -7.23 26.18 12.06
C ASP A 369 -6.99 25.46 10.74
N LEU A 370 -7.73 24.38 10.47
CA LEU A 370 -7.54 23.63 9.24
C LEU A 370 -8.13 24.41 8.07
N PRO A 371 -7.38 24.58 6.97
CA PRO A 371 -7.92 25.32 5.82
C PRO A 371 -8.94 24.50 5.05
N LEU A 372 -10.18 24.48 5.53
CA LEU A 372 -11.23 23.73 4.86
C LEU A 372 -11.57 24.35 3.51
N ASN A 373 -11.90 23.50 2.54
CA ASN A 373 -12.26 23.95 1.21
C ASN A 373 -13.76 24.25 1.18
N LEU A 374 -14.30 24.44 -0.03
CA LEU A 374 -15.72 24.78 -0.15
C LEU A 374 -16.62 23.60 0.21
N SER A 375 -16.20 22.38 -0.11
CA SER A 375 -17.00 21.20 0.16
C SER A 375 -16.71 20.56 1.51
N ARG A 376 -15.67 21.02 2.21
CA ARG A 376 -15.27 20.46 3.50
C ARG A 376 -14.97 18.97 3.41
N GLU A 377 -14.51 18.51 2.24
CA GLU A 377 -14.21 17.11 2.02
C GLU A 377 -12.71 16.83 2.00
N MET A 378 -11.87 17.85 1.92
CA MET A 378 -10.42 17.66 1.93
C MET A 378 -9.76 18.93 2.41
N LEU A 379 -8.48 18.80 2.78
CA LEU A 379 -7.69 19.92 3.26
C LEU A 379 -6.75 20.40 2.17
N GLN A 380 -6.68 21.72 2.00
CA GLN A 380 -5.78 22.30 1.01
C GLN A 380 -4.32 22.13 1.42
N GLN A 381 -3.44 22.24 0.44
CA GLN A 381 -2.01 22.13 0.70
C GLN A 381 -1.57 23.25 1.66
N ASN A 382 -0.99 22.85 2.78
CA ASN A 382 -0.59 23.80 3.81
C ASN A 382 0.69 23.30 4.47
N LYS A 383 1.14 24.06 5.47
CA LYS A 383 2.37 23.74 6.20
C LYS A 383 2.13 23.39 7.66
N ILE A 384 0.88 23.43 8.12
CA ILE A 384 0.58 23.15 9.52
C ILE A 384 0.31 21.67 9.78
N MET A 385 0.09 20.87 8.74
CA MET A 385 -0.16 19.44 8.95
C MET A 385 1.09 18.73 9.43
N LYS A 386 2.26 19.13 8.92
CA LYS A 386 3.51 18.52 9.39
C LYS A 386 3.80 18.90 10.83
N VAL A 387 3.28 20.03 11.30
CA VAL A 387 3.42 20.39 12.70
C VAL A 387 2.58 19.47 13.57
N ILE A 388 1.36 19.16 13.13
CA ILE A 388 0.52 18.20 13.85
C ILE A 388 1.13 16.81 13.78
N ARG A 389 1.76 16.47 12.65
CA ARG A 389 2.39 15.17 12.51
C ARG A 389 3.51 14.97 13.53
N LYS A 390 4.34 16.00 13.71
CA LYS A 390 5.42 15.90 14.69
C LYS A 390 4.86 15.78 16.11
N ASN A 391 3.80 16.51 16.42
CA ASN A 391 3.21 16.43 17.75
C ASN A 391 2.57 15.07 18.00
N ILE A 392 1.96 14.48 16.96
CA ILE A 392 1.37 13.16 17.10
C ILE A 392 2.46 12.12 17.36
N VAL A 393 3.56 12.20 16.60
CA VAL A 393 4.66 11.26 16.81
C VAL A 393 5.30 11.46 18.18
N LYS A 394 5.49 12.73 18.58
CA LYS A 394 6.10 12.99 19.88
C LYS A 394 5.24 12.46 21.03
N LYS A 395 3.92 12.69 20.95
CA LYS A 395 3.04 12.24 22.02
C LYS A 395 2.89 10.73 22.03
N LEU A 396 2.89 10.09 20.86
CA LEU A 396 2.77 8.64 20.80
C LEU A 396 4.05 7.95 21.30
N ILE A 397 5.20 8.53 20.98
CA ILE A 397 6.45 7.97 21.49
C ILE A 397 6.52 8.14 23.00
N GLU A 398 6.11 9.30 23.50
CA GLU A 398 6.02 9.48 24.95
C GLU A 398 4.99 8.55 25.56
N ALA A 399 3.88 8.30 24.85
CA ALA A 399 2.91 7.33 25.33
C ALA A 399 3.47 5.93 25.34
N PHE A 400 4.35 5.61 24.37
CA PHE A 400 5.00 4.31 24.36
C PHE A 400 5.92 4.14 25.56
N ASN A 401 6.57 5.23 25.97
CA ASN A 401 7.43 5.16 27.15
C ASN A 401 6.61 4.95 28.42
N GLU A 402 5.41 5.53 28.48
CA GLU A 402 4.54 5.32 29.63
C GLU A 402 4.08 3.86 29.71
N ILE A 403 3.88 3.23 28.56
CA ILE A 403 3.54 1.80 28.55
C ILE A 403 4.74 0.97 28.98
N ALA A 404 5.95 1.39 28.62
CA ALA A 404 7.15 0.66 29.02
C ALA A 404 7.41 0.72 30.52
N GLU A 405 6.82 1.70 31.21
CA GLU A 405 7.01 1.77 32.67
C GLU A 405 6.31 0.63 33.39
N ASP A 406 5.22 0.11 32.82
CA ASP A 406 4.50 -1.02 33.37
C ASP A 406 4.84 -2.26 32.55
N SER A 407 5.54 -3.21 33.17
CA SER A 407 5.95 -4.41 32.45
C SER A 407 4.75 -5.27 32.05
N GLU A 408 3.70 -5.27 32.86
CA GLU A 408 2.53 -6.09 32.56
C GLU A 408 1.78 -5.58 31.34
N GLN A 409 1.73 -4.27 31.16
CA GLN A 409 1.01 -3.70 30.01
C GLN A 409 1.87 -3.70 28.74
N PHE A 410 3.19 -3.53 28.89
CA PHE A 410 4.06 -3.48 27.72
C PHE A 410 4.20 -4.84 27.06
N ASP A 411 3.98 -5.92 27.82
CA ASP A 411 4.05 -7.26 27.25
C ASP A 411 2.96 -7.45 26.20
N LYS A 412 1.73 -7.03 26.51
CA LYS A 412 0.65 -7.11 25.54
C LYS A 412 0.86 -6.14 24.38
N PHE A 413 1.46 -4.98 24.65
CA PHE A 413 1.74 -4.02 23.59
C PHE A 413 2.81 -4.53 22.64
N TYR A 414 3.88 -5.12 23.20
CA TYR A 414 4.97 -5.60 22.35
C TYR A 414 4.59 -6.86 21.58
N SER A 415 3.80 -7.74 22.21
CA SER A 415 3.40 -8.98 21.57
C SER A 415 2.48 -8.74 20.37
N ALA A 416 1.96 -7.54 20.20
CA ALA A 416 1.08 -7.22 19.08
C ALA A 416 1.62 -6.15 18.14
N PHE A 417 2.53 -5.29 18.60
CA PHE A 417 3.05 -4.20 17.79
C PHE A 417 4.57 -4.21 17.75
N ALA A 418 5.18 -5.39 17.84
CA ALA A 418 6.64 -5.48 17.73
C ALA A 418 7.11 -5.12 16.33
N LYS A 419 6.42 -5.63 15.31
CA LYS A 419 6.79 -5.35 13.93
C LYS A 419 6.67 -3.87 13.60
N ASN A 420 5.69 -3.18 14.20
CA ASN A 420 5.50 -1.76 13.93
C ASN A 420 6.64 -0.93 14.52
N ILE A 421 7.09 -1.27 15.73
CA ILE A 421 8.19 -0.53 16.34
C ILE A 421 9.48 -0.77 15.58
N LYS A 422 9.74 -2.02 15.18
CA LYS A 422 10.94 -2.32 14.41
C LYS A 422 10.90 -1.67 13.03
N LEU A 423 9.71 -1.53 12.44
CA LEU A 423 9.60 -0.84 11.16
C LEU A 423 9.89 0.65 11.29
N GLY A 424 9.55 1.24 12.43
CA GLY A 424 9.86 2.65 12.65
C GLY A 424 11.35 2.92 12.73
N VAL A 425 12.10 2.02 13.36
CA VAL A 425 13.55 2.16 13.41
C VAL A 425 14.14 2.02 12.01
N HIS A 426 13.54 1.15 11.18
CA HIS A 426 14.06 0.97 9.82
C HIS A 426 13.69 2.13 8.92
N GLU A 427 12.49 2.70 9.09
CA GLU A 427 12.02 3.76 8.22
C GLU A 427 12.35 5.15 8.77
N ASP A 428 11.89 5.44 9.98
CA ASP A 428 12.07 6.77 10.55
C ASP A 428 13.50 6.95 11.05
N THR A 429 14.04 8.16 10.86
CA THR A 429 15.37 8.49 11.30
C THR A 429 15.42 9.60 12.35
N GLN A 430 14.40 10.46 12.41
CA GLN A 430 14.38 11.54 13.39
C GLN A 430 14.31 10.99 14.81
N ASN A 431 13.59 9.89 14.99
CA ASN A 431 13.43 9.26 16.30
C ASN A 431 13.90 7.81 16.27
N ARG A 432 15.00 7.56 15.56
CA ARG A 432 15.54 6.21 15.49
C ARG A 432 16.12 5.76 16.82
N ALA A 433 16.85 6.65 17.50
CA ALA A 433 17.40 6.31 18.80
C ALA A 433 16.32 6.25 19.87
N ALA A 434 15.24 7.02 19.70
CA ALA A 434 14.16 7.00 20.68
C ALA A 434 13.38 5.69 20.61
N LEU A 435 13.08 5.21 19.41
CA LEU A 435 12.35 3.96 19.26
C LEU A 435 13.21 2.75 19.60
N ALA A 436 14.54 2.92 19.68
CA ALA A 436 15.41 1.80 20.01
C ALA A 436 15.22 1.34 21.46
N LYS A 437 14.75 2.22 22.35
CA LYS A 437 14.49 1.84 23.73
C LYS A 437 13.32 0.88 23.88
N LEU A 438 12.51 0.70 22.83
CA LEU A 438 11.34 -0.16 22.88
C LEU A 438 11.62 -1.57 22.36
N LEU A 439 12.75 -1.79 21.70
CA LEU A 439 13.05 -3.09 21.14
C LEU A 439 13.35 -4.09 22.26
N ARG A 440 12.64 -5.22 22.24
CA ARG A 440 12.76 -6.25 23.26
C ARG A 440 13.00 -7.59 22.59
N TYR A 441 14.09 -8.26 22.97
CA TYR A 441 14.45 -9.54 22.36
C TYR A 441 14.96 -10.48 23.45
N ASN A 442 15.10 -11.75 23.07
CA ASN A 442 15.68 -12.75 23.95
C ASN A 442 17.19 -12.79 23.81
N SER A 443 17.85 -13.40 24.79
CA SER A 443 19.30 -13.49 24.79
C SER A 443 19.71 -14.77 25.50
N THR A 444 21.02 -15.01 25.57
CA THR A 444 21.53 -16.18 26.26
C THR A 444 21.34 -16.07 27.77
N LYS A 445 21.29 -14.85 28.30
CA LYS A 445 21.09 -14.61 29.72
C LYS A 445 19.65 -14.26 30.04
N SER A 446 18.77 -14.18 29.05
CA SER A 446 17.37 -13.80 29.21
C SER A 446 16.47 -14.77 28.46
N VAL A 447 16.71 -16.06 28.64
CA VAL A 447 15.94 -17.10 27.96
C VAL A 447 14.54 -17.20 28.55
N ASP A 448 14.27 -16.43 29.61
CA ASP A 448 12.98 -16.47 30.28
C ASP A 448 12.12 -15.24 30.05
N GLU A 449 12.71 -14.11 29.67
CA GLU A 449 11.95 -12.89 29.46
C GLU A 449 12.62 -12.06 28.37
N LEU A 450 11.83 -11.17 27.77
CA LEU A 450 12.33 -10.27 26.73
C LEU A 450 13.07 -9.12 27.39
N THR A 451 14.38 -9.05 27.19
CA THR A 451 15.20 -8.00 27.77
C THR A 451 15.28 -6.82 26.81
N SER A 452 15.55 -5.64 27.38
CA SER A 452 15.65 -4.42 26.60
C SER A 452 17.10 -4.15 26.21
N LEU A 453 17.27 -3.22 25.26
CA LEU A 453 18.61 -2.84 24.84
C LEU A 453 19.33 -2.05 25.93
N THR A 454 18.58 -1.34 26.77
CA THR A 454 19.20 -0.62 27.89
C THR A 454 19.77 -1.59 28.91
N ASP A 455 19.00 -2.63 29.27
CA ASP A 455 19.51 -3.64 30.19
C ASP A 455 20.65 -4.44 29.59
N TYR A 456 20.74 -4.51 28.27
CA TYR A 456 21.87 -5.19 27.63
C TYR A 456 23.17 -4.44 27.88
N VAL A 457 23.11 -3.11 27.94
CA VAL A 457 24.31 -2.32 28.21
C VAL A 457 24.70 -2.41 29.68
N THR A 458 23.72 -2.51 30.58
CA THR A 458 24.02 -2.61 32.01
C THR A 458 24.77 -3.90 32.33
N ARG A 459 24.42 -5.00 31.66
CA ARG A 459 25.10 -6.27 31.86
C ARG A 459 26.36 -6.40 31.03
N MET A 460 26.77 -5.36 30.31
CA MET A 460 27.98 -5.42 29.50
C MET A 460 29.20 -5.30 30.41
N PRO A 461 30.16 -6.21 30.30
CA PRO A 461 31.41 -6.06 31.04
C PRO A 461 32.20 -4.85 30.57
N GLU A 462 33.24 -4.51 31.33
CA GLU A 462 34.07 -3.36 31.01
C GLU A 462 34.93 -3.57 29.78
N HIS A 463 35.02 -4.79 29.25
CA HIS A 463 35.82 -5.08 28.07
C HIS A 463 34.99 -5.39 26.83
N GLN A 464 33.67 -5.32 26.92
CA GLN A 464 32.79 -5.53 25.77
C GLN A 464 32.31 -4.19 25.24
N LYS A 465 32.49 -3.96 23.94
CA LYS A 465 32.10 -2.71 23.31
C LYS A 465 31.31 -2.92 22.02
N ASN A 466 30.70 -4.09 21.86
CA ASN A 466 29.93 -4.40 20.66
C ASN A 466 28.69 -5.19 21.06
N ILE A 467 27.54 -4.79 20.51
CA ILE A 467 26.28 -5.49 20.76
C ILE A 467 26.19 -6.66 19.79
N TYR A 468 26.28 -7.87 20.32
CA TYR A 468 26.24 -9.08 19.50
C TYR A 468 24.80 -9.56 19.36
N TYR A 469 24.41 -9.88 18.12
CA TYR A 469 23.08 -10.41 17.84
C TYR A 469 23.19 -11.47 16.76
N ILE A 470 22.13 -12.26 16.63
CA ILE A 470 22.08 -13.35 15.65
C ILE A 470 20.65 -13.44 15.10
N THR A 471 20.54 -13.66 13.79
CA THR A 471 19.26 -13.81 13.12
C THR A 471 18.95 -15.29 12.88
N GLY A 472 17.69 -15.56 12.58
CA GLY A 472 17.26 -16.93 12.33
C GLY A 472 15.79 -16.97 12.02
N GLU A 473 15.31 -18.20 11.83
CA GLU A 473 13.89 -18.41 11.51
C GLU A 473 13.03 -18.49 12.76
N SER A 474 13.58 -18.96 13.88
CA SER A 474 12.83 -19.11 15.11
C SER A 474 13.78 -18.99 16.30
N LEU A 475 13.24 -19.17 17.49
CA LEU A 475 14.06 -19.08 18.70
C LEU A 475 14.92 -20.32 18.88
N LYS A 476 14.38 -21.50 18.54
CA LYS A 476 15.14 -22.73 18.69
C LYS A 476 16.32 -22.82 17.75
N ALA A 477 16.28 -22.11 16.62
CA ALA A 477 17.38 -22.15 15.67
C ALA A 477 18.54 -21.24 16.06
N VAL A 478 18.31 -20.30 16.98
CA VAL A 478 19.36 -19.36 17.39
C VAL A 478 19.80 -19.57 18.84
N GLU A 479 18.99 -20.25 19.67
CA GLU A 479 19.38 -20.43 21.06
C GLU A 479 20.50 -21.46 21.21
N LYS A 480 20.60 -22.41 20.29
CA LYS A 480 21.62 -23.44 20.34
C LYS A 480 22.62 -23.33 19.19
N SER A 481 22.70 -22.17 18.54
CA SER A 481 23.61 -22.00 17.42
C SER A 481 25.06 -22.13 17.88
N PRO A 482 25.93 -22.74 17.07
CA PRO A 482 27.34 -22.88 17.46
C PRO A 482 28.10 -21.56 17.50
N PHE A 483 27.54 -20.47 16.95
CA PHE A 483 28.19 -19.19 17.00
C PHE A 483 28.15 -18.55 18.38
N LEU A 484 27.44 -19.15 19.34
CA LEU A 484 27.36 -18.64 20.70
C LEU A 484 28.44 -19.20 21.61
N ASP A 485 29.15 -20.25 21.19
CA ASP A 485 30.15 -20.85 22.05
C ASP A 485 31.30 -19.89 22.33
N ALA A 486 31.65 -19.05 21.35
CA ALA A 486 32.73 -18.09 21.55
C ALA A 486 32.32 -17.00 22.53
N LEU A 487 31.11 -16.46 22.37
CA LEU A 487 30.67 -15.37 23.23
C LEU A 487 30.34 -15.85 24.63
N LYS A 488 29.87 -17.10 24.77
CA LYS A 488 29.60 -17.64 26.11
C LYS A 488 30.89 -17.90 26.87
N ALA A 489 31.98 -18.25 26.16
CA ALA A 489 33.27 -18.42 26.83
C ALA A 489 33.82 -17.09 27.32
N LYS A 490 33.55 -16.00 26.61
CA LYS A 490 33.96 -14.66 27.01
C LYS A 490 32.90 -13.95 27.84
N ASN A 491 31.81 -14.64 28.18
CA ASN A 491 30.70 -14.06 28.96
C ASN A 491 30.12 -12.84 28.25
N PHE A 492 29.83 -12.99 26.97
CA PHE A 492 29.25 -11.94 26.15
C PHE A 492 27.81 -12.31 25.81
N GLU A 493 26.88 -11.44 26.20
CA GLU A 493 25.48 -11.68 25.91
C GLU A 493 25.20 -11.41 24.44
N VAL A 494 24.35 -12.24 23.84
CA VAL A 494 24.01 -12.16 22.42
C VAL A 494 22.50 -12.09 22.28
N LEU A 495 22.02 -11.10 21.52
CA LEU A 495 20.59 -10.97 21.29
C LEU A 495 20.10 -12.03 20.31
N PHE A 496 18.83 -12.40 20.47
CA PHE A 496 18.18 -13.37 19.59
C PHE A 496 17.14 -12.67 18.74
N LEU A 497 17.21 -12.90 17.42
CA LEU A 497 16.28 -12.30 16.47
C LEU A 497 15.50 -13.40 15.78
N THR A 498 14.18 -13.39 15.96
CA THR A 498 13.31 -14.41 15.38
C THR A 498 12.44 -13.90 14.25
N ASP A 499 12.30 -12.58 14.08
CA ASP A 499 11.48 -12.03 13.02
C ASP A 499 12.33 -11.59 11.84
N PRO A 500 11.81 -11.70 10.61
CA PRO A 500 12.58 -11.24 9.45
C PRO A 500 12.87 -9.75 9.46
N ILE A 501 12.00 -8.95 10.08
CA ILE A 501 12.20 -7.49 10.12
C ILE A 501 13.22 -7.09 11.17
N ASP A 502 13.70 -8.02 12.00
CA ASP A 502 14.66 -7.68 13.03
C ASP A 502 15.96 -7.17 12.43
N GLU A 503 16.46 -7.82 11.37
CA GLU A 503 17.70 -7.39 10.76
C GLU A 503 17.54 -6.06 10.03
N TYR A 504 16.34 -5.79 9.48
CA TYR A 504 16.10 -4.51 8.82
C TYR A 504 16.18 -3.36 9.81
N ALA A 505 15.84 -3.59 11.08
CA ALA A 505 15.94 -2.53 12.07
C ALA A 505 17.37 -2.28 12.50
N PHE A 506 18.15 -3.35 12.72
CA PHE A 506 19.54 -3.20 13.10
C PHE A 506 20.41 -2.75 11.94
N THR A 507 19.94 -2.92 10.70
CA THR A 507 20.72 -2.45 9.55
C THR A 507 20.76 -0.93 9.49
N GLN A 508 19.72 -0.26 9.99
CA GLN A 508 19.66 1.19 9.99
C GLN A 508 20.10 1.82 11.30
N LEU A 509 19.95 1.11 12.42
CA LEU A 509 20.36 1.66 13.70
C LEU A 509 21.89 1.75 13.80
N LYS A 510 22.56 0.60 13.67
CA LYS A 510 24.02 0.51 13.54
C LYS A 510 24.76 0.85 14.83
N GLU A 511 24.04 1.31 15.86
CA GLU A 511 24.68 1.74 17.09
C GLU A 511 23.62 2.00 18.15
N PHE A 512 23.95 1.72 19.40
CA PHE A 512 23.05 1.97 20.52
C PHE A 512 23.89 2.30 21.74
N GLU A 513 23.77 3.54 22.23
CA GLU A 513 24.52 4.01 23.40
C GLU A 513 26.02 3.84 23.22
N GLY A 514 26.51 4.14 22.01
CA GLY A 514 27.93 4.06 21.73
C GLY A 514 28.45 2.67 21.43
N LYS A 515 27.58 1.67 21.35
CA LYS A 515 27.97 0.30 21.07
C LYS A 515 27.51 -0.09 19.68
N THR A 516 28.45 -0.47 18.82
CA THR A 516 28.14 -0.81 17.44
C THR A 516 27.48 -2.18 17.37
N LEU A 517 26.41 -2.27 16.59
CA LEU A 517 25.71 -3.55 16.41
C LEU A 517 26.55 -4.46 15.52
N VAL A 518 26.85 -5.66 16.01
CA VAL A 518 27.69 -6.62 15.31
C VAL A 518 26.92 -7.94 15.22
N ASP A 519 26.79 -8.47 14.01
CA ASP A 519 26.14 -9.75 13.78
C ASP A 519 27.19 -10.86 13.84
N ILE A 520 26.97 -11.83 14.72
CA ILE A 520 27.94 -12.91 14.89
C ILE A 520 27.97 -13.85 13.71
N THR A 521 26.92 -13.86 12.88
CA THR A 521 26.93 -14.70 11.68
C THR A 521 27.90 -14.19 10.62
N LYS A 522 28.28 -12.93 10.68
CA LYS A 522 29.22 -12.35 9.75
C LYS A 522 30.66 -12.49 10.28
N ASP A 523 31.61 -12.31 9.37
CA ASP A 523 33.03 -12.41 9.72
C ASP A 523 33.43 -11.21 10.56
N PHE A 524 33.63 -11.42 11.86
CA PHE A 524 34.02 -10.35 12.77
C PHE A 524 35.10 -10.87 13.71
N GLU A 525 36.07 -10.02 14.01
CA GLU A 525 37.16 -10.38 14.90
C GLU A 525 36.79 -10.09 16.34
N LEU A 526 37.18 -10.98 17.24
CA LEU A 526 36.90 -10.87 18.66
C LEU A 526 38.16 -10.44 19.40
N GLU A 527 37.95 -9.88 20.60
CA GLU A 527 39.07 -9.46 21.42
C GLU A 527 39.98 -10.64 21.76
N GLU A 528 41.29 -10.41 21.64
CA GLU A 528 42.27 -11.46 21.87
C GLU A 528 43.56 -10.84 22.37
N THR A 529 44.34 -11.63 23.10
CA THR A 529 45.60 -11.19 23.68
C THR A 529 46.76 -11.64 22.80
N ASP A 530 47.94 -11.08 23.08
CA ASP A 530 49.14 -11.44 22.32
C ASP A 530 49.55 -12.88 22.57
N GLU A 531 49.28 -13.41 23.76
CA GLU A 531 49.60 -14.81 24.05
C GLU A 531 48.79 -15.75 23.18
N GLU A 532 47.49 -15.47 23.01
CA GLU A 532 46.65 -16.32 22.18
C GLU A 532 47.05 -16.22 20.71
N LYS A 533 47.33 -15.00 20.23
CA LYS A 533 47.70 -14.82 18.83
C LYS A 533 49.01 -15.54 18.51
N ALA A 534 49.93 -15.61 19.47
CA ALA A 534 51.19 -16.31 19.23
C ALA A 534 50.98 -17.81 19.09
N GLU A 535 50.03 -18.36 19.85
CA GLU A 535 49.74 -19.79 19.80
C GLU A 535 48.76 -20.16 18.70
N ARG A 536 47.87 -19.24 18.33
CA ARG A 536 46.90 -19.53 17.27
C ARG A 536 47.50 -19.40 15.88
N GLU A 537 48.44 -18.47 15.69
CA GLU A 537 49.04 -18.27 14.37
C GLU A 537 49.86 -19.48 13.95
N LYS A 538 50.65 -20.04 14.86
CA LYS A 538 51.43 -21.23 14.53
C LYS A 538 50.54 -22.44 14.28
N GLU A 539 49.34 -22.47 14.87
CA GLU A 539 48.42 -23.58 14.65
C GLU A 539 47.70 -23.45 13.32
N ILE A 540 47.51 -22.23 12.82
CA ILE A 540 46.81 -22.05 11.55
C ILE A 540 47.67 -22.52 10.39
N LYS A 541 48.97 -22.21 10.41
CA LYS A 541 49.84 -22.62 9.31
C LYS A 541 50.03 -24.13 9.24
N GLU A 542 49.80 -24.84 10.34
CA GLU A 542 49.83 -26.30 10.28
C GLU A 542 48.60 -26.85 9.58
N TYR A 543 47.47 -26.14 9.65
CA TYR A 543 46.27 -26.49 8.92
C TYR A 543 46.18 -25.81 7.56
N GLU A 544 47.23 -25.12 7.14
CA GLU A 544 47.21 -24.44 5.85
C GLU A 544 47.06 -25.40 4.67
N PRO A 545 47.78 -26.53 4.60
CA PRO A 545 47.50 -27.48 3.52
C PRO A 545 46.08 -28.02 3.57
N LEU A 546 45.49 -28.13 4.76
CA LEU A 546 44.10 -28.58 4.85
C LEU A 546 43.15 -27.53 4.30
N THR A 547 43.36 -26.26 4.65
CA THR A 547 42.51 -25.19 4.13
C THR A 547 42.65 -25.07 2.62
N LYS A 548 43.86 -25.26 2.10
CA LYS A 548 44.04 -25.26 0.65
C LYS A 548 43.34 -26.46 0.01
N ALA A 549 43.35 -27.61 0.70
CA ALA A 549 42.67 -28.79 0.17
C ALA A 549 41.16 -28.60 0.18
N LEU A 550 40.62 -27.95 1.21
CA LEU A 550 39.18 -27.70 1.26
C LEU A 550 38.74 -26.62 0.28
N LYS A 551 39.65 -25.74 -0.13
CA LYS A 551 39.27 -24.64 -1.02
C LYS A 551 39.04 -25.12 -2.44
N ASP A 552 40.04 -25.77 -3.04
CA ASP A 552 39.95 -26.17 -4.44
C ASP A 552 39.00 -27.35 -4.67
N ILE A 553 38.52 -28.00 -3.60
CA ILE A 553 37.57 -29.09 -3.77
C ILE A 553 36.15 -28.53 -3.93
N LEU A 554 35.77 -27.58 -3.07
CA LEU A 554 34.45 -26.97 -3.18
C LEU A 554 34.33 -26.08 -4.41
N GLY A 555 35.43 -25.61 -4.96
CA GLY A 555 35.37 -24.77 -6.15
C GLY A 555 35.04 -23.34 -5.78
N ASP A 556 34.01 -22.80 -6.44
CA ASP A 556 33.57 -21.42 -6.23
C ASP A 556 32.42 -21.31 -5.25
N GLN A 557 32.16 -22.37 -4.47
CA GLN A 557 31.07 -22.33 -3.49
C GLN A 557 31.40 -21.40 -2.33
N VAL A 558 32.67 -21.32 -1.94
CA VAL A 558 33.10 -20.45 -0.86
C VAL A 558 34.20 -19.52 -1.38
N GLU A 559 34.43 -18.44 -0.64
CA GLU A 559 35.46 -17.47 -1.02
C GLU A 559 36.82 -17.81 -0.42
N LYS A 560 36.85 -18.35 0.78
CA LYS A 560 38.11 -18.70 1.43
C LYS A 560 37.83 -19.68 2.56
N VAL A 561 38.80 -20.55 2.83
CA VAL A 561 38.74 -21.51 3.92
C VAL A 561 39.76 -21.09 4.96
N VAL A 562 39.28 -20.66 6.12
CA VAL A 562 40.14 -20.18 7.20
C VAL A 562 39.90 -21.02 8.44
N VAL A 563 40.90 -21.04 9.32
CA VAL A 563 40.82 -21.74 10.59
C VAL A 563 40.29 -20.77 11.63
N SER A 564 39.04 -20.97 12.05
CA SER A 564 38.39 -20.11 13.02
C SER A 564 38.45 -20.73 14.41
N TYR A 565 38.59 -19.87 15.42
CA TYR A 565 38.63 -20.29 16.81
C TYR A 565 37.35 -19.93 17.57
N LYS A 566 36.34 -19.39 16.89
CA LYS A 566 35.08 -19.06 17.50
C LYS A 566 34.11 -20.24 17.55
N LEU A 567 34.58 -21.44 17.22
CA LEU A 567 33.76 -22.65 17.25
C LEU A 567 34.37 -23.62 18.24
N LEU A 568 33.64 -23.94 19.31
CA LEU A 568 34.14 -24.82 20.35
C LEU A 568 33.58 -26.23 20.28
N ASP A 569 32.34 -26.39 19.80
CA ASP A 569 31.70 -27.69 19.72
C ASP A 569 31.51 -28.17 18.29
N ALA A 570 31.04 -27.29 17.40
CA ALA A 570 30.84 -27.69 16.02
C ALA A 570 32.18 -27.84 15.30
N PRO A 571 32.34 -28.87 14.47
CA PRO A 571 33.62 -29.04 13.75
C PRO A 571 33.81 -28.02 12.64
N ALA A 572 32.74 -27.54 12.02
CA ALA A 572 32.85 -26.57 10.95
C ALA A 572 31.54 -25.79 10.85
N ALA A 573 31.62 -24.63 10.22
CA ALA A 573 30.45 -23.78 10.04
C ALA A 573 30.69 -22.86 8.85
N ILE A 574 29.63 -22.19 8.42
CA ILE A 574 29.65 -21.27 7.29
C ILE A 574 29.23 -19.90 7.79
N ARG A 575 30.01 -18.87 7.44
CA ARG A 575 29.70 -17.50 7.80
C ARG A 575 29.71 -16.65 6.54
N THR A 576 28.70 -15.79 6.40
CA THR A 576 28.61 -14.91 5.24
C THR A 576 29.74 -13.89 5.25
N GLY A 577 30.07 -13.40 4.05
CA GLY A 577 31.12 -12.40 3.94
C GLY A 577 30.70 -11.08 4.57
N GLN A 578 31.69 -10.35 5.07
CA GLN A 578 31.44 -9.05 5.67
C GLN A 578 30.96 -8.06 4.62
N PHE A 579 30.33 -6.99 5.08
CA PHE A 579 29.78 -5.89 4.28
C PHE A 579 28.57 -6.31 3.46
N GLY A 580 28.11 -7.56 3.56
CA GLY A 580 27.00 -8.02 2.76
C GLY A 580 25.85 -8.56 3.58
N TRP A 581 24.91 -9.24 2.92
CA TRP A 581 23.77 -9.82 3.61
C TRP A 581 24.20 -11.01 4.47
N SER A 582 23.31 -11.38 5.40
CA SER A 582 23.56 -12.49 6.31
C SER A 582 22.89 -13.76 5.77
N ALA A 583 22.95 -14.81 6.59
CA ALA A 583 22.32 -16.08 6.20
C ALA A 583 20.80 -15.95 6.18
N ASN A 584 20.22 -15.30 7.18
CA ASN A 584 18.77 -15.16 7.23
C ASN A 584 18.27 -14.13 6.23
N MET A 585 19.04 -13.07 5.98
CA MET A 585 18.61 -12.04 5.05
C MET A 585 18.46 -12.60 3.64
N GLU A 586 19.40 -13.45 3.20
CA GLU A 586 19.29 -14.06 1.89
C GLU A 586 18.07 -14.99 1.81
N ARG A 587 17.74 -15.66 2.92
CA ARG A 587 16.58 -16.54 2.93
C ARG A 587 15.28 -15.75 2.88
N ILE A 588 15.24 -14.59 3.55
CA ILE A 588 14.00 -13.80 3.58
C ILE A 588 13.78 -13.11 2.25
N MET A 589 14.84 -12.59 1.63
CA MET A 589 14.69 -11.89 0.36
C MET A 589 14.23 -12.83 -0.75
N LYS A 590 14.66 -14.09 -0.73
CA LYS A 590 14.25 -15.06 -1.72
C LYS A 590 12.90 -15.71 -1.40
N ALA A 591 12.31 -15.39 -0.26
CA ALA A 591 11.03 -15.97 0.14
C ALA A 591 9.89 -14.97 0.13
N GLN A 592 10.16 -13.71 -0.22
CA GLN A 592 9.10 -12.71 -0.26
C GLN A 592 8.20 -12.94 -1.46
N ALA A 593 6.88 -12.86 -1.24
CA ALA A 593 5.92 -13.07 -2.32
C ALA A 593 5.88 -11.90 -3.28
N LEU A 594 6.27 -10.71 -2.85
CA LEU A 594 6.27 -9.52 -3.69
C LEU A 594 7.65 -9.21 -4.26
N ARG A 595 8.62 -10.10 -4.08
CA ARG A 595 9.96 -9.88 -4.60
C ARG A 595 10.26 -10.87 -5.73
N SER A 605 25.16 -14.09 -0.05
CA SER A 605 26.02 -13.68 -1.17
C SER A 605 27.32 -14.47 -1.17
N LYS A 606 28.31 -13.97 -0.42
CA LYS A 606 29.61 -14.61 -0.33
C LYS A 606 29.70 -15.38 0.98
N LYS A 607 30.15 -16.63 0.91
CA LYS A 607 30.26 -17.51 2.05
C LYS A 607 31.72 -17.76 2.39
N THR A 608 31.96 -18.10 3.65
CA THR A 608 33.30 -18.40 4.16
C THR A 608 33.25 -19.70 4.94
N PHE A 609 34.12 -20.64 4.59
CA PHE A 609 34.18 -21.94 5.23
C PHE A 609 35.16 -21.88 6.39
N GLU A 610 34.65 -22.01 7.62
CA GLU A 610 35.46 -22.00 8.81
C GLU A 610 35.52 -23.40 9.41
N ILE A 611 36.69 -23.79 9.89
CA ILE A 611 36.90 -25.11 10.50
C ILE A 611 37.41 -24.91 11.92
N SER A 612 37.08 -25.87 12.78
CA SER A 612 37.49 -25.83 14.17
C SER A 612 38.69 -26.76 14.37
N PRO A 613 39.85 -26.24 14.78
CA PRO A 613 41.03 -27.10 14.94
C PRO A 613 41.02 -27.97 16.18
N LYS A 614 39.98 -27.91 17.01
CA LYS A 614 39.90 -28.71 18.21
C LYS A 614 38.96 -29.90 18.09
N SER A 615 38.25 -30.03 16.97
CA SER A 615 37.35 -31.17 16.82
C SER A 615 38.09 -32.37 16.23
N PRO A 616 37.75 -33.59 16.64
CA PRO A 616 38.44 -34.76 16.09
C PRO A 616 38.17 -35.00 14.62
N ILE A 617 37.07 -34.46 14.09
CA ILE A 617 36.79 -34.63 12.66
C ILE A 617 37.79 -33.87 11.82
N ILE A 618 38.06 -32.61 12.17
CA ILE A 618 39.02 -31.81 11.43
C ILE A 618 40.43 -32.38 11.62
N LYS A 619 40.72 -32.90 12.81
CA LYS A 619 42.02 -33.51 13.04
C LYS A 619 42.23 -34.73 12.15
N GLU A 620 41.17 -35.52 11.94
CA GLU A 620 41.28 -36.65 11.03
C GLU A 620 41.34 -36.22 9.57
N LEU A 621 40.75 -35.07 9.25
CA LEU A 621 40.79 -34.59 7.87
C LEU A 621 42.20 -34.17 7.46
N LYS A 622 42.91 -33.46 8.34
CA LYS A 622 44.27 -33.04 8.00
C LYS A 622 45.21 -34.23 7.92
N LYS A 623 44.92 -35.31 8.63
CA LYS A 623 45.74 -36.52 8.51
C LYS A 623 45.61 -37.15 7.13
N ARG A 624 44.37 -37.25 6.62
CA ARG A 624 44.17 -37.82 5.29
C ARG A 624 44.82 -36.96 4.21
N VAL A 625 44.91 -35.65 4.43
CA VAL A 625 45.54 -34.78 3.44
C VAL A 625 47.06 -35.00 3.42
N ASP A 626 47.67 -35.12 4.60
CA ASP A 626 49.11 -35.33 4.66
C ASP A 626 49.52 -36.71 4.14
N GLU A 627 48.64 -37.70 4.22
CA GLU A 627 48.95 -39.01 3.66
C GLU A 627 49.02 -38.98 2.13
N GLY A 628 48.38 -38.02 1.50
CA GLY A 628 48.37 -37.93 0.05
C GLY A 628 46.98 -38.06 -0.54
N GLY A 629 45.96 -37.86 0.29
CA GLY A 629 44.58 -37.99 -0.15
C GLY A 629 43.89 -36.67 -0.39
N ALA A 630 44.60 -35.71 -0.99
CA ALA A 630 43.99 -34.42 -1.29
C ALA A 630 42.86 -34.55 -2.30
N GLN A 631 42.96 -35.50 -3.22
CA GLN A 631 41.91 -35.79 -4.18
C GLN A 631 41.30 -37.18 -3.95
N ASP A 632 41.34 -37.66 -2.70
CA ASP A 632 40.79 -38.96 -2.39
C ASP A 632 39.27 -38.93 -2.48
N LYS A 633 38.69 -40.07 -2.86
CA LYS A 633 37.24 -40.15 -3.00
C LYS A 633 36.53 -39.99 -1.66
N THR A 634 37.09 -40.60 -0.61
CA THR A 634 36.46 -40.50 0.71
C THR A 634 36.59 -39.09 1.27
N VAL A 635 37.72 -38.41 1.00
CA VAL A 635 37.92 -37.07 1.54
C VAL A 635 37.01 -36.07 0.83
N LYS A 636 36.88 -36.18 -0.49
CA LYS A 636 36.03 -35.24 -1.23
C LYS A 636 34.56 -35.43 -0.88
N ASP A 637 34.13 -36.68 -0.73
CA ASP A 637 32.73 -36.94 -0.36
C ASP A 637 32.46 -36.47 1.06
N LEU A 638 33.43 -36.60 1.96
CA LEU A 638 33.25 -36.15 3.33
C LEU A 638 33.28 -34.63 3.43
N THR A 639 34.09 -33.97 2.60
CA THR A 639 34.14 -32.51 2.62
C THR A 639 32.84 -31.91 2.11
N ASN A 640 32.30 -32.44 1.01
CA ASN A 640 31.03 -31.94 0.50
C ASN A 640 29.89 -32.20 1.47
N LEU A 641 29.94 -33.33 2.17
CA LEU A 641 28.91 -33.63 3.17
C LEU A 641 29.01 -32.68 4.36
N LEU A 642 30.23 -32.41 4.83
CA LEU A 642 30.41 -31.49 5.94
C LEU A 642 30.08 -30.05 5.53
N PHE A 643 30.33 -29.70 4.26
CA PHE A 643 30.02 -28.36 3.80
C PHE A 643 28.52 -28.10 3.79
N GLU A 644 27.75 -29.04 3.22
CA GLU A 644 26.30 -28.87 3.18
C GLU A 644 25.68 -28.98 4.56
N THR A 645 26.29 -29.77 5.44
CA THR A 645 25.81 -29.84 6.83
C THR A 645 26.02 -28.52 7.54
N ALA A 646 27.15 -27.85 7.29
CA ALA A 646 27.41 -26.56 7.90
C ALA A 646 26.44 -25.50 7.40
N LEU A 647 25.95 -25.64 6.16
CA LEU A 647 24.96 -24.69 5.64
C LEU A 647 23.66 -24.77 6.43
N LEU A 648 23.24 -25.97 6.81
CA LEU A 648 22.01 -26.13 7.58
C LEU A 648 22.16 -25.53 8.97
N THR A 649 23.30 -25.78 9.63
CA THR A 649 23.51 -25.25 10.97
C THR A 649 23.66 -23.74 10.97
N SER A 650 24.23 -23.16 9.91
CA SER A 650 24.38 -21.72 9.82
C SER A 650 23.09 -21.02 9.38
N GLY A 651 22.16 -21.74 8.78
CA GLY A 651 20.91 -21.16 8.31
C GLY A 651 20.77 -21.04 6.81
N PHE A 652 21.70 -21.60 6.03
CA PHE A 652 21.62 -21.56 4.58
C PHE A 652 20.85 -22.77 4.07
N SER A 653 19.84 -22.52 3.23
CA SER A 653 19.10 -23.59 2.58
C SER A 653 19.93 -24.13 1.43
N LEU A 654 20.42 -25.37 1.57
CA LEU A 654 21.31 -25.93 0.58
C LEU A 654 20.56 -26.29 -0.70
N GLU A 655 21.21 -26.03 -1.83
CA GLU A 655 20.64 -26.38 -3.13
C GLU A 655 20.76 -27.87 -3.38
N GLU A 656 19.84 -28.39 -4.20
CA GLU A 656 19.80 -29.80 -4.58
C GLU A 656 19.72 -30.67 -3.33
N PRO A 657 18.61 -30.64 -2.59
CA PRO A 657 18.54 -31.40 -1.34
C PRO A 657 18.59 -32.91 -1.54
N THR A 658 18.44 -33.39 -2.78
CA THR A 658 18.53 -34.82 -3.02
C THR A 658 19.97 -35.33 -2.99
N SER A 659 20.92 -34.50 -3.44
CA SER A 659 22.33 -34.89 -3.36
C SER A 659 22.77 -35.02 -1.91
N PHE A 660 22.26 -34.16 -1.02
CA PHE A 660 22.56 -34.29 0.39
C PHE A 660 21.89 -35.53 0.98
N ALA A 661 20.62 -35.76 0.65
CA ALA A 661 19.92 -36.93 1.17
C ALA A 661 20.52 -38.22 0.64
N SER A 662 21.06 -38.20 -0.57
CA SER A 662 21.71 -39.40 -1.11
C SER A 662 22.94 -39.76 -0.31
N ARG A 663 23.73 -38.75 0.10
CA ARG A 663 24.91 -39.02 0.91
C ARG A 663 24.52 -39.54 2.29
N ILE A 664 23.41 -39.05 2.83
CA ILE A 664 22.95 -39.53 4.13
C ILE A 664 22.51 -40.98 4.04
N ASN A 665 21.81 -41.34 2.95
CA ASN A 665 21.37 -42.72 2.78
C ASN A 665 22.55 -43.67 2.63
N ARG A 666 23.67 -43.19 2.08
CA ARG A 666 24.86 -44.03 1.99
C ARG A 666 25.45 -44.30 3.36
N LEU A 667 25.60 -43.25 4.18
CA LEU A 667 26.09 -43.43 5.54
C LEU A 667 25.12 -44.24 6.39
N ILE A 668 23.81 -44.14 6.10
CA ILE A 668 22.83 -44.98 6.78
C ILE A 668 23.02 -46.44 6.38
N SER A 669 23.23 -46.69 5.09
CA SER A 669 23.45 -48.06 4.64
C SER A 669 24.77 -48.62 5.16
N LEU A 670 25.81 -47.79 5.20
CA LEU A 670 27.09 -48.25 5.75
C LEU A 670 27.00 -48.46 7.25
N GLY A 671 26.15 -47.69 7.94
CA GLY A 671 25.95 -47.91 9.36
C GLY A 671 25.22 -49.22 9.66
N LEU A 672 24.37 -49.65 8.74
CA LEU A 672 23.64 -50.91 8.87
C LEU A 672 24.40 -52.08 8.25
N ASN A 673 25.67 -51.89 7.90
CA ASN A 673 26.49 -52.93 7.27
C ASN A 673 25.88 -53.41 5.96
N ILE A 674 25.30 -52.47 5.21
CA ILE A 674 24.70 -52.77 3.91
C ILE A 674 25.65 -52.28 2.82
N ASP A 675 26.21 -53.21 2.06
CA ASP A 675 27.14 -52.86 0.99
C ASP A 675 26.45 -52.89 -0.36
N GLY B 3 -48.13 34.88 -1.48
CA GLY B 3 -46.69 34.71 -1.41
C GLY B 3 -45.93 35.61 -2.36
N GLU B 4 -44.86 36.23 -1.87
CA GLU B 4 -44.05 37.12 -2.66
C GLU B 4 -42.82 36.39 -3.18
N THR B 5 -42.49 36.62 -4.45
CA THR B 5 -41.39 35.93 -5.11
C THR B 5 -40.16 36.83 -5.15
N PHE B 6 -39.00 36.27 -4.82
CA PHE B 6 -37.74 36.99 -4.82
C PHE B 6 -36.70 36.20 -5.60
N GLU B 7 -36.01 36.87 -6.51
CA GLU B 7 -34.91 36.25 -7.23
C GLU B 7 -33.73 36.01 -6.30
N PHE B 8 -32.97 34.96 -6.58
CA PHE B 8 -31.80 34.65 -5.79
C PHE B 8 -30.72 35.70 -6.00
N GLN B 9 -30.05 36.08 -4.91
CA GLN B 9 -28.98 37.07 -4.93
C GLN B 9 -27.67 36.40 -4.53
N ALA B 10 -26.60 37.19 -4.53
CA ALA B 10 -25.28 36.68 -4.17
C ALA B 10 -24.45 37.83 -3.59
N GLU B 11 -23.77 37.57 -2.48
CA GLU B 11 -22.91 38.54 -1.84
C GLU B 11 -21.55 38.50 -2.53
N ILE B 12 -21.19 39.59 -3.21
CA ILE B 12 -19.99 39.59 -4.04
C ILE B 12 -18.72 39.71 -3.20
N THR B 13 -18.77 40.51 -2.13
CA THR B 13 -17.57 40.74 -1.33
C THR B 13 -17.09 39.47 -0.64
N GLN B 14 -17.98 38.50 -0.40
CA GLN B 14 -17.60 37.25 0.21
C GLN B 14 -17.44 36.11 -0.79
N LEU B 15 -18.14 36.17 -1.92
CA LEU B 15 -18.00 35.13 -2.93
C LEU B 15 -16.60 35.10 -3.53
N MET B 16 -15.96 36.27 -3.64
CA MET B 16 -14.59 36.31 -4.16
C MET B 16 -13.62 35.58 -3.23
N SER B 17 -13.76 35.78 -1.92
CA SER B 17 -12.88 35.11 -0.97
C SER B 17 -13.09 33.60 -0.96
N LEU B 18 -14.33 33.16 -1.20
CA LEU B 18 -14.62 31.72 -1.18
C LEU B 18 -14.06 31.02 -2.41
N ILE B 19 -14.21 31.65 -3.59
CA ILE B 19 -13.77 31.01 -4.82
C ILE B 19 -12.25 31.02 -4.92
N ILE B 20 -11.61 32.09 -4.48
CA ILE B 20 -10.16 32.20 -4.60
C ILE B 20 -9.46 31.33 -3.56
N ASN B 21 -9.86 31.43 -2.30
CA ASN B 21 -9.11 30.80 -1.22
C ASN B 21 -9.58 29.39 -0.89
N THR B 22 -10.89 29.15 -0.86
CA THR B 22 -11.44 27.90 -0.35
C THR B 22 -12.03 27.02 -1.45
N VAL B 23 -11.42 27.04 -2.63
CA VAL B 23 -11.85 26.17 -3.71
C VAL B 23 -10.66 25.36 -4.23
N TYR B 24 -9.60 26.05 -4.62
CA TYR B 24 -8.41 25.40 -5.17
C TYR B 24 -7.46 25.00 -4.05
N SER B 25 -7.07 23.73 -4.03
CA SER B 25 -6.19 23.22 -2.98
C SER B 25 -4.76 23.70 -3.18
N ASN B 26 -4.18 23.42 -4.35
CA ASN B 26 -2.81 23.79 -4.63
C ASN B 26 -2.76 25.20 -5.22
N LYS B 27 -1.65 25.89 -4.94
CA LYS B 27 -1.48 27.25 -5.46
C LYS B 27 -1.07 27.27 -6.93
N GLU B 28 -0.38 26.23 -7.39
CA GLU B 28 0.09 26.18 -8.78
C GLU B 28 -1.04 25.99 -9.78
N ILE B 29 -2.27 25.75 -9.32
CA ILE B 29 -3.39 25.55 -10.24
C ILE B 29 -3.73 26.83 -10.99
N PHE B 30 -3.30 27.99 -10.50
CA PHE B 30 -3.61 29.24 -11.18
C PHE B 30 -3.02 29.28 -12.59
N LEU B 31 -1.88 28.62 -12.79
CA LEU B 31 -1.26 28.61 -14.11
C LEU B 31 -2.03 27.71 -15.08
N ARG B 32 -2.60 26.61 -14.58
CA ARG B 32 -3.39 25.73 -15.44
C ARG B 32 -4.62 26.42 -15.98
N GLU B 33 -5.25 27.29 -15.18
CA GLU B 33 -6.47 27.96 -15.64
C GLU B 33 -6.15 29.05 -16.66
N LEU B 34 -5.02 29.75 -16.49
CA LEU B 34 -4.67 30.81 -17.42
C LEU B 34 -4.24 30.25 -18.76
N ILE B 35 -3.48 29.15 -18.76
CA ILE B 35 -3.08 28.52 -20.01
C ILE B 35 -4.31 27.95 -20.72
N SER B 36 -5.22 27.33 -19.96
CA SER B 36 -6.45 26.82 -20.55
C SER B 36 -7.28 27.94 -21.17
N ASN B 37 -7.38 29.07 -20.48
CA ASN B 37 -8.09 30.22 -21.03
C ASN B 37 -7.40 30.73 -22.30
N ALA B 38 -6.06 30.76 -22.29
CA ALA B 38 -5.33 31.14 -23.49
C ALA B 38 -5.57 30.13 -24.61
N SER B 39 -5.64 28.84 -24.26
CA SER B 39 -5.94 27.82 -25.26
C SER B 39 -7.34 28.01 -25.84
N ASP B 40 -8.31 28.35 -24.99
CA ASP B 40 -9.66 28.62 -25.47
C ASP B 40 -9.69 29.82 -26.40
N ALA B 41 -8.93 30.87 -26.06
CA ALA B 41 -8.87 32.04 -26.94
C ALA B 41 -8.26 31.69 -28.29
N LEU B 42 -7.22 30.85 -28.28
CA LEU B 42 -6.61 30.42 -29.54
C LEU B 42 -7.50 29.48 -30.33
N ASP B 43 -8.54 28.93 -29.70
CA ASP B 43 -9.51 28.09 -30.39
C ASP B 43 -10.66 28.89 -31.00
N LYS B 44 -10.84 30.15 -30.58
CA LYS B 44 -11.88 30.99 -31.15
C LYS B 44 -11.40 31.70 -32.41
N ILE B 45 -10.19 32.27 -32.37
CA ILE B 45 -9.65 32.92 -33.56
C ILE B 45 -9.35 31.89 -34.65
N ARG B 46 -8.93 30.68 -34.27
CA ARG B 46 -8.67 29.65 -35.26
C ARG B 46 -9.97 29.20 -35.93
N TYR B 47 -11.07 29.14 -35.17
CA TYR B 47 -12.36 28.80 -35.76
C TYR B 47 -12.81 29.88 -36.74
N GLN B 48 -12.56 31.15 -36.42
CA GLN B 48 -12.93 32.23 -37.33
C GLN B 48 -12.03 32.23 -38.57
N ALA B 49 -10.83 31.67 -38.47
CA ALA B 49 -9.93 31.59 -39.63
C ALA B 49 -10.47 30.65 -40.70
N LEU B 50 -11.36 29.71 -40.34
CA LEU B 50 -11.93 28.81 -41.32
C LEU B 50 -12.91 29.51 -42.25
N SER B 51 -13.45 30.66 -41.84
CA SER B 51 -14.38 31.41 -42.67
C SER B 51 -13.85 32.77 -43.11
N ASP B 52 -13.07 33.44 -42.27
CA ASP B 52 -12.50 34.75 -42.60
C ASP B 52 -11.05 34.76 -42.17
N PRO B 53 -10.11 34.62 -43.13
CA PRO B 53 -8.69 34.64 -42.76
C PRO B 53 -8.17 36.02 -42.40
N LYS B 54 -8.93 37.08 -42.67
CA LYS B 54 -8.47 38.44 -42.34
C LYS B 54 -8.34 38.63 -40.84
N GLN B 55 -9.12 37.91 -40.04
CA GLN B 55 -9.04 38.04 -38.60
C GLN B 55 -7.75 37.44 -38.04
N LEU B 56 -7.13 36.51 -38.76
CA LEU B 56 -5.91 35.86 -38.31
C LEU B 56 -4.64 36.53 -38.83
N GLU B 57 -4.72 37.26 -39.94
CA GLU B 57 -3.53 37.88 -40.51
C GLU B 57 -2.97 38.99 -39.62
N THR B 58 -3.75 39.49 -38.66
CA THR B 58 -3.23 40.48 -37.73
C THR B 58 -2.12 39.90 -36.87
N GLU B 59 -2.29 38.66 -36.41
CA GLU B 59 -1.27 37.95 -35.62
C GLU B 59 -1.31 36.48 -36.03
N PRO B 60 -0.64 36.13 -37.13
CA PRO B 60 -0.70 34.75 -37.61
C PRO B 60 -0.06 33.74 -36.68
N ASP B 61 1.00 34.12 -35.96
CA ASP B 61 1.70 33.19 -35.09
C ASP B 61 0.84 32.90 -33.86
N LEU B 62 0.39 31.65 -33.73
CA LEU B 62 -0.41 31.22 -32.59
C LEU B 62 0.53 30.58 -31.56
N PHE B 63 0.63 31.22 -30.40
CA PHE B 63 1.54 30.75 -29.37
C PHE B 63 1.09 31.31 -28.03
N ILE B 64 1.69 30.79 -26.95
CA ILE B 64 1.44 31.26 -25.59
C ILE B 64 2.79 31.59 -24.99
N ARG B 65 3.04 32.87 -24.73
CA ARG B 65 4.33 33.34 -24.23
C ARG B 65 4.22 33.68 -22.75
N ILE B 66 5.16 33.15 -21.96
CA ILE B 66 5.23 33.40 -20.53
C ILE B 66 6.53 34.13 -20.25
N THR B 67 6.44 35.32 -19.67
CA THR B 67 7.59 36.17 -19.42
C THR B 67 7.73 36.45 -17.92
N PRO B 68 8.63 35.74 -17.23
CA PRO B 68 8.89 36.07 -15.82
C PRO B 68 9.84 37.25 -15.70
N LYS B 69 9.54 38.14 -14.76
CA LYS B 69 10.33 39.35 -14.54
C LYS B 69 10.68 39.45 -13.06
N PRO B 70 11.88 39.00 -12.66
CA PRO B 70 12.28 39.14 -11.25
C PRO B 70 12.59 40.57 -10.84
N GLU B 71 12.97 41.43 -11.79
CA GLU B 71 13.24 42.83 -11.48
C GLU B 71 11.98 43.65 -11.22
N GLU B 72 10.80 43.11 -11.53
CA GLU B 72 9.55 43.80 -11.31
C GLU B 72 8.52 42.97 -10.56
N LYS B 73 8.81 41.68 -10.29
CA LYS B 73 7.87 40.79 -9.59
C LYS B 73 6.54 40.70 -10.33
N VAL B 74 6.60 40.60 -11.65
CA VAL B 74 5.42 40.51 -12.50
C VAL B 74 5.58 39.31 -13.42
N LEU B 75 4.58 38.44 -13.45
CA LEU B 75 4.56 37.28 -14.33
C LEU B 75 3.59 37.56 -15.47
N GLU B 76 4.14 37.75 -16.67
CA GLU B 76 3.34 38.07 -17.84
C GLU B 76 3.06 36.81 -18.64
N ILE B 77 1.81 36.64 -19.07
CA ILE B 77 1.39 35.51 -19.89
C ILE B 77 0.69 36.08 -21.11
N ARG B 78 1.37 36.02 -22.25
CA ARG B 78 0.85 36.58 -23.49
C ARG B 78 0.31 35.48 -24.38
N ASP B 79 -0.83 35.75 -25.01
CA ASP B 79 -1.45 34.82 -25.95
C ASP B 79 -1.95 35.60 -27.16
N SER B 80 -1.95 34.93 -28.31
CA SER B 80 -2.37 35.55 -29.57
C SER B 80 -3.78 35.12 -29.95
N GLY B 81 -4.67 34.94 -28.97
CA GLY B 81 -6.01 34.48 -29.23
C GLY B 81 -6.91 35.51 -29.87
N ILE B 82 -8.23 35.33 -29.73
CA ILE B 82 -9.18 36.24 -30.34
C ILE B 82 -9.19 37.59 -29.61
N GLY B 83 -8.86 37.59 -28.32
CA GLY B 83 -8.91 38.79 -27.53
C GLY B 83 -10.30 39.09 -27.01
N MET B 84 -10.36 40.08 -26.12
CA MET B 84 -11.61 40.49 -25.48
C MET B 84 -11.86 41.97 -25.76
N THR B 85 -13.09 42.29 -26.12
CA THR B 85 -13.47 43.67 -26.37
C THR B 85 -13.77 44.38 -25.04
N LYS B 86 -14.13 45.66 -25.13
CA LYS B 86 -14.48 46.41 -23.93
C LYS B 86 -15.73 45.85 -23.27
N ALA B 87 -16.72 45.47 -24.08
CA ALA B 87 -17.94 44.88 -23.53
C ALA B 87 -17.68 43.50 -22.95
N GLU B 88 -16.72 42.75 -23.51
CA GLU B 88 -16.42 41.42 -22.99
C GLU B 88 -15.61 41.47 -21.71
N LEU B 89 -14.75 42.48 -21.56
CA LEU B 89 -13.96 42.59 -20.33
C LEU B 89 -14.83 42.92 -19.13
N ILE B 90 -15.94 43.64 -19.33
CA ILE B 90 -16.82 43.99 -18.23
C ILE B 90 -17.94 42.97 -18.01
N ASN B 91 -18.20 42.10 -18.99
CA ASN B 91 -19.26 41.11 -18.89
C ASN B 91 -18.73 39.69 -18.70
N ASN B 92 -17.77 39.27 -19.54
CA ASN B 92 -17.23 37.92 -19.41
C ASN B 92 -16.18 37.84 -18.31
N LEU B 93 -15.33 38.85 -18.19
CA LEU B 93 -14.25 38.84 -17.22
C LEU B 93 -14.62 39.50 -15.91
N GLY B 94 -15.67 40.33 -15.88
CA GLY B 94 -16.04 41.06 -14.69
C GLY B 94 -17.18 40.45 -13.90
N THR B 95 -17.84 39.45 -14.47
CA THR B 95 -18.99 38.80 -13.85
C THR B 95 -18.60 37.39 -13.41
N ILE B 96 -18.86 37.08 -12.14
CA ILE B 96 -18.55 35.76 -11.61
C ILE B 96 -19.46 34.73 -12.24
N ALA B 97 -18.92 33.54 -12.50
CA ALA B 97 -19.63 32.40 -13.10
C ALA B 97 -20.12 32.68 -14.51
N LYS B 98 -19.64 33.75 -15.14
CA LYS B 98 -19.95 34.06 -16.53
C LYS B 98 -18.83 33.51 -17.41
N SER B 99 -19.15 32.49 -18.20
CA SER B 99 -18.16 31.80 -19.02
C SER B 99 -18.47 32.10 -20.49
N GLY B 100 -17.76 33.09 -21.05
CA GLY B 100 -17.90 33.39 -22.47
C GLY B 100 -17.41 32.28 -23.37
N THR B 101 -16.53 31.42 -22.87
CA THR B 101 -16.06 30.29 -23.67
C THR B 101 -17.17 29.26 -23.87
N LYS B 102 -17.95 28.98 -22.82
CA LYS B 102 -19.05 28.04 -22.95
C LYS B 102 -20.14 28.59 -23.86
N ALA B 103 -20.37 29.91 -23.82
CA ALA B 103 -21.34 30.52 -24.72
C ALA B 103 -20.90 30.42 -26.17
N PHE B 104 -19.59 30.49 -26.43
CA PHE B 104 -19.11 30.32 -27.79
C PHE B 104 -19.27 28.89 -28.28
N MET B 105 -19.16 27.91 -27.37
CA MET B 105 -19.37 26.52 -27.76
C MET B 105 -20.81 26.26 -28.16
N GLU B 106 -21.76 26.84 -27.43
CA GLU B 106 -23.17 26.65 -27.74
C GLU B 106 -23.58 27.36 -29.03
N ALA B 107 -22.80 28.34 -29.47
CA ALA B 107 -23.08 29.07 -30.70
C ALA B 107 -22.40 28.45 -31.92
N LEU B 108 -21.70 27.33 -31.76
CA LEU B 108 -21.04 26.68 -32.88
C LEU B 108 -22.06 26.01 -33.79
N SER B 109 -21.72 25.90 -35.08
CA SER B 109 -22.59 25.27 -36.05
C SER B 109 -22.57 23.75 -35.87
N ALA B 110 -23.54 23.10 -36.49
CA ALA B 110 -23.64 21.64 -36.43
C ALA B 110 -22.49 21.01 -37.21
N GLY B 111 -21.68 20.21 -36.53
CA GLY B 111 -20.54 19.56 -37.15
C GLY B 111 -19.20 20.19 -36.89
N ALA B 112 -19.09 21.07 -35.90
CA ALA B 112 -17.83 21.71 -35.59
C ALA B 112 -16.86 20.71 -34.95
N ASP B 113 -15.57 21.03 -35.04
CA ASP B 113 -14.51 20.19 -34.49
C ASP B 113 -13.60 20.97 -33.57
N VAL B 114 -14.16 21.94 -32.84
CA VAL B 114 -13.40 22.79 -31.93
C VAL B 114 -13.96 22.57 -30.54
N SER B 115 -13.22 21.82 -29.71
CA SER B 115 -13.61 21.56 -28.34
C SER B 115 -12.80 22.44 -27.40
N MET B 116 -13.48 23.14 -26.51
CA MET B 116 -12.85 24.04 -25.54
C MET B 116 -13.06 23.52 -24.14
N ILE B 117 -12.32 24.11 -23.20
CA ILE B 117 -12.29 23.64 -21.82
C ILE B 117 -13.11 24.58 -20.94
N GLY B 118 -13.17 25.85 -21.31
CA GLY B 118 -13.88 26.84 -20.52
C GLY B 118 -15.38 26.62 -20.48
N GLN B 119 -15.89 26.21 -19.31
CA GLN B 119 -17.32 25.98 -19.16
C GLN B 119 -17.88 26.48 -17.84
N PHE B 120 -17.06 26.77 -16.83
CA PHE B 120 -17.56 27.20 -15.53
C PHE B 120 -17.66 28.72 -15.44
N GLY B 121 -16.55 29.43 -15.62
CA GLY B 121 -16.53 30.88 -15.53
C GLY B 121 -15.90 31.45 -14.28
N VAL B 122 -15.20 30.63 -13.48
CA VAL B 122 -14.55 31.11 -12.27
C VAL B 122 -13.07 30.75 -12.24
N GLY B 123 -12.54 30.14 -13.31
CA GLY B 123 -11.15 29.75 -13.31
C GLY B 123 -10.20 30.94 -13.40
N PHE B 124 -10.68 32.05 -13.96
CA PHE B 124 -9.83 33.23 -14.09
C PHE B 124 -9.47 33.80 -12.71
N TYR B 125 -10.41 33.77 -11.78
CA TYR B 125 -10.19 34.31 -10.44
C TYR B 125 -9.17 33.52 -9.63
N SER B 126 -8.73 32.36 -10.13
CA SER B 126 -7.77 31.54 -9.41
C SER B 126 -6.37 32.16 -9.39
N LEU B 127 -6.10 33.13 -10.27
CA LEU B 127 -4.76 33.72 -10.31
C LEU B 127 -4.43 34.54 -9.07
N PHE B 128 -5.45 34.99 -8.34
CA PHE B 128 -5.23 35.80 -7.15
C PHE B 128 -4.72 34.99 -5.96
N LEU B 129 -4.56 33.67 -6.10
CA LEU B 129 -3.99 32.88 -5.02
C LEU B 129 -2.52 33.22 -4.77
N VAL B 130 -1.80 33.62 -5.81
CA VAL B 130 -0.39 33.96 -5.71
C VAL B 130 -0.10 35.41 -6.07
N ALA B 131 -1.11 36.17 -6.50
CA ALA B 131 -0.92 37.56 -6.88
C ALA B 131 -1.91 38.43 -6.11
N ASP B 132 -1.51 39.69 -5.91
CA ASP B 132 -2.35 40.67 -5.22
C ASP B 132 -3.21 41.46 -6.20
N ARG B 133 -2.61 41.97 -7.27
CA ARG B 133 -3.34 42.71 -8.29
C ARG B 133 -2.95 42.18 -9.67
N VAL B 134 -3.92 42.20 -10.57
CA VAL B 134 -3.71 41.73 -11.94
C VAL B 134 -3.93 42.90 -12.89
N GLN B 135 -3.20 42.86 -14.01
CA GLN B 135 -3.29 43.89 -15.06
C GLN B 135 -3.46 43.16 -16.39
N VAL B 136 -4.71 42.96 -16.79
CA VAL B 136 -5.04 42.23 -18.01
C VAL B 136 -5.06 43.22 -19.17
N ILE B 137 -4.21 42.99 -20.16
CA ILE B 137 -4.13 43.83 -21.36
C ILE B 137 -4.72 43.03 -22.50
N SER B 138 -5.85 43.47 -23.02
CA SER B 138 -6.56 42.78 -24.09
C SER B 138 -6.61 43.64 -25.34
N LYS B 139 -6.75 42.97 -26.49
CA LYS B 139 -6.83 43.65 -27.77
C LYS B 139 -7.56 42.74 -28.75
N ASN B 140 -8.71 43.19 -29.23
CA ASN B 140 -9.51 42.44 -30.19
C ASN B 140 -9.51 43.15 -31.54
N ASN B 141 -9.95 42.41 -32.57
CA ASN B 141 -9.96 42.98 -33.92
C ASN B 141 -11.08 44.00 -34.09
N GLU B 142 -12.23 43.79 -33.44
CA GLU B 142 -13.38 44.69 -33.57
C GLU B 142 -13.46 45.70 -32.43
N ASP B 143 -12.37 45.93 -31.72
CA ASP B 143 -12.34 46.89 -30.63
C ASP B 143 -10.91 47.39 -30.46
N GLU B 144 -10.72 48.28 -29.48
CA GLU B 144 -9.42 48.86 -29.20
C GLU B 144 -8.73 48.10 -28.07
N GLN B 145 -7.52 48.53 -27.75
CA GLN B 145 -6.73 47.91 -26.70
C GLN B 145 -7.07 48.55 -25.36
N TYR B 146 -7.47 47.73 -24.38
CA TYR B 146 -7.89 48.19 -23.08
C TYR B 146 -7.09 47.49 -21.99
N ILE B 147 -7.20 48.01 -20.77
CA ILE B 147 -6.52 47.47 -19.60
C ILE B 147 -7.58 47.05 -18.59
N TRP B 148 -7.44 45.85 -18.05
CA TRP B 148 -8.35 45.33 -17.02
C TRP B 148 -7.52 45.12 -15.75
N GLU B 149 -7.61 46.08 -14.83
CA GLU B 149 -6.84 46.07 -13.59
C GLU B 149 -7.77 45.84 -12.42
N SER B 150 -7.39 44.91 -11.54
CA SER B 150 -8.17 44.60 -10.35
C SER B 150 -7.26 44.03 -9.28
N ASN B 151 -7.41 44.50 -8.04
CA ASN B 151 -6.59 44.07 -6.92
C ASN B 151 -7.33 43.07 -6.03
N ALA B 152 -8.17 42.22 -6.61
CA ALA B 152 -8.93 41.20 -5.88
C ALA B 152 -9.78 41.81 -4.78
N GLY B 153 -10.29 43.02 -5.00
CA GLY B 153 -11.11 43.69 -4.02
C GLY B 153 -12.60 43.51 -4.27
N GLY B 154 -13.29 44.60 -4.59
CA GLY B 154 -14.71 44.55 -4.86
C GLY B 154 -15.09 45.08 -6.23
N SER B 155 -14.21 45.87 -6.83
CA SER B 155 -14.46 46.46 -8.12
C SER B 155 -13.20 46.38 -8.97
N PHE B 156 -13.38 46.55 -10.28
CA PHE B 156 -12.30 46.53 -11.24
C PHE B 156 -12.36 47.77 -12.11
N THR B 157 -11.20 48.16 -12.65
CA THR B 157 -11.07 49.37 -13.46
C THR B 157 -10.73 48.99 -14.89
N VAL B 158 -11.48 49.54 -15.84
CA VAL B 158 -11.25 49.34 -17.26
C VAL B 158 -10.81 50.67 -17.86
N THR B 159 -9.59 50.70 -18.40
CA THR B 159 -9.00 51.92 -18.95
C THR B 159 -8.45 51.65 -20.33
N LEU B 160 -8.64 52.61 -21.24
CA LEU B 160 -8.09 52.51 -22.57
C LEU B 160 -6.56 52.47 -22.52
N ASP B 161 -5.98 51.42 -23.08
CA ASP B 161 -4.52 51.24 -23.03
C ASP B 161 -3.84 52.31 -23.89
N GLU B 162 -3.07 53.17 -23.25
CA GLU B 162 -2.34 54.23 -23.94
C GLU B 162 -0.89 54.32 -23.49
N VAL B 163 -0.42 53.41 -22.65
CA VAL B 163 0.94 53.45 -22.15
C VAL B 163 1.72 52.17 -22.43
N ASN B 164 1.05 51.03 -22.62
CA ASN B 164 1.74 49.77 -22.86
C ASN B 164 2.06 49.61 -24.34
N GLU B 165 2.66 48.48 -24.68
CA GLU B 165 3.04 48.20 -26.06
C GLU B 165 1.80 47.91 -26.91
N ARG B 166 1.91 48.24 -28.20
CA ARG B 166 0.83 48.01 -29.15
C ARG B 166 0.92 46.57 -29.67
N ILE B 167 -0.01 45.73 -29.25
CA ILE B 167 -0.06 44.33 -29.67
C ILE B 167 -1.06 44.19 -30.81
N GLY B 168 -0.83 43.20 -31.66
CA GLY B 168 -1.70 42.96 -32.79
C GLY B 168 -3.05 42.40 -32.39
N ARG B 169 -3.06 41.23 -31.77
CA ARG B 169 -4.30 40.58 -31.35
C ARG B 169 -3.97 39.57 -30.25
N GLY B 170 -4.85 39.49 -29.25
CA GLY B 170 -4.71 38.54 -28.17
C GLY B 170 -4.98 39.21 -26.85
N THR B 171 -4.44 38.61 -25.78
CA THR B 171 -4.64 39.11 -24.43
C THR B 171 -3.36 38.91 -23.63
N VAL B 172 -2.94 39.95 -22.91
CA VAL B 172 -1.76 39.92 -22.07
C VAL B 172 -2.21 40.04 -20.62
N LEU B 173 -1.68 39.17 -19.76
CA LEU B 173 -2.04 39.14 -18.34
C LEU B 173 -0.78 39.40 -17.52
N ARG B 174 -0.77 40.52 -16.81
CA ARG B 174 0.35 40.90 -15.94
C ARG B 174 -0.07 40.62 -14.50
N LEU B 175 0.53 39.59 -13.91
CA LEU B 175 0.21 39.16 -12.55
C LEU B 175 1.27 39.70 -11.60
N PHE B 176 0.86 40.59 -10.70
CA PHE B 176 1.75 41.12 -9.66
C PHE B 176 1.76 40.13 -8.50
N LEU B 177 2.70 39.19 -8.55
CA LEU B 177 2.76 38.13 -7.55
C LEU B 177 3.09 38.70 -6.18
N LYS B 178 2.71 37.94 -5.15
CA LYS B 178 2.94 38.36 -3.77
C LYS B 178 4.43 38.27 -3.43
N ASP B 179 4.79 38.87 -2.29
CA ASP B 179 6.17 38.83 -1.85
C ASP B 179 6.59 37.44 -1.41
N ASP B 180 5.64 36.64 -0.91
CA ASP B 180 5.92 35.27 -0.51
C ASP B 180 5.65 34.25 -1.60
N GLN B 181 5.09 34.68 -2.73
CA GLN B 181 4.82 33.80 -3.86
C GLN B 181 5.78 34.04 -5.03
N LEU B 182 6.96 34.58 -4.74
CA LEU B 182 7.95 34.86 -5.79
C LEU B 182 8.56 33.58 -6.36
N GLU B 183 8.23 32.41 -5.82
CA GLU B 183 8.79 31.17 -6.33
C GLU B 183 8.31 30.88 -7.75
N TYR B 184 7.14 31.38 -8.12
CA TYR B 184 6.59 31.16 -9.45
C TYR B 184 7.24 32.01 -10.52
N LEU B 185 8.27 32.80 -10.17
CA LEU B 185 9.03 33.57 -11.14
C LEU B 185 10.31 32.86 -11.57
N GLU B 186 10.61 31.71 -10.98
CA GLU B 186 11.81 30.95 -11.32
C GLU B 186 11.55 30.02 -12.49
N GLU B 187 12.64 29.58 -13.12
CA GLU B 187 12.52 28.70 -14.28
C GLU B 187 12.03 27.31 -13.87
N LYS B 188 12.47 26.83 -12.70
CA LYS B 188 12.13 25.48 -12.28
C LYS B 188 10.63 25.34 -11.99
N ARG B 189 10.07 26.30 -11.25
CA ARG B 189 8.67 26.19 -10.84
C ARG B 189 7.73 26.35 -12.03
N ILE B 190 8.09 27.21 -12.98
CA ILE B 190 7.24 27.41 -14.17
C ILE B 190 7.21 26.15 -15.02
N LYS B 191 8.37 25.53 -15.24
CA LYS B 191 8.43 24.31 -16.03
C LYS B 191 7.75 23.15 -15.33
N GLU B 192 7.73 23.16 -13.99
CA GLU B 192 7.10 22.07 -13.25
C GLU B 192 5.59 22.06 -13.43
N VAL B 193 4.96 23.24 -13.39
CA VAL B 193 3.51 23.30 -13.49
C VAL B 193 3.05 22.94 -14.90
N ILE B 194 3.77 23.41 -15.91
CA ILE B 194 3.41 23.08 -17.30
C ILE B 194 3.62 21.59 -17.56
N LYS B 195 4.71 21.02 -17.05
CA LYS B 195 4.93 19.59 -17.20
C LYS B 195 3.86 18.78 -16.47
N ARG B 196 3.23 19.36 -15.46
CA ARG B 196 2.23 18.68 -14.65
C ARG B 196 0.81 18.86 -15.18
N HIS B 197 0.46 20.07 -15.62
CA HIS B 197 -0.91 20.39 -15.98
C HIS B 197 -1.10 20.76 -17.44
N SER B 198 -0.14 21.43 -18.07
CA SER B 198 -0.33 21.91 -19.43
C SER B 198 0.74 21.34 -20.37
N GLU B 199 0.99 20.04 -20.28
CA GLU B 199 2.06 19.42 -21.07
C GLU B 199 1.62 19.14 -22.51
N PHE B 200 0.34 18.88 -22.74
CA PHE B 200 -0.17 18.49 -24.04
C PHE B 200 -1.12 19.54 -24.61
N VAL B 201 -0.73 20.81 -24.50
CA VAL B 201 -1.50 21.88 -25.10
C VAL B 201 -1.31 21.87 -26.61
N ALA B 202 -2.41 22.07 -27.35
CA ALA B 202 -2.36 22.06 -28.80
C ALA B 202 -1.58 23.22 -29.38
N TYR B 203 -1.24 24.23 -28.58
CA TYR B 203 -0.50 25.39 -29.06
C TYR B 203 0.83 25.51 -28.33
N PRO B 204 1.89 25.94 -29.01
CA PRO B 204 3.21 25.98 -28.37
C PRO B 204 3.27 27.01 -27.25
N ILE B 205 3.73 26.56 -26.09
CA ILE B 205 3.89 27.42 -24.92
C ILE B 205 5.33 27.89 -24.87
N GLN B 206 5.54 29.20 -24.94
CA GLN B 206 6.87 29.80 -24.96
C GLN B 206 7.19 30.39 -23.60
N LEU B 207 8.40 30.13 -23.11
CA LEU B 207 8.88 30.66 -21.84
C LEU B 207 10.17 31.43 -22.09
N LEU B 208 10.20 32.68 -21.65
CA LEU B 208 11.37 33.54 -21.83
C LEU B 208 12.38 33.20 -20.74
N VAL B 209 13.40 32.42 -21.10
CA VAL B 209 14.44 32.00 -20.19
C VAL B 209 15.68 32.85 -20.42
N THR B 210 16.23 33.41 -19.34
CA THR B 210 17.42 34.24 -19.43
C THR B 210 18.67 33.37 -19.27
N LYS B 211 19.71 33.70 -20.04
CA LYS B 211 20.96 32.94 -20.01
C LYS B 211 22.06 33.74 -19.34
N VAL B 260 21.15 37.72 -22.32
CA VAL B 260 20.77 36.71 -23.29
C VAL B 260 19.47 36.02 -22.88
N GLN B 261 18.40 36.30 -23.60
CA GLN B 261 17.08 35.74 -23.32
C GLN B 261 16.66 34.84 -24.47
N GLU B 262 16.19 33.64 -24.15
CA GLU B 262 15.77 32.67 -25.14
C GLU B 262 14.32 32.24 -24.89
N LEU B 263 13.71 31.67 -25.92
CA LEU B 263 12.33 31.20 -25.86
C LEU B 263 12.33 29.68 -25.75
N GLU B 264 11.79 29.17 -24.64
CA GLU B 264 11.76 27.74 -24.36
C GLU B 264 10.37 27.19 -24.61
N GLU B 265 10.28 26.17 -25.46
CA GLU B 265 9.02 25.50 -25.74
C GLU B 265 8.79 24.40 -24.71
N LEU B 266 7.73 24.55 -23.93
CA LEU B 266 7.43 23.65 -22.82
C LEU B 266 6.48 22.52 -23.19
N ASN B 267 5.93 22.52 -24.41
CA ASN B 267 4.98 21.52 -24.85
C ASN B 267 5.37 20.97 -26.21
N LYS B 268 6.66 20.63 -26.36
CA LYS B 268 7.14 20.06 -27.62
C LYS B 268 6.44 18.75 -27.94
N THR B 269 6.15 17.95 -26.92
CA THR B 269 5.48 16.67 -27.12
C THR B 269 3.99 16.89 -27.34
N LYS B 270 3.46 16.34 -28.44
CA LYS B 270 2.05 16.47 -28.76
C LYS B 270 1.28 15.22 -28.34
N PRO B 271 0.04 15.37 -27.90
CA PRO B 271 -0.75 14.19 -27.49
C PRO B 271 -1.12 13.34 -28.69
N LEU B 272 -1.03 12.02 -28.49
CA LEU B 272 -1.30 11.06 -29.56
C LEU B 272 -2.72 10.53 -29.55
N TRP B 273 -3.52 10.85 -28.53
CA TRP B 273 -4.88 10.35 -28.48
C TRP B 273 -5.81 11.03 -29.48
N THR B 274 -5.39 12.14 -30.07
CA THR B 274 -6.19 12.80 -31.10
C THR B 274 -6.06 12.17 -32.47
N ARG B 275 -5.15 11.21 -32.63
CA ARG B 275 -4.92 10.53 -33.89
C ARG B 275 -5.31 9.06 -33.77
N ASN B 276 -5.45 8.41 -34.92
CA ASN B 276 -5.76 6.99 -34.94
C ASN B 276 -4.52 6.16 -34.60
N PRO B 277 -4.71 5.02 -33.95
CA PRO B 277 -3.55 4.19 -33.58
C PRO B 277 -2.81 3.59 -34.77
N SER B 278 -3.39 3.63 -35.97
CA SER B 278 -2.73 3.04 -37.14
C SER B 278 -1.66 3.97 -37.70
N ASP B 279 -1.94 5.27 -37.77
CA ASP B 279 -0.98 6.22 -38.32
C ASP B 279 0.18 6.53 -37.39
N ILE B 280 0.08 6.15 -36.12
CA ILE B 280 1.15 6.43 -35.16
C ILE B 280 2.21 5.34 -35.25
N THR B 281 3.46 5.76 -35.39
CA THR B 281 4.57 4.82 -35.52
C THR B 281 5.02 4.36 -34.12
N GLN B 282 6.14 3.65 -34.07
CA GLN B 282 6.63 3.15 -32.79
C GLN B 282 7.42 4.21 -32.03
N GLU B 283 8.24 4.99 -32.74
CA GLU B 283 9.04 6.02 -32.08
C GLU B 283 8.16 7.11 -31.47
N GLU B 284 6.98 7.36 -32.05
CA GLU B 284 6.07 8.34 -31.47
C GLU B 284 5.50 7.85 -30.14
N TYR B 285 5.20 6.56 -30.04
CA TYR B 285 4.74 6.00 -28.78
C TYR B 285 5.86 6.00 -27.74
N ASN B 286 7.11 5.84 -28.17
CA ASN B 286 8.23 5.85 -27.23
C ASN B 286 8.42 7.25 -26.65
N ALA B 287 8.38 8.28 -27.49
CA ALA B 287 8.50 9.64 -27.00
C ALA B 287 7.32 10.04 -26.13
N PHE B 288 6.13 9.52 -26.43
CA PHE B 288 4.96 9.82 -25.62
C PHE B 288 5.07 9.17 -24.24
N TYR B 289 5.61 7.95 -24.19
CA TYR B 289 5.79 7.27 -22.90
C TYR B 289 6.83 7.97 -22.05
N LYS B 290 7.90 8.45 -22.67
CA LYS B 290 8.94 9.18 -21.94
C LYS B 290 8.48 10.55 -21.48
N SER B 291 7.37 11.06 -22.01
CA SER B 291 6.83 12.35 -21.61
C SER B 291 5.83 12.22 -20.47
N ILE B 292 4.97 11.19 -20.51
CA ILE B 292 3.99 11.02 -19.44
C ILE B 292 4.63 10.44 -18.19
N SER B 293 5.71 9.68 -18.34
CA SER B 293 6.40 9.07 -17.21
C SER B 293 7.88 9.42 -17.25
N ASN B 294 8.50 9.40 -16.07
CA ASN B 294 9.92 9.71 -15.95
C ASN B 294 10.83 8.54 -16.32
N ASP B 295 10.28 7.48 -16.91
CA ASP B 295 11.07 6.33 -17.28
C ASP B 295 12.00 6.66 -18.45
N TRP B 296 13.15 6.00 -18.48
CA TRP B 296 14.14 6.23 -19.53
C TRP B 296 14.07 5.21 -20.66
N GLU B 297 13.53 4.02 -20.41
CA GLU B 297 13.48 2.97 -21.41
C GLU B 297 12.21 3.08 -22.25
N ASP B 298 12.25 2.45 -23.42
CA ASP B 298 11.10 2.45 -24.31
C ASP B 298 10.03 1.52 -23.76
N PRO B 299 8.75 1.81 -24.04
CA PRO B 299 7.68 0.92 -23.59
C PRO B 299 7.71 -0.39 -24.35
N LEU B 300 7.52 -1.50 -23.61
CA LEU B 300 7.56 -2.81 -24.23
C LEU B 300 6.38 -3.03 -25.16
N TYR B 301 5.19 -2.59 -24.75
CA TYR B 301 3.99 -2.74 -25.56
C TYR B 301 3.10 -1.52 -25.36
N VAL B 302 2.33 -1.18 -26.39
CA VAL B 302 1.43 -0.04 -26.37
C VAL B 302 0.06 -0.50 -26.84
N LYS B 303 -0.98 -0.11 -26.11
CA LYS B 303 -2.36 -0.49 -26.44
C LYS B 303 -3.19 0.80 -26.53
N HIS B 304 -3.47 1.24 -27.75
CA HIS B 304 -4.26 2.44 -27.99
C HIS B 304 -5.61 2.02 -28.56
N PHE B 305 -6.67 2.26 -27.79
CA PHE B 305 -8.02 1.92 -28.21
C PHE B 305 -8.93 3.13 -27.99
N SER B 306 -10.13 3.04 -28.54
CA SER B 306 -11.12 4.11 -28.42
C SER B 306 -12.51 3.50 -28.33
N VAL B 307 -13.30 4.00 -27.38
CA VAL B 307 -14.67 3.52 -27.16
C VAL B 307 -15.63 4.67 -27.47
N GLU B 308 -16.76 4.35 -28.09
CA GLU B 308 -17.77 5.32 -28.44
C GLU B 308 -19.12 4.86 -27.90
N GLY B 309 -20.11 5.74 -28.03
CA GLY B 309 -21.46 5.44 -27.59
C GLY B 309 -21.91 6.24 -26.39
N GLN B 310 -22.39 5.54 -25.35
CA GLN B 310 -22.87 6.23 -24.16
C GLN B 310 -21.73 6.88 -23.38
N LEU B 311 -20.52 6.36 -23.51
CA LEU B 311 -19.35 6.88 -22.81
C LEU B 311 -18.15 6.80 -23.74
N GLU B 312 -17.62 7.94 -24.14
CA GLU B 312 -16.49 8.02 -25.06
C GLU B 312 -15.22 8.39 -24.29
N PHE B 313 -14.13 7.68 -24.57
CA PHE B 313 -12.85 7.96 -23.96
C PHE B 313 -11.76 7.29 -24.77
N ARG B 314 -10.63 7.97 -24.91
CA ARG B 314 -9.48 7.47 -25.66
C ARG B 314 -8.33 7.25 -24.69
N ALA B 315 -7.91 6.00 -24.56
CA ALA B 315 -6.87 5.60 -23.61
C ALA B 315 -5.69 5.00 -24.37
N ILE B 316 -4.49 5.50 -24.06
CA ILE B 316 -3.24 4.97 -24.60
C ILE B 316 -2.47 4.38 -23.43
N LEU B 317 -2.41 3.05 -23.36
CA LEU B 317 -1.80 2.34 -22.25
C LEU B 317 -0.49 1.71 -22.71
N PHE B 318 0.57 1.96 -21.93
CA PHE B 318 1.90 1.45 -22.23
C PHE B 318 2.30 0.39 -21.21
N ILE B 319 3.14 -0.55 -21.64
CA ILE B 319 3.68 -1.60 -20.80
C ILE B 319 5.19 -1.40 -20.71
N PRO B 320 5.74 -1.14 -19.53
CA PRO B 320 7.20 -0.93 -19.42
C PRO B 320 7.97 -2.21 -19.67
N LYS B 321 9.29 -2.07 -19.70
CA LYS B 321 10.17 -3.22 -19.89
C LYS B 321 10.35 -4.02 -18.61
N ARG B 322 10.30 -3.36 -17.45
CA ARG B 322 10.51 -4.01 -16.16
C ARG B 322 9.41 -3.58 -15.19
N ALA B 323 9.22 -4.39 -14.15
CA ALA B 323 8.20 -4.09 -13.16
C ALA B 323 8.66 -2.93 -12.27
N PRO B 324 7.85 -1.89 -12.13
CA PRO B 324 8.24 -0.74 -11.27
C PRO B 324 8.06 -1.03 -9.79
N PHE B 325 8.86 -1.95 -9.28
CA PHE B 325 8.80 -2.34 -7.88
C PHE B 325 9.95 -1.71 -7.09
N ASN B 335 -0.99 5.74 -8.31
CA ASN B 335 -1.52 5.37 -9.62
C ASN B 335 -0.67 5.98 -10.73
N ASN B 336 -0.50 5.23 -11.82
CA ASN B 336 0.27 5.67 -12.96
C ASN B 336 -0.60 6.07 -14.15
N ILE B 337 -1.89 5.81 -14.11
CA ILE B 337 -2.79 6.13 -15.20
C ILE B 337 -3.32 7.55 -14.99
N LYS B 338 -2.93 8.46 -15.87
CA LYS B 338 -3.37 9.85 -15.78
C LYS B 338 -4.70 10.03 -16.49
N LEU B 339 -5.46 11.03 -16.04
CA LEU B 339 -6.78 11.33 -16.59
C LEU B 339 -6.74 12.74 -17.17
N TYR B 340 -7.08 12.86 -18.45
CA TYR B 340 -7.10 14.14 -19.16
C TYR B 340 -8.50 14.43 -19.68
N VAL B 341 -8.84 15.72 -19.70
CA VAL B 341 -10.12 16.18 -20.22
C VAL B 341 -9.82 17.33 -21.19
N ARG B 342 -9.86 17.04 -22.49
CA ARG B 342 -9.67 18.04 -23.53
C ARG B 342 -8.31 18.74 -23.39
N ARG B 343 -7.26 17.93 -23.47
CA ARG B 343 -5.87 18.40 -23.46
C ARG B 343 -5.52 19.10 -22.15
N VAL B 344 -6.19 18.74 -21.06
CA VAL B 344 -5.96 19.36 -19.75
C VAL B 344 -5.83 18.25 -18.72
N PHE B 345 -4.72 18.25 -17.97
CA PHE B 345 -4.53 17.27 -16.91
C PHE B 345 -5.47 17.58 -15.75
N ILE B 346 -6.12 16.54 -15.22
CA ILE B 346 -7.07 16.68 -14.13
C ILE B 346 -6.49 16.15 -12.82
N THR B 347 -6.15 14.87 -12.78
CA THR B 347 -5.64 14.23 -11.56
C THR B 347 -5.05 12.87 -11.93
N ASP B 348 -4.28 12.33 -10.99
CA ASP B 348 -3.73 10.98 -11.11
C ASP B 348 -4.03 10.13 -9.88
N GLU B 349 -4.93 10.58 -9.01
CA GLU B 349 -5.26 9.89 -7.77
C GLU B 349 -6.58 9.13 -7.88
N ALA B 350 -6.87 8.53 -9.03
CA ALA B 350 -8.07 7.74 -9.18
C ALA B 350 -8.05 6.56 -8.21
N GLU B 351 -9.16 6.37 -7.49
CA GLU B 351 -9.22 5.33 -6.48
C GLU B 351 -9.33 3.94 -7.13
N ASP B 352 -10.37 3.73 -7.93
CA ASP B 352 -10.62 2.40 -8.48
C ASP B 352 -10.66 2.41 -10.00
N LEU B 353 -9.73 3.12 -10.63
CA LEU B 353 -9.67 3.13 -12.09
C LEU B 353 -8.96 1.90 -12.64
N ILE B 354 -8.01 1.36 -11.88
CA ILE B 354 -7.23 0.20 -12.31
C ILE B 354 -6.90 -0.63 -11.06
N PRO B 355 -7.03 -1.95 -11.12
CA PRO B 355 -6.76 -2.77 -9.94
C PRO B 355 -5.30 -2.67 -9.50
N GLU B 356 -5.04 -3.16 -8.28
CA GLU B 356 -3.69 -3.12 -7.72
C GLU B 356 -2.75 -4.04 -8.48
N TRP B 357 -3.22 -5.23 -8.86
CA TRP B 357 -2.38 -6.17 -9.59
C TRP B 357 -2.08 -5.71 -11.01
N LEU B 358 -2.85 -4.77 -11.53
CA LEU B 358 -2.68 -4.28 -12.90
C LEU B 358 -1.96 -2.93 -12.95
N SER B 359 -1.60 -2.37 -11.79
CA SER B 359 -0.98 -1.05 -11.70
C SER B 359 0.44 -1.00 -12.24
N PHE B 360 0.96 -2.06 -12.86
CA PHE B 360 2.29 -2.04 -13.43
C PHE B 360 2.35 -1.32 -14.77
N VAL B 361 1.21 -1.10 -15.41
CA VAL B 361 1.17 -0.40 -16.68
C VAL B 361 1.01 1.09 -16.43
N LYS B 362 1.34 1.89 -17.45
CA LYS B 362 1.21 3.33 -17.41
C LYS B 362 0.41 3.80 -18.61
N GLY B 363 0.22 5.10 -18.72
CA GLY B 363 -0.48 5.70 -19.82
C GLY B 363 -1.44 6.77 -19.34
N VAL B 364 -2.26 7.26 -20.27
CA VAL B 364 -3.21 8.33 -20.00
C VAL B 364 -4.58 7.93 -20.55
N VAL B 365 -5.61 8.56 -20.02
CA VAL B 365 -7.00 8.33 -20.43
C VAL B 365 -7.65 9.68 -20.63
N ASP B 366 -8.00 10.00 -21.88
CA ASP B 366 -8.66 11.25 -22.21
C ASP B 366 -10.14 11.00 -22.42
N SER B 367 -10.98 11.76 -21.72
CA SER B 367 -12.42 11.66 -21.83
C SER B 367 -13.04 13.04 -21.72
N GLU B 368 -14.33 13.12 -22.06
CA GLU B 368 -15.07 14.37 -22.00
C GLU B 368 -16.34 14.29 -21.16
N ASP B 369 -16.69 13.11 -20.66
CA ASP B 369 -17.88 12.92 -19.85
C ASP B 369 -17.57 12.79 -18.37
N LEU B 370 -16.35 13.11 -17.96
CA LEU B 370 -15.99 12.99 -16.55
C LEU B 370 -16.61 14.14 -15.76
N PRO B 371 -17.29 13.85 -14.64
CA PRO B 371 -17.92 14.92 -13.86
C PRO B 371 -16.89 15.74 -13.08
N LEU B 372 -16.25 16.70 -13.76
CA LEU B 372 -15.25 17.53 -13.11
C LEU B 372 -15.89 18.43 -12.06
N ASN B 373 -15.17 18.66 -10.97
CA ASN B 373 -15.64 19.52 -9.90
C ASN B 373 -15.26 20.97 -10.21
N LEU B 374 -15.42 21.86 -9.23
CA LEU B 374 -15.12 23.27 -9.45
C LEU B 374 -13.64 23.53 -9.63
N SER B 375 -12.79 22.76 -8.94
CA SER B 375 -11.35 22.96 -9.00
C SER B 375 -10.67 22.09 -10.05
N ARG B 376 -11.40 21.13 -10.66
CA ARG B 376 -10.85 20.22 -11.66
C ARG B 376 -9.67 19.41 -11.11
N GLU B 377 -9.68 19.17 -9.80
CA GLU B 377 -8.60 18.43 -9.14
C GLU B 377 -9.00 17.00 -8.79
N MET B 378 -10.29 16.67 -8.84
CA MET B 378 -10.74 15.32 -8.52
C MET B 378 -12.08 15.08 -9.21
N LEU B 379 -12.45 13.81 -9.31
CA LEU B 379 -13.70 13.40 -9.93
C LEU B 379 -14.73 13.06 -8.86
N GLN B 380 -15.95 13.53 -9.05
CA GLN B 380 -17.03 13.23 -8.10
C GLN B 380 -17.43 11.76 -8.20
N GLN B 381 -18.08 11.29 -7.13
CA GLN B 381 -18.56 9.91 -7.10
C GLN B 381 -19.56 9.68 -8.23
N ASN B 382 -19.27 8.70 -9.08
CA ASN B 382 -20.09 8.43 -10.24
C ASN B 382 -20.09 6.93 -10.50
N LYS B 383 -20.79 6.52 -11.57
CA LYS B 383 -20.90 5.12 -11.94
C LYS B 383 -20.24 4.80 -13.28
N ILE B 384 -19.65 5.80 -13.95
CA ILE B 384 -19.02 5.57 -15.25
C ILE B 384 -17.54 5.19 -15.13
N MET B 385 -16.93 5.37 -13.96
CA MET B 385 -15.53 5.00 -13.81
C MET B 385 -15.34 3.49 -13.85
N LYS B 386 -16.29 2.74 -13.27
CA LYS B 386 -16.21 1.27 -13.33
C LYS B 386 -16.40 0.77 -14.75
N VAL B 387 -17.13 1.52 -15.58
CA VAL B 387 -17.26 1.14 -16.98
C VAL B 387 -15.93 1.29 -17.70
N ILE B 388 -15.19 2.36 -17.40
CA ILE B 388 -13.85 2.53 -17.97
C ILE B 388 -12.90 1.48 -17.42
N ARG B 389 -13.08 1.10 -16.15
CA ARG B 389 -12.22 0.09 -15.55
C ARG B 389 -12.36 -1.24 -16.27
N LYS B 390 -13.59 -1.64 -16.58
CA LYS B 390 -13.81 -2.90 -17.30
C LYS B 390 -13.21 -2.85 -18.70
N ASN B 391 -13.33 -1.70 -19.37
CA ASN B 391 -12.78 -1.57 -20.71
C ASN B 391 -11.25 -1.59 -20.69
N ILE B 392 -10.65 -0.97 -19.66
CA ILE B 392 -9.19 -1.00 -19.53
C ILE B 392 -8.70 -2.42 -19.29
N VAL B 393 -9.38 -3.16 -18.40
CA VAL B 393 -9.00 -4.53 -18.14
C VAL B 393 -9.20 -5.41 -19.37
N LYS B 394 -10.33 -5.21 -20.07
CA LYS B 394 -10.60 -6.01 -21.26
C LYS B 394 -9.56 -5.76 -22.35
N LYS B 395 -9.21 -4.49 -22.58
CA LYS B 395 -8.25 -4.18 -23.63
C LYS B 395 -6.84 -4.62 -23.25
N LEU B 396 -6.48 -4.53 -21.96
CA LEU B 396 -5.15 -4.95 -21.54
C LEU B 396 -5.01 -6.47 -21.59
N ILE B 397 -6.07 -7.20 -21.23
CA ILE B 397 -6.02 -8.66 -21.34
C ILE B 397 -5.93 -9.07 -22.80
N GLU B 398 -6.70 -8.42 -23.68
CA GLU B 398 -6.57 -8.68 -25.11
C GLU B 398 -5.20 -8.27 -25.61
N ALA B 399 -4.63 -7.19 -25.06
CA ALA B 399 -3.27 -6.82 -25.40
C ALA B 399 -2.26 -7.86 -24.92
N PHE B 400 -2.53 -8.49 -23.78
CA PHE B 400 -1.65 -9.55 -23.30
C PHE B 400 -1.70 -10.76 -24.22
N ASN B 401 -2.87 -11.05 -24.79
CA ASN B 401 -2.98 -12.15 -25.74
C ASN B 401 -2.21 -11.85 -27.02
N GLU B 402 -2.20 -10.60 -27.45
CA GLU B 402 -1.43 -10.23 -28.64
C GLU B 402 0.05 -10.38 -28.40
N ILE B 403 0.51 -10.11 -27.18
CA ILE B 403 1.92 -10.34 -26.83
C ILE B 403 2.22 -11.83 -26.81
N ALA B 404 1.26 -12.65 -26.36
CA ALA B 404 1.45 -14.09 -26.32
C ALA B 404 1.55 -14.71 -27.71
N GLU B 405 1.08 -14.02 -28.75
CA GLU B 405 1.17 -14.55 -30.10
C GLU B 405 2.62 -14.58 -30.59
N ASP B 406 3.45 -13.65 -30.10
CA ASP B 406 4.87 -13.60 -30.45
C ASP B 406 5.67 -14.14 -29.27
N SER B 407 6.31 -15.28 -29.47
CA SER B 407 7.06 -15.91 -28.38
C SER B 407 8.28 -15.07 -27.99
N GLU B 408 8.87 -14.36 -28.94
CA GLU B 408 10.05 -13.55 -28.63
C GLU B 408 9.71 -12.35 -27.75
N GLN B 409 8.54 -11.76 -27.95
CA GLN B 409 8.15 -10.61 -27.14
C GLN B 409 7.55 -11.01 -25.80
N PHE B 410 6.84 -12.14 -25.75
CA PHE B 410 6.22 -12.57 -24.50
C PHE B 410 7.25 -13.02 -23.49
N ASP B 411 8.43 -13.45 -23.94
CA ASP B 411 9.49 -13.84 -23.01
C ASP B 411 9.95 -12.66 -22.17
N LYS B 412 10.16 -11.51 -22.81
CA LYS B 412 10.53 -10.31 -22.06
C LYS B 412 9.38 -9.80 -21.20
N PHE B 413 8.14 -10.00 -21.66
CA PHE B 413 6.99 -9.58 -20.87
C PHE B 413 6.79 -10.47 -19.65
N TYR B 414 6.95 -11.78 -19.80
CA TYR B 414 6.75 -12.69 -18.69
C TYR B 414 7.89 -12.62 -17.69
N SER B 415 9.12 -12.42 -18.17
CA SER B 415 10.28 -12.36 -17.29
C SER B 415 10.26 -11.14 -16.38
N ALA B 416 9.40 -10.15 -16.65
CA ALA B 416 9.31 -8.95 -15.83
C ALA B 416 7.97 -8.77 -15.15
N PHE B 417 6.90 -9.38 -15.66
CA PHE B 417 5.56 -9.21 -15.10
C PHE B 417 4.91 -10.54 -14.79
N ALA B 418 5.71 -11.56 -14.45
CA ALA B 418 5.15 -12.85 -14.06
C ALA B 418 4.37 -12.74 -12.75
N LYS B 419 4.94 -12.03 -11.77
CA LYS B 419 4.27 -11.88 -10.48
C LYS B 419 2.95 -11.12 -10.61
N ASN B 420 2.88 -10.16 -11.53
CA ASN B 420 1.66 -9.38 -11.70
C ASN B 420 0.53 -10.24 -12.28
N ILE B 421 0.85 -11.10 -13.25
CA ILE B 421 -0.16 -11.96 -13.84
C ILE B 421 -0.64 -12.99 -12.82
N LYS B 422 0.27 -13.57 -12.06
CA LYS B 422 -0.11 -14.53 -11.03
C LYS B 422 -0.92 -13.87 -9.92
N LEU B 423 -0.62 -12.61 -9.60
CA LEU B 423 -1.40 -11.89 -8.61
C LEU B 423 -2.82 -11.62 -9.09
N GLY B 424 -3.00 -11.43 -10.39
CA GLY B 424 -4.33 -11.21 -10.93
C GLY B 424 -5.21 -12.45 -10.80
N VAL B 425 -4.63 -13.63 -11.02
CA VAL B 425 -5.37 -14.87 -10.83
C VAL B 425 -5.75 -15.05 -9.37
N HIS B 426 -4.87 -14.62 -8.45
CA HIS B 426 -5.16 -14.75 -7.03
C HIS B 426 -6.20 -13.74 -6.57
N GLU B 427 -6.14 -12.52 -7.10
CA GLU B 427 -7.04 -11.45 -6.66
C GLU B 427 -8.31 -11.39 -7.52
N ASP B 428 -8.15 -11.18 -8.82
CA ASP B 428 -9.30 -11.01 -9.70
C ASP B 428 -10.01 -12.34 -9.94
N THR B 429 -11.34 -12.29 -9.94
CA THR B 429 -12.16 -13.47 -10.17
C THR B 429 -12.96 -13.40 -11.47
N GLN B 430 -13.26 -12.20 -11.96
CA GLN B 430 -14.04 -12.08 -13.20
C GLN B 430 -13.26 -12.61 -14.39
N ASN B 431 -11.94 -12.41 -14.41
CA ASN B 431 -11.08 -12.87 -15.50
C ASN B 431 -10.02 -13.83 -14.98
N ARG B 432 -10.40 -14.69 -14.04
CA ARG B 432 -9.45 -15.66 -13.51
C ARG B 432 -9.07 -16.71 -14.55
N ALA B 433 -10.06 -17.22 -15.28
CA ALA B 433 -9.77 -18.20 -16.33
C ALA B 433 -9.07 -17.56 -17.52
N ALA B 434 -9.31 -16.27 -17.76
CA ALA B 434 -8.66 -15.60 -18.89
C ALA B 434 -7.17 -15.38 -18.62
N LEU B 435 -6.82 -14.96 -17.41
CA LEU B 435 -5.41 -14.76 -17.07
C LEU B 435 -4.66 -16.06 -16.90
N ALA B 436 -5.37 -17.19 -16.79
CA ALA B 436 -4.70 -18.49 -16.65
C ALA B 436 -3.96 -18.89 -17.91
N LYS B 437 -4.38 -18.38 -19.07
CA LYS B 437 -3.69 -18.69 -20.33
C LYS B 437 -2.31 -18.05 -20.41
N LEU B 438 -1.99 -17.10 -19.53
CA LEU B 438 -0.71 -16.43 -19.55
C LEU B 438 0.32 -17.05 -18.61
N LEU B 439 -0.08 -17.96 -17.74
CA LEU B 439 0.84 -18.57 -16.81
C LEU B 439 1.80 -19.51 -17.53
N ARG B 440 3.10 -19.31 -17.32
CA ARG B 440 4.14 -20.08 -17.98
C ARG B 440 5.10 -20.61 -16.93
N TYR B 441 5.30 -21.92 -16.91
CA TYR B 441 6.16 -22.56 -15.93
C TYR B 441 6.97 -23.66 -16.60
N ASN B 442 7.96 -24.16 -15.88
CA ASN B 442 8.76 -25.29 -16.33
C ASN B 442 8.10 -26.60 -15.91
N SER B 443 8.53 -27.69 -16.55
CA SER B 443 7.99 -29.01 -16.27
C SER B 443 9.07 -30.05 -16.52
N THR B 444 8.72 -31.31 -16.27
CA THR B 444 9.67 -32.40 -16.52
C THR B 444 9.92 -32.61 -18.01
N LYS B 445 8.95 -32.25 -18.85
CA LYS B 445 9.07 -32.38 -20.30
C LYS B 445 9.44 -31.06 -20.96
N SER B 446 9.57 -29.98 -20.19
CA SER B 446 9.87 -28.64 -20.71
C SER B 446 10.98 -28.00 -19.89
N VAL B 447 12.06 -28.75 -19.67
CA VAL B 447 13.19 -28.26 -18.87
C VAL B 447 13.99 -27.24 -19.66
N ASP B 448 13.61 -27.00 -20.91
CA ASP B 448 14.32 -26.06 -21.77
C ASP B 448 13.56 -24.77 -22.03
N GLU B 449 12.24 -24.77 -21.88
CA GLU B 449 11.45 -23.57 -22.16
C GLU B 449 10.24 -23.55 -21.24
N LEU B 450 9.68 -22.35 -21.05
CA LEU B 450 8.50 -22.17 -20.23
C LEU B 450 7.27 -22.57 -21.04
N THR B 451 6.62 -23.66 -20.63
CA THR B 451 5.43 -24.13 -21.32
C THR B 451 4.17 -23.50 -20.73
N SER B 452 3.12 -23.45 -21.54
CA SER B 452 1.86 -22.86 -21.13
C SER B 452 0.93 -23.94 -20.57
N LEU B 453 -0.14 -23.48 -19.90
CA LEU B 453 -1.13 -24.40 -19.37
C LEU B 453 -1.94 -25.04 -20.49
N THR B 454 -2.11 -24.34 -21.62
CA THR B 454 -2.81 -24.93 -22.76
C THR B 454 -2.02 -26.08 -23.36
N ASP B 455 -0.70 -25.89 -23.55
CA ASP B 455 0.14 -26.96 -24.04
C ASP B 455 0.25 -28.12 -23.06
N TYR B 456 0.04 -27.86 -21.76
CA TYR B 456 0.04 -28.93 -20.77
C TYR B 456 -1.14 -29.88 -20.98
N VAL B 457 -2.28 -29.35 -21.43
CA VAL B 457 -3.44 -30.20 -21.69
C VAL B 457 -3.28 -30.97 -22.99
N THR B 458 -2.61 -30.38 -23.98
CA THR B 458 -2.41 -31.07 -25.25
C THR B 458 -1.52 -32.30 -25.07
N ARG B 459 -0.54 -32.22 -24.18
CA ARG B 459 0.34 -33.35 -23.89
C ARG B 459 -0.24 -34.30 -22.84
N MET B 460 -1.47 -34.07 -22.39
CA MET B 460 -2.08 -34.95 -21.39
C MET B 460 -2.56 -36.23 -22.06
N PRO B 461 -2.19 -37.39 -21.54
CA PRO B 461 -2.73 -38.65 -22.06
C PRO B 461 -4.22 -38.77 -21.80
N GLU B 462 -4.83 -39.77 -22.42
CA GLU B 462 -6.27 -39.98 -22.29
C GLU B 462 -6.67 -40.48 -20.91
N HIS B 463 -5.71 -40.86 -20.06
CA HIS B 463 -6.02 -41.36 -18.73
C HIS B 463 -5.60 -40.40 -17.62
N GLN B 464 -5.07 -39.22 -17.96
CA GLN B 464 -4.70 -38.22 -16.98
C GLN B 464 -5.78 -37.14 -16.93
N LYS B 465 -6.29 -36.85 -15.73
CA LYS B 465 -7.35 -35.87 -15.55
C LYS B 465 -7.04 -34.89 -14.42
N ASN B 466 -5.77 -34.75 -14.05
CA ASN B 466 -5.37 -33.84 -12.98
C ASN B 466 -4.07 -33.15 -13.35
N ILE B 467 -4.02 -31.84 -13.14
CA ILE B 467 -2.81 -31.07 -13.41
C ILE B 467 -1.90 -31.15 -12.19
N TYR B 468 -0.77 -31.83 -12.34
CA TYR B 468 0.17 -32.02 -11.24
C TYR B 468 1.19 -30.89 -11.23
N TYR B 469 1.42 -30.32 -10.04
CA TYR B 469 2.41 -29.26 -9.87
C TYR B 469 3.11 -29.46 -8.54
N ILE B 470 4.25 -28.79 -8.38
CA ILE B 470 5.06 -28.87 -7.17
C ILE B 470 5.65 -27.51 -6.88
N THR B 471 5.67 -27.13 -5.61
CA THR B 471 6.24 -25.86 -5.16
C THR B 471 7.63 -26.08 -4.59
N GLY B 472 8.37 -24.98 -4.44
CA GLY B 472 9.71 -25.06 -3.91
C GLY B 472 10.34 -23.68 -3.87
N GLU B 473 11.60 -23.66 -3.44
CA GLU B 473 12.33 -22.40 -3.34
C GLU B 473 13.00 -22.02 -4.65
N SER B 474 13.37 -22.99 -5.48
CA SER B 474 14.04 -22.72 -6.74
C SER B 474 13.74 -23.86 -7.71
N LEU B 475 14.34 -23.78 -8.90
CA LEU B 475 14.11 -24.80 -9.92
C LEU B 475 14.88 -26.08 -9.60
N LYS B 476 16.10 -25.95 -9.05
CA LYS B 476 16.89 -27.12 -8.72
C LYS B 476 16.29 -27.95 -7.60
N ALA B 477 15.48 -27.34 -6.73
CA ALA B 477 14.88 -28.06 -5.62
C ALA B 477 13.63 -28.84 -6.04
N VAL B 478 13.05 -28.53 -7.20
CA VAL B 478 11.85 -29.21 -7.67
C VAL B 478 12.10 -30.08 -8.89
N GLU B 479 13.19 -29.86 -9.63
CA GLU B 479 13.44 -30.66 -10.83
C GLU B 479 13.89 -32.07 -10.50
N LYS B 480 14.50 -32.28 -9.33
CA LYS B 480 14.99 -33.60 -8.93
C LYS B 480 14.26 -34.13 -7.70
N SER B 481 13.11 -33.55 -7.36
CA SER B 481 12.38 -33.97 -6.17
C SER B 481 11.93 -35.42 -6.33
N PRO B 482 11.96 -36.22 -5.25
CA PRO B 482 11.54 -37.62 -5.34
C PRO B 482 10.05 -37.80 -5.60
N PHE B 483 9.24 -36.74 -5.48
CA PHE B 483 7.82 -36.85 -5.76
C PHE B 483 7.51 -36.96 -7.25
N LEU B 484 8.53 -36.83 -8.11
CA LEU B 484 8.34 -36.93 -9.55
C LEU B 484 8.53 -38.35 -10.07
N ASP B 485 9.08 -39.26 -9.25
CA ASP B 485 9.34 -40.62 -9.71
C ASP B 485 8.04 -41.35 -10.04
N ALA B 486 6.97 -41.08 -9.28
CA ALA B 486 5.70 -41.72 -9.55
C ALA B 486 5.08 -41.21 -10.85
N LEU B 487 5.10 -39.89 -11.06
CA LEU B 487 4.47 -39.33 -12.26
C LEU B 487 5.30 -39.62 -13.51
N LYS B 488 6.62 -39.71 -13.37
CA LYS B 488 7.44 -40.05 -14.54
C LYS B 488 7.26 -41.50 -14.95
N ALA B 489 6.97 -42.39 -14.01
CA ALA B 489 6.68 -43.78 -14.35
C ALA B 489 5.35 -43.90 -15.08
N LYS B 490 4.38 -43.06 -14.75
CA LYS B 490 3.08 -43.03 -15.43
C LYS B 490 3.06 -42.04 -16.58
N ASN B 491 4.20 -41.43 -16.93
CA ASN B 491 4.30 -40.46 -18.01
C ASN B 491 3.35 -39.28 -17.79
N PHE B 492 3.39 -38.73 -16.58
CA PHE B 492 2.56 -37.60 -16.20
C PHE B 492 3.44 -36.37 -16.04
N GLU B 493 3.15 -35.33 -16.81
CA GLU B 493 3.91 -34.09 -16.72
C GLU B 493 3.54 -33.33 -15.46
N VAL B 494 4.54 -32.73 -14.81
CA VAL B 494 4.36 -32.02 -13.55
C VAL B 494 4.93 -30.62 -13.70
N LEU B 495 4.13 -29.62 -13.35
CA LEU B 495 4.58 -28.23 -13.42
C LEU B 495 5.55 -27.92 -12.29
N PHE B 496 6.47 -27.00 -12.56
CA PHE B 496 7.45 -26.55 -11.59
C PHE B 496 7.13 -25.13 -11.16
N LEU B 497 7.08 -24.90 -9.85
CA LEU B 497 6.78 -23.60 -9.27
C LEU B 497 7.97 -23.13 -8.46
N THR B 498 8.57 -22.00 -8.87
CA THR B 498 9.73 -21.46 -8.20
C THR B 498 9.47 -20.18 -7.42
N ASP B 499 8.32 -19.52 -7.65
CA ASP B 499 8.01 -18.29 -6.95
C ASP B 499 7.04 -18.55 -5.80
N PRO B 500 7.14 -17.79 -4.71
CA PRO B 500 6.20 -17.98 -3.60
C PRO B 500 4.76 -17.68 -3.96
N ILE B 501 4.53 -16.77 -4.92
CA ILE B 501 3.18 -16.41 -5.32
C ILE B 501 2.55 -17.45 -6.25
N ASP B 502 3.32 -18.45 -6.68
CA ASP B 502 2.77 -19.46 -7.58
C ASP B 502 1.65 -20.26 -6.92
N GLU B 503 1.85 -20.66 -5.66
CA GLU B 503 0.82 -21.43 -4.97
C GLU B 503 -0.41 -20.58 -4.67
N TYR B 504 -0.22 -19.28 -4.45
CA TYR B 504 -1.36 -18.38 -4.22
C TYR B 504 -2.25 -18.30 -5.44
N ALA B 505 -1.68 -18.44 -6.64
CA ALA B 505 -2.49 -18.39 -7.85
C ALA B 505 -3.25 -19.69 -8.08
N PHE B 506 -2.60 -20.84 -7.86
CA PHE B 506 -3.28 -22.12 -8.02
C PHE B 506 -4.26 -22.40 -6.87
N THR B 507 -4.12 -21.71 -5.74
CA THR B 507 -5.07 -21.89 -4.65
C THR B 507 -6.44 -21.34 -5.00
N GLN B 508 -6.50 -20.30 -5.84
CA GLN B 508 -7.76 -19.70 -6.24
C GLN B 508 -8.28 -20.22 -7.57
N LEU B 509 -7.39 -20.67 -8.46
CA LEU B 509 -7.82 -21.18 -9.76
C LEU B 509 -8.55 -22.52 -9.60
N LYS B 510 -7.85 -23.52 -9.05
CA LYS B 510 -8.42 -24.80 -8.65
C LYS B 510 -8.81 -25.68 -9.83
N GLU B 511 -8.73 -25.16 -11.05
CA GLU B 511 -9.17 -25.90 -12.22
C GLU B 511 -8.74 -25.15 -13.47
N PHE B 512 -8.42 -25.91 -14.52
CA PHE B 512 -8.07 -25.33 -15.81
C PHE B 512 -8.49 -26.28 -16.91
N GLU B 513 -9.46 -25.84 -17.73
CA GLU B 513 -9.98 -26.64 -18.84
C GLU B 513 -10.53 -27.99 -18.35
N GLY B 514 -11.20 -27.97 -17.21
CA GLY B 514 -11.80 -29.17 -16.66
C GLY B 514 -10.84 -30.07 -15.91
N LYS B 515 -9.60 -29.67 -15.71
CA LYS B 515 -8.60 -30.45 -14.99
C LYS B 515 -8.31 -29.80 -13.66
N THR B 516 -8.53 -30.55 -12.57
CA THR B 516 -8.34 -30.02 -11.23
C THR B 516 -6.85 -29.93 -10.90
N LEU B 517 -6.44 -28.80 -10.34
CA LEU B 517 -5.06 -28.61 -9.94
C LEU B 517 -4.76 -29.45 -8.70
N VAL B 518 -3.75 -30.32 -8.78
CA VAL B 518 -3.38 -31.21 -7.69
C VAL B 518 -1.90 -31.02 -7.39
N ASP B 519 -1.59 -30.75 -6.13
CA ASP B 519 -0.22 -30.59 -5.67
C ASP B 519 0.32 -31.95 -5.24
N ILE B 520 1.43 -32.37 -5.85
CA ILE B 520 1.99 -33.69 -5.54
C ILE B 520 2.60 -33.74 -4.15
N THR B 521 2.92 -32.59 -3.56
CA THR B 521 3.45 -32.58 -2.19
C THR B 521 2.40 -32.95 -1.17
N LYS B 522 1.12 -32.83 -1.51
CA LYS B 522 0.04 -33.20 -0.61
C LYS B 522 -0.36 -34.65 -0.81
N ASP B 523 -1.09 -35.18 0.17
CA ASP B 523 -1.55 -36.57 0.12
C ASP B 523 -2.64 -36.71 -0.93
N PHE B 524 -2.30 -37.31 -2.07
CA PHE B 524 -3.26 -37.50 -3.16
C PHE B 524 -3.09 -38.91 -3.71
N GLU B 525 -4.21 -39.53 -4.08
CA GLU B 525 -4.20 -40.87 -4.63
C GLU B 525 -4.02 -40.82 -6.14
N LEU B 526 -3.26 -41.77 -6.66
CA LEU B 526 -2.97 -41.88 -8.09
C LEU B 526 -3.75 -43.05 -8.68
N GLU B 527 -3.87 -43.04 -10.01
CA GLU B 527 -4.58 -44.11 -10.70
C GLU B 527 -3.90 -45.46 -10.45
N GLU B 528 -4.72 -46.49 -10.27
CA GLU B 528 -4.20 -47.82 -9.97
C GLU B 528 -5.24 -48.86 -10.39
N THR B 529 -4.76 -50.04 -10.73
CA THR B 529 -5.60 -51.15 -11.16
C THR B 529 -5.85 -52.12 -10.00
N ASP B 530 -6.83 -53.00 -10.20
CA ASP B 530 -7.17 -53.97 -9.16
C ASP B 530 -6.04 -54.96 -8.94
N GLU B 531 -5.25 -55.25 -9.97
CA GLU B 531 -4.11 -56.15 -9.81
C GLU B 531 -3.06 -55.55 -8.87
N GLU B 532 -2.77 -54.25 -9.05
CA GLU B 532 -1.78 -53.61 -8.19
C GLU B 532 -2.29 -53.45 -6.77
N LYS B 533 -3.58 -53.13 -6.61
CA LYS B 533 -4.13 -52.97 -5.27
C LYS B 533 -4.10 -54.27 -4.48
N ALA B 534 -4.29 -55.41 -5.16
CA ALA B 534 -4.24 -56.69 -4.46
C ALA B 534 -2.83 -57.04 -3.99
N GLU B 535 -1.81 -56.63 -4.77
CA GLU B 535 -0.44 -56.92 -4.39
C GLU B 535 0.11 -55.88 -3.41
N ARG B 536 -0.36 -54.63 -3.49
CA ARG B 536 0.12 -53.60 -2.58
C ARG B 536 -0.51 -53.71 -1.21
N GLU B 537 -1.77 -54.14 -1.12
CA GLU B 537 -2.45 -54.22 0.18
C GLU B 537 -1.81 -55.28 1.06
N LYS B 538 -1.49 -56.45 0.50
CA LYS B 538 -0.84 -57.49 1.29
C LYS B 538 0.57 -57.08 1.71
N GLU B 539 1.22 -56.22 0.93
CA GLU B 539 2.56 -55.76 1.29
C GLU B 539 2.52 -54.70 2.39
N ILE B 540 1.43 -53.94 2.48
CA ILE B 540 1.34 -52.89 3.50
C ILE B 540 1.20 -53.52 4.89
N LYS B 541 0.36 -54.55 5.01
CA LYS B 541 0.15 -55.17 6.32
C LYS B 541 1.39 -55.89 6.83
N GLU B 542 2.32 -56.25 5.94
CA GLU B 542 3.59 -56.81 6.41
C GLU B 542 4.48 -55.74 7.00
N TYR B 543 4.36 -54.50 6.54
CA TYR B 543 5.06 -53.36 7.11
C TYR B 543 4.26 -52.65 8.18
N GLU B 544 3.11 -53.21 8.58
CA GLU B 544 2.30 -52.57 9.61
C GLU B 544 3.00 -52.49 10.96
N PRO B 545 3.68 -53.53 11.47
CA PRO B 545 4.46 -53.34 12.70
C PRO B 545 5.56 -52.30 12.56
N LEU B 546 6.12 -52.14 11.35
CA LEU B 546 7.12 -51.11 11.14
C LEU B 546 6.52 -49.72 11.21
N THR B 547 5.36 -49.52 10.56
CA THR B 547 4.70 -48.23 10.61
C THR B 547 4.27 -47.88 12.04
N LYS B 548 3.80 -48.87 12.78
CA LYS B 548 3.48 -48.64 14.19
C LYS B 548 4.73 -48.31 14.99
N ALA B 549 5.86 -48.92 14.64
CA ALA B 549 7.11 -48.63 15.34
C ALA B 549 7.59 -47.23 15.02
N LEU B 550 7.42 -46.78 13.77
CA LEU B 550 7.84 -45.42 13.41
C LEU B 550 6.91 -44.36 13.97
N LYS B 551 5.66 -44.72 14.27
CA LYS B 551 4.70 -43.73 14.74
C LYS B 551 4.97 -43.31 16.17
N ASP B 552 5.01 -44.27 17.10
CA ASP B 552 5.16 -43.97 18.52
C ASP B 552 6.57 -43.50 18.88
N ILE B 553 7.54 -43.62 17.97
CA ILE B 553 8.88 -43.13 18.25
C ILE B 553 8.97 -41.64 18.00
N LEU B 554 8.46 -41.18 16.86
CA LEU B 554 8.46 -39.75 16.56
C LEU B 554 7.52 -38.96 17.47
N GLY B 555 6.52 -39.61 18.04
CA GLY B 555 5.60 -38.91 18.93
C GLY B 555 4.54 -38.18 18.14
N ASP B 556 4.39 -36.88 18.43
CA ASP B 556 3.40 -36.03 17.78
C ASP B 556 3.98 -35.24 16.63
N GLN B 557 5.15 -35.64 16.11
CA GLN B 557 5.75 -34.93 14.99
C GLN B 557 5.00 -35.19 13.69
N VAL B 558 4.45 -36.38 13.52
CA VAL B 558 3.68 -36.74 12.34
C VAL B 558 2.30 -37.21 12.78
N GLU B 559 1.37 -37.22 11.82
CA GLU B 559 0.01 -37.67 12.09
C GLU B 559 -0.19 -39.15 11.86
N LYS B 560 0.50 -39.73 10.87
CA LYS B 560 0.37 -41.15 10.59
C LYS B 560 1.55 -41.59 9.73
N VAL B 561 1.95 -42.84 9.90
CA VAL B 561 3.02 -43.45 9.13
C VAL B 561 2.38 -44.48 8.20
N VAL B 562 2.41 -44.22 6.90
CA VAL B 562 1.80 -45.09 5.91
C VAL B 562 2.87 -45.53 4.92
N VAL B 563 2.63 -46.68 4.29
CA VAL B 563 3.51 -47.22 3.26
C VAL B 563 3.06 -46.67 1.92
N SER B 564 3.85 -45.76 1.36
CA SER B 564 3.54 -45.13 0.09
C SER B 564 4.30 -45.81 -1.05
N TYR B 565 3.66 -45.87 -2.21
CA TYR B 565 4.27 -46.45 -3.40
C TYR B 565 4.64 -45.39 -4.45
N LYS B 566 4.46 -44.12 -4.14
CA LYS B 566 4.82 -43.03 -5.04
C LYS B 566 6.29 -42.63 -4.93
N LEU B 567 7.09 -43.41 -4.20
CA LEU B 567 8.52 -43.15 -4.04
C LEU B 567 9.29 -44.34 -4.60
N LEU B 568 10.07 -44.10 -5.65
CA LEU B 568 10.82 -45.17 -6.31
C LEU B 568 12.30 -45.17 -5.95
N ASP B 569 12.89 -44.01 -5.68
CA ASP B 569 14.31 -43.91 -5.36
C ASP B 569 14.55 -43.52 -3.90
N ALA B 570 13.83 -42.54 -3.39
CA ALA B 570 14.03 -42.12 -2.01
C ALA B 570 13.45 -43.17 -1.06
N PRO B 571 14.14 -43.47 0.05
CA PRO B 571 13.60 -44.45 1.00
C PRO B 571 12.43 -43.93 1.80
N ALA B 572 12.36 -42.62 2.04
CA ALA B 572 11.26 -42.05 2.82
C ALA B 572 11.12 -40.58 2.46
N ALA B 573 9.95 -40.03 2.76
CA ALA B 573 9.67 -38.63 2.48
C ALA B 573 8.54 -38.17 3.40
N ILE B 574 8.33 -36.86 3.43
CA ILE B 574 7.30 -36.23 4.25
C ILE B 574 6.35 -35.48 3.33
N ARG B 575 5.05 -35.67 3.54
CA ARG B 575 4.03 -34.97 2.77
C ARG B 575 3.03 -34.33 3.72
N THR B 576 2.64 -33.10 3.42
CA THR B 576 1.70 -32.37 4.26
C THR B 576 0.30 -32.97 4.15
N GLY B 577 -0.50 -32.75 5.19
CA GLY B 577 -1.85 -33.23 5.19
C GLY B 577 -2.71 -32.53 4.15
N GLN B 578 -3.71 -33.25 3.65
CA GLN B 578 -4.62 -32.70 2.67
C GLN B 578 -5.45 -31.57 3.30
N PHE B 579 -5.99 -30.71 2.44
CA PHE B 579 -6.80 -29.54 2.78
C PHE B 579 -6.00 -28.43 3.46
N GLY B 580 -4.71 -28.63 3.71
CA GLY B 580 -3.93 -27.63 4.42
C GLY B 580 -2.79 -27.05 3.59
N TRP B 581 -1.93 -26.28 4.24
CA TRP B 581 -0.80 -25.66 3.56
C TRP B 581 0.23 -26.72 3.16
N SER B 582 1.06 -26.37 2.19
CA SER B 582 2.10 -27.27 1.71
C SER B 582 3.42 -26.99 2.44
N ALA B 583 4.48 -27.68 2.01
CA ALA B 583 5.79 -27.47 2.62
C ALA B 583 6.34 -26.08 2.30
N ASN B 584 6.16 -25.63 1.06
CA ASN B 584 6.67 -24.31 0.68
C ASN B 584 5.79 -23.21 1.26
N MET B 585 4.48 -23.43 1.33
CA MET B 585 3.58 -22.41 1.85
C MET B 585 3.88 -22.09 3.31
N GLU B 586 4.14 -23.12 4.11
CA GLU B 586 4.50 -22.89 5.52
C GLU B 586 5.82 -22.16 5.63
N ARG B 587 6.75 -22.40 4.72
CA ARG B 587 8.04 -21.71 4.74
C ARG B 587 7.89 -20.25 4.34
N ILE B 588 6.99 -19.96 3.39
CA ILE B 588 6.83 -18.60 2.92
C ILE B 588 6.08 -17.76 3.95
N MET B 589 5.05 -18.33 4.58
CA MET B 589 4.26 -17.59 5.56
C MET B 589 5.10 -17.22 6.78
N LYS B 590 6.03 -18.09 7.18
CA LYS B 590 6.90 -17.80 8.32
C LYS B 590 8.10 -16.96 7.95
N ALA B 591 8.29 -16.61 6.68
CA ALA B 591 9.42 -15.82 6.23
C ALA B 591 9.01 -14.43 5.76
N GLN B 592 7.73 -14.08 5.81
CA GLN B 592 7.30 -12.76 5.38
C GLN B 592 7.70 -11.71 6.40
N ALA B 593 8.22 -10.58 5.91
CA ALA B 593 8.64 -9.51 6.80
C ALA B 593 7.46 -8.77 7.41
N LEU B 594 6.30 -8.81 6.75
CA LEU B 594 5.10 -8.14 7.22
C LEU B 594 4.12 -9.08 7.90
N ARG B 595 4.53 -10.31 8.20
CA ARG B 595 3.66 -11.28 8.86
C ARG B 595 4.20 -11.59 10.25
N SER B 605 1.63 -27.55 8.44
CA SER B 605 0.70 -27.84 9.52
C SER B 605 0.83 -29.29 9.97
N LYS B 606 0.09 -30.18 9.32
CA LYS B 606 0.10 -31.60 9.63
C LYS B 606 0.98 -32.34 8.62
N LYS B 607 1.87 -33.18 9.12
CA LYS B 607 2.82 -33.92 8.29
C LYS B 607 2.47 -35.41 8.30
N THR B 608 2.88 -36.09 7.24
CA THR B 608 2.67 -37.53 7.08
C THR B 608 3.97 -38.19 6.69
N PHE B 609 4.37 -39.22 7.44
CA PHE B 609 5.60 -39.95 7.20
C PHE B 609 5.32 -41.11 6.25
N GLU B 610 5.88 -41.04 5.04
CA GLU B 610 5.74 -42.08 4.05
C GLU B 610 7.06 -42.82 3.89
N ILE B 611 6.98 -44.15 3.75
CA ILE B 611 8.15 -44.99 3.58
C ILE B 611 8.02 -45.77 2.27
N SER B 612 9.16 -46.07 1.66
CA SER B 612 9.19 -46.81 0.40
C SER B 612 9.52 -48.26 0.68
N PRO B 613 8.64 -49.21 0.36
CA PRO B 613 8.92 -50.62 0.66
C PRO B 613 9.91 -51.28 -0.28
N LYS B 614 10.45 -50.57 -1.26
CA LYS B 614 11.40 -51.13 -2.20
C LYS B 614 12.84 -50.72 -1.93
N SER B 615 13.07 -49.83 -0.95
CA SER B 615 14.44 -49.43 -0.67
C SER B 615 15.07 -50.36 0.36
N PRO B 616 16.36 -50.63 0.24
CA PRO B 616 17.01 -51.54 1.20
C PRO B 616 17.08 -50.97 2.61
N ILE B 617 16.99 -49.65 2.78
CA ILE B 617 17.02 -49.06 4.11
C ILE B 617 15.76 -49.44 4.88
N ILE B 618 14.60 -49.30 4.24
CA ILE B 618 13.34 -49.65 4.90
C ILE B 618 13.27 -51.16 5.13
N LYS B 619 13.81 -51.95 4.20
CA LYS B 619 13.83 -53.39 4.38
C LYS B 619 14.67 -53.78 5.60
N GLU B 620 15.77 -53.07 5.84
CA GLU B 620 16.58 -53.35 7.02
C GLU B 620 15.90 -52.85 8.28
N LEU B 621 15.08 -51.80 8.18
CA LEU B 621 14.40 -51.27 9.35
C LEU B 621 13.36 -52.26 9.87
N LYS B 622 12.57 -52.85 8.97
CA LYS B 622 11.55 -53.81 9.41
C LYS B 622 12.18 -55.06 9.99
N LYS B 623 13.41 -55.40 9.56
CA LYS B 623 14.10 -56.55 10.14
C LYS B 623 14.46 -56.30 11.60
N ARG B 624 14.99 -55.10 11.90
CA ARG B 624 15.34 -54.77 13.28
C ARG B 624 14.12 -54.72 14.18
N VAL B 625 12.95 -54.37 13.63
CA VAL B 625 11.74 -54.32 14.44
C VAL B 625 11.28 -55.74 14.79
N ASP B 626 11.33 -56.65 13.82
CA ASP B 626 10.90 -58.03 14.07
C ASP B 626 11.85 -58.76 15.01
N GLU B 627 13.13 -58.38 15.06
CA GLU B 627 14.05 -59.00 16.00
C GLU B 627 13.73 -58.63 17.45
N GLY B 628 13.04 -57.51 17.66
CA GLY B 628 12.71 -57.07 19.01
C GLY B 628 13.32 -55.73 19.35
N GLY B 629 13.74 -54.98 18.33
CA GLY B 629 14.37 -53.70 18.55
C GLY B 629 13.46 -52.52 18.27
N ALA B 630 12.20 -52.63 18.71
CA ALA B 630 11.26 -51.52 18.52
C ALA B 630 11.69 -50.29 19.31
N GLN B 631 12.33 -50.48 20.45
CA GLN B 631 12.87 -49.39 21.26
C GLN B 631 14.39 -49.44 21.31
N ASP B 632 15.02 -50.00 20.28
CA ASP B 632 16.47 -50.09 20.24
C ASP B 632 17.08 -48.71 20.04
N LYS B 633 18.28 -48.52 20.61
CA LYS B 633 18.95 -47.22 20.52
C LYS B 633 19.34 -46.92 19.08
N THR B 634 19.83 -47.92 18.35
CA THR B 634 20.24 -47.70 16.96
C THR B 634 19.04 -47.43 16.06
N VAL B 635 17.91 -48.10 16.33
CA VAL B 635 16.73 -47.92 15.50
C VAL B 635 16.12 -46.55 15.73
N LYS B 636 16.03 -46.11 16.98
CA LYS B 636 15.44 -44.82 17.28
C LYS B 636 16.29 -43.67 16.74
N ASP B 637 17.62 -43.80 16.86
CA ASP B 637 18.50 -42.77 16.33
C ASP B 637 18.47 -42.73 14.81
N LEU B 638 18.32 -43.90 14.17
CA LEU B 638 18.24 -43.94 12.71
C LEU B 638 16.90 -43.43 12.22
N THR B 639 15.82 -43.69 12.96
CA THR B 639 14.51 -43.19 12.57
C THR B 639 14.45 -41.67 12.65
N ASN B 640 14.97 -41.09 13.74
CA ASN B 640 14.98 -39.64 13.86
C ASN B 640 15.86 -39.00 12.80
N LEU B 641 16.97 -39.66 12.45
CA LEU B 641 17.85 -39.14 11.40
C LEU B 641 17.17 -39.20 10.04
N LEU B 642 16.49 -40.31 9.74
CA LEU B 642 15.78 -40.43 8.46
C LEU B 642 14.59 -39.50 8.40
N PHE B 643 13.93 -39.25 9.53
CA PHE B 643 12.79 -38.34 9.54
C PHE B 643 13.21 -36.92 9.22
N GLU B 644 14.28 -36.44 9.86
CA GLU B 644 14.75 -35.08 9.60
C GLU B 644 15.36 -34.96 8.21
N THR B 645 15.98 -36.02 7.71
CA THR B 645 16.48 -36.01 6.34
C THR B 645 15.34 -35.90 5.33
N ALA B 646 14.21 -36.55 5.62
CA ALA B 646 13.05 -36.45 4.74
C ALA B 646 12.45 -35.06 4.77
N LEU B 647 12.58 -34.34 5.88
CA LEU B 647 12.08 -32.96 5.94
C LEU B 647 12.85 -32.05 5.01
N LEU B 648 14.17 -32.23 4.92
CA LEU B 648 14.98 -31.41 4.03
C LEU B 648 14.65 -31.71 2.57
N THR B 649 14.44 -32.98 2.23
CA THR B 649 14.15 -33.34 0.85
C THR B 649 12.75 -32.87 0.45
N SER B 650 11.81 -32.90 1.38
CA SER B 650 10.44 -32.46 1.09
C SER B 650 10.30 -30.94 1.06
N GLY B 651 11.26 -30.21 1.62
CA GLY B 651 11.22 -28.76 1.66
C GLY B 651 10.91 -28.15 3.02
N PHE B 652 10.93 -28.94 4.09
CA PHE B 652 10.66 -28.43 5.43
C PHE B 652 11.95 -27.97 6.08
N SER B 653 11.93 -26.77 6.64
CA SER B 653 13.07 -26.22 7.39
C SER B 653 12.96 -26.73 8.83
N LEU B 654 13.62 -27.85 9.09
CA LEU B 654 13.55 -28.48 10.41
C LEU B 654 14.08 -27.56 11.49
N GLU B 655 13.51 -27.67 12.68
CA GLU B 655 13.97 -26.92 13.83
C GLU B 655 15.15 -27.62 14.49
N GLU B 656 15.92 -26.86 15.26
CA GLU B 656 17.10 -27.34 15.97
C GLU B 656 18.07 -28.00 15.00
N PRO B 657 18.74 -27.24 14.13
CA PRO B 657 19.65 -27.86 13.16
C PRO B 657 20.88 -28.47 13.80
N THR B 658 21.19 -28.14 15.06
CA THR B 658 22.37 -28.71 15.70
C THR B 658 22.17 -30.17 16.07
N SER B 659 20.94 -30.55 16.43
CA SER B 659 20.66 -31.96 16.72
C SER B 659 20.83 -32.81 15.47
N PHE B 660 20.46 -32.28 14.31
CA PHE B 660 20.70 -33.00 13.05
C PHE B 660 22.19 -33.04 12.72
N ALA B 661 22.87 -31.90 12.87
CA ALA B 661 24.30 -31.86 12.58
C ALA B 661 25.10 -32.73 13.55
N SER B 662 24.62 -32.87 14.79
CA SER B 662 25.30 -33.74 15.74
C SER B 662 25.23 -35.20 15.31
N ARG B 663 24.08 -35.62 14.80
CA ARG B 663 23.95 -37.00 14.31
C ARG B 663 24.81 -37.23 13.08
N ILE B 664 24.96 -36.21 12.23
CA ILE B 664 25.81 -36.34 11.05
C ILE B 664 27.27 -36.47 11.47
N ASN B 665 27.70 -35.68 12.46
CA ASN B 665 29.08 -35.76 12.93
C ASN B 665 29.39 -37.12 13.55
N ARG B 666 28.38 -37.79 14.13
CA ARG B 666 28.60 -39.13 14.66
C ARG B 666 28.82 -40.13 13.53
N LEU B 667 27.97 -40.09 12.50
CA LEU B 667 28.17 -40.97 11.36
C LEU B 667 29.44 -40.65 10.60
N ILE B 668 29.86 -39.37 10.62
CA ILE B 668 31.15 -39.00 10.03
C ILE B 668 32.29 -39.62 10.84
N SER B 669 32.19 -39.54 12.16
CA SER B 669 33.24 -40.12 13.01
C SER B 669 33.25 -41.64 12.89
N LEU B 670 32.07 -42.27 12.83
CA LEU B 670 32.02 -43.72 12.66
C LEU B 670 32.51 -44.14 11.28
N GLY B 671 32.34 -43.29 10.27
CA GLY B 671 32.87 -43.59 8.95
C GLY B 671 34.38 -43.53 8.90
N LEU B 672 34.98 -42.66 9.72
CA LEU B 672 36.42 -42.54 9.82
C LEU B 672 37.03 -43.47 10.86
N ASN B 673 36.24 -44.43 11.37
CA ASN B 673 36.69 -45.37 12.39
C ASN B 673 37.15 -44.64 13.66
N ILE B 674 36.43 -43.58 14.02
CA ILE B 674 36.73 -42.80 15.21
C ILE B 674 35.70 -43.16 16.28
N ASP B 675 36.15 -43.80 17.35
CA ASP B 675 35.27 -44.20 18.44
C ASP B 675 35.36 -43.22 19.60
N PRO C 206 -43.14 11.91 19.33
CA PRO C 206 -43.52 10.50 19.44
C PRO C 206 -42.76 9.77 20.54
N GLN C 207 -42.98 8.46 20.66
CA GLN C 207 -42.31 7.66 21.67
C GLN C 207 -40.86 7.42 21.30
N ASN C 208 -40.03 7.23 22.32
CA ASN C 208 -38.61 6.94 22.14
C ASN C 208 -38.37 5.44 22.25
N GLY C 209 -37.58 4.91 21.32
CA GLY C 209 -37.30 3.50 21.30
C GLY C 209 -36.05 3.14 20.52
N SER C 210 -36.11 2.04 19.76
CA SER C 210 -34.97 1.57 18.99
C SER C 210 -35.42 1.22 17.59
N GLY C 211 -34.45 0.92 16.73
CA GLY C 211 -34.71 0.60 15.35
C GLY C 211 -35.06 -0.87 15.15
N ASN C 212 -35.13 -1.25 13.88
CA ASN C 212 -35.45 -2.62 13.50
C ASN C 212 -34.16 -3.43 13.34
N SER C 213 -34.27 -4.63 12.80
CA SER C 213 -33.14 -5.50 12.54
C SER C 213 -33.02 -5.76 11.04
N THR C 214 -31.90 -6.38 10.65
CA THR C 214 -31.64 -6.70 9.25
C THR C 214 -30.98 -8.07 9.20
N SER C 215 -30.52 -8.45 8.01
CA SER C 215 -29.87 -9.74 7.81
C SER C 215 -28.85 -9.62 6.70
N ILE C 216 -27.72 -10.30 6.87
CA ILE C 216 -26.66 -10.36 5.86
C ILE C 216 -26.33 -11.81 5.56
N TYR C 217 -25.61 -12.02 4.47
CA TYR C 217 -25.25 -13.37 4.02
C TYR C 217 -23.85 -13.34 3.45
N LEU C 218 -22.97 -14.16 4.01
CA LEU C 218 -21.59 -14.25 3.55
C LEU C 218 -21.22 -15.71 3.33
N GLU C 219 -20.22 -15.92 2.48
CA GLU C 219 -19.71 -17.26 2.18
C GLU C 219 -18.19 -17.24 2.17
N PRO C 220 -17.57 -17.18 3.36
CA PRO C 220 -16.10 -17.22 3.42
C PRO C 220 -15.60 -18.65 3.19
N THR C 221 -14.76 -18.81 2.17
CA THR C 221 -14.23 -20.11 1.82
C THR C 221 -13.00 -20.42 2.67
N PHE C 222 -13.02 -21.58 3.34
CA PHE C 222 -11.92 -22.03 4.19
C PHE C 222 -11.38 -23.34 3.65
N ASN C 223 -10.06 -23.46 3.60
CA ASN C 223 -9.40 -24.70 3.20
C ASN C 223 -9.17 -25.53 4.47
N VAL C 224 -10.17 -26.33 4.83
CA VAL C 224 -10.15 -27.12 6.05
C VAL C 224 -11.28 -28.15 5.98
N PRO C 225 -11.05 -29.39 6.40
CA PRO C 225 -12.15 -30.37 6.45
C PRO C 225 -13.19 -29.97 7.47
N SER C 226 -14.42 -30.47 7.27
CA SER C 226 -15.52 -30.14 8.16
C SER C 226 -15.25 -30.59 9.59
N SER C 227 -14.51 -31.69 9.75
CA SER C 227 -14.21 -32.19 11.10
C SER C 227 -13.43 -31.17 11.90
N GLU C 228 -12.36 -30.62 11.32
CA GLU C 228 -11.55 -29.65 12.04
C GLU C 228 -12.26 -28.31 12.18
N LEU C 229 -12.98 -27.88 11.14
CA LEU C 229 -13.64 -26.59 11.19
C LEU C 229 -14.80 -26.59 12.18
N TYR C 230 -15.56 -27.68 12.24
CA TYR C 230 -16.66 -27.77 13.19
C TYR C 230 -16.15 -27.73 14.63
N GLU C 231 -15.07 -28.46 14.92
CA GLU C 231 -14.51 -28.44 16.25
C GLU C 231 -13.77 -27.14 16.56
N THR C 232 -13.45 -26.35 15.54
CA THR C 232 -12.74 -25.09 15.77
C THR C 232 -13.62 -24.11 16.55
N PHE C 233 -14.90 -24.05 16.22
CA PHE C 233 -15.83 -23.16 16.90
C PHE C 233 -16.40 -23.73 18.18
N LEU C 234 -15.95 -24.92 18.60
CA LEU C 234 -16.44 -25.56 19.81
C LEU C 234 -15.36 -25.90 20.81
N ASP C 235 -14.18 -26.33 20.35
CA ASP C 235 -13.10 -26.69 21.26
C ASP C 235 -12.60 -25.45 21.98
N LYS C 236 -12.73 -25.43 23.30
CA LYS C 236 -12.33 -24.27 24.08
C LYS C 236 -10.84 -23.97 23.96
N GLN C 237 -10.02 -25.01 23.84
CA GLN C 237 -8.59 -24.80 23.62
C GLN C 237 -8.33 -24.22 22.24
N ARG C 238 -9.11 -24.65 21.24
CA ARG C 238 -8.94 -24.10 19.89
C ARG C 238 -9.52 -22.69 19.78
N ILE C 239 -10.64 -22.43 20.46
CA ILE C 239 -11.26 -21.10 20.39
C ILE C 239 -10.32 -20.05 20.97
N LEU C 240 -9.68 -20.36 22.10
CA LEU C 240 -8.76 -19.41 22.72
C LEU C 240 -7.57 -19.09 21.82
N ALA C 241 -7.28 -19.94 20.84
CA ALA C 241 -6.14 -19.70 19.96
C ALA C 241 -6.45 -18.59 18.95
N TRP C 242 -7.53 -18.73 18.19
CA TRP C 242 -7.86 -17.76 17.15
C TRP C 242 -8.64 -16.56 17.67
N THR C 243 -9.06 -16.58 18.94
CA THR C 243 -9.73 -15.42 19.54
C THR C 243 -8.84 -14.65 20.50
N ARG C 244 -7.87 -15.32 21.13
CA ARG C 244 -6.92 -14.70 22.05
C ARG C 244 -7.60 -14.12 23.28
N SER C 245 -8.90 -14.32 23.41
CA SER C 245 -9.65 -13.83 24.57
C SER C 245 -10.96 -14.59 24.62
N ALA C 246 -11.18 -15.37 25.68
CA ALA C 246 -12.39 -16.16 25.82
C ALA C 246 -12.68 -16.41 27.29
N GLN C 247 -13.96 -16.34 27.65
CA GLN C 247 -14.43 -16.57 29.02
C GLN C 247 -15.52 -17.63 28.98
N PHE C 248 -15.11 -18.90 29.11
CA PHE C 248 -16.06 -20.01 29.13
C PHE C 248 -16.59 -20.21 30.54
N PHE C 249 -17.91 -20.14 30.70
CA PHE C 249 -18.51 -20.29 32.02
C PHE C 249 -18.49 -21.73 32.49
N ASN C 250 -18.74 -22.68 31.59
CA ASN C 250 -18.73 -24.09 31.94
C ASN C 250 -17.30 -24.61 32.05
N SER C 251 -17.14 -25.68 32.84
CA SER C 251 -15.85 -26.31 33.06
C SER C 251 -15.65 -27.55 32.19
N GLY C 252 -16.34 -27.63 31.05
CA GLY C 252 -16.22 -28.76 30.17
C GLY C 252 -15.14 -28.57 29.13
N PRO C 253 -14.76 -29.64 28.44
CA PRO C 253 -13.71 -29.54 27.42
C PRO C 253 -14.17 -28.94 26.10
N LYS C 254 -15.47 -28.82 25.88
CA LYS C 254 -16.00 -28.30 24.62
C LYS C 254 -17.28 -27.50 24.92
N LEU C 255 -17.92 -27.03 23.86
CA LEU C 255 -19.14 -26.23 23.96
C LEU C 255 -20.35 -27.12 23.87
N GLU C 256 -21.32 -26.91 24.76
CA GLU C 256 -22.55 -27.68 24.80
C GLU C 256 -23.73 -26.80 24.39
N THR C 257 -24.89 -27.44 24.26
CA THR C 257 -26.09 -26.73 23.85
C THR C 257 -26.56 -25.79 24.95
N LYS C 258 -27.01 -24.60 24.54
CA LYS C 258 -27.44 -23.55 25.46
C LYS C 258 -26.35 -23.21 26.48
N GLU C 259 -25.16 -22.89 25.95
CA GLU C 259 -24.01 -22.51 26.77
C GLU C 259 -23.54 -21.13 26.34
N LYS C 260 -23.51 -20.19 27.27
CA LYS C 260 -23.06 -18.83 26.99
C LYS C 260 -21.56 -18.72 27.25
N PHE C 261 -20.87 -17.97 26.39
CA PHE C 261 -19.44 -17.76 26.52
C PHE C 261 -19.10 -16.36 26.00
N GLU C 262 -18.21 -15.68 26.71
CA GLU C 262 -17.79 -14.33 26.34
C GLU C 262 -16.51 -14.40 25.52
N LEU C 263 -16.43 -13.57 24.49
CA LEU C 263 -15.28 -13.53 23.59
C LEU C 263 -14.80 -12.10 23.44
N PHE C 264 -13.48 -11.97 23.18
CA PHE C 264 -12.84 -10.68 22.95
C PHE C 264 -13.03 -9.73 24.13
N GLY C 265 -12.52 -10.15 25.28
CA GLY C 265 -12.60 -9.33 26.47
C GLY C 265 -14.00 -9.15 27.03
N GLY C 266 -14.88 -10.13 26.82
CA GLY C 266 -16.24 -10.05 27.32
C GLY C 266 -17.16 -9.13 26.55
N ASN C 267 -16.70 -8.54 25.45
CA ASN C 267 -17.55 -7.66 24.66
C ASN C 267 -18.53 -8.43 23.79
N VAL C 268 -18.13 -9.62 23.33
CA VAL C 268 -18.96 -10.46 22.48
C VAL C 268 -19.60 -11.54 23.34
N ILE C 269 -20.92 -11.69 23.23
CA ILE C 269 -21.67 -12.69 23.98
C ILE C 269 -22.37 -13.58 22.96
N SER C 270 -21.97 -14.84 22.91
CA SER C 270 -22.55 -15.82 22.00
C SER C 270 -23.02 -17.03 22.79
N GLU C 271 -24.01 -17.73 22.24
CA GLU C 271 -24.56 -18.92 22.89
C GLU C 271 -24.96 -19.92 21.82
N LEU C 272 -24.44 -21.15 21.94
CA LEU C 272 -24.78 -22.23 21.02
C LEU C 272 -26.16 -22.77 21.38
N VAL C 273 -27.15 -22.49 20.54
CA VAL C 273 -28.53 -22.90 20.82
C VAL C 273 -28.86 -24.20 20.11
N SER C 274 -28.18 -24.47 18.99
CA SER C 274 -28.41 -25.69 18.24
C SER C 274 -27.22 -25.95 17.33
N CYS C 275 -26.88 -27.22 17.16
CA CYS C 275 -25.74 -27.60 16.34
C CYS C 275 -25.93 -29.04 15.87
N GLU C 276 -25.78 -29.25 14.57
CA GLU C 276 -25.84 -30.59 13.98
C GLU C 276 -24.47 -31.26 14.14
N LYS C 277 -24.24 -32.32 13.38
CA LYS C 277 -22.96 -33.03 13.39
C LYS C 277 -22.19 -32.64 12.13
N ASP C 278 -21.28 -31.68 12.29
CA ASP C 278 -20.41 -31.20 11.22
C ASP C 278 -21.19 -30.57 10.06
N LYS C 279 -22.44 -30.18 10.28
CA LYS C 279 -23.23 -29.62 9.19
C LYS C 279 -23.86 -28.28 9.54
N LYS C 280 -24.27 -28.07 10.78
CA LYS C 280 -24.97 -26.85 11.16
C LYS C 280 -24.39 -26.31 12.47
N LEU C 281 -24.25 -24.99 12.54
CA LEU C 281 -23.80 -24.30 13.75
C LEU C 281 -24.61 -23.02 13.88
N VAL C 282 -25.50 -22.96 14.87
CA VAL C 282 -26.35 -21.81 15.10
C VAL C 282 -25.98 -21.20 16.46
N PHE C 283 -25.71 -19.89 16.45
CA PHE C 283 -25.32 -19.17 17.65
C PHE C 283 -26.17 -17.93 17.81
N HIS C 284 -26.41 -17.54 19.06
CA HIS C 284 -27.10 -16.29 19.39
C HIS C 284 -26.04 -15.25 19.69
N TRP C 285 -25.63 -14.53 18.65
CA TRP C 285 -24.57 -13.53 18.77
C TRP C 285 -25.12 -12.26 19.39
N LYS C 286 -24.32 -11.64 20.26
CA LYS C 286 -24.74 -10.42 20.94
C LYS C 286 -23.50 -9.59 21.25
N LEU C 287 -23.62 -8.28 21.08
CA LEU C 287 -22.56 -7.33 21.38
C LEU C 287 -22.92 -6.52 22.62
N LYS C 288 -21.90 -6.20 23.41
CA LYS C 288 -22.14 -5.42 24.63
C LYS C 288 -22.61 -4.01 24.31
N ASP C 289 -22.20 -3.46 23.17
CA ASP C 289 -22.64 -2.12 22.79
C ASP C 289 -24.11 -2.09 22.37
N TRP C 290 -24.70 -3.24 22.06
CA TRP C 290 -26.08 -3.27 21.63
C TRP C 290 -27.03 -3.17 22.82
N SER C 291 -28.29 -2.90 22.52
CA SER C 291 -29.31 -2.78 23.56
C SER C 291 -29.70 -4.17 24.06
N ALA C 292 -30.58 -4.19 25.08
CA ALA C 292 -31.00 -5.46 25.65
C ALA C 292 -31.95 -6.23 24.73
N PRO C 293 -33.00 -5.62 24.14
CA PRO C 293 -33.88 -6.40 23.26
C PRO C 293 -33.21 -6.88 21.97
N PHE C 294 -32.03 -6.36 21.62
CA PHE C 294 -31.35 -6.77 20.41
C PHE C 294 -30.58 -8.06 20.66
N ASN C 295 -30.98 -9.13 19.97
CA ASN C 295 -30.30 -10.42 20.06
C ASN C 295 -30.22 -11.00 18.65
N SER C 296 -29.01 -11.08 18.11
CA SER C 296 -28.80 -11.55 16.75
C SER C 296 -28.57 -13.06 16.73
N THR C 297 -28.92 -13.68 15.60
CA THR C 297 -28.78 -15.12 15.41
C THR C 297 -27.96 -15.37 14.15
N ILE C 298 -26.93 -16.20 14.26
CA ILE C 298 -26.03 -16.51 13.15
C ILE C 298 -26.03 -18.02 12.94
N GLU C 299 -26.19 -18.43 11.69
CA GLU C 299 -26.22 -19.84 11.32
C GLU C 299 -25.05 -20.15 10.41
N MET C 300 -24.33 -21.23 10.72
CA MET C 300 -23.17 -21.67 9.94
C MET C 300 -23.47 -23.03 9.33
N THR C 301 -23.43 -23.10 8.00
CA THR C 301 -23.64 -24.35 7.28
C THR C 301 -22.35 -24.75 6.58
N PHE C 302 -22.02 -26.04 6.65
CA PHE C 302 -20.80 -26.57 6.06
C PHE C 302 -21.11 -27.16 4.68
N HIS C 303 -20.26 -26.83 3.71
CA HIS C 303 -20.42 -27.29 2.33
C HIS C 303 -19.09 -27.81 1.81
N GLU C 304 -18.44 -28.65 2.62
CA GLU C 304 -17.14 -29.20 2.25
C GLU C 304 -17.20 -29.92 0.90
N SER C 305 -16.24 -29.61 0.04
CA SER C 305 -16.16 -30.18 -1.30
C SER C 305 -14.88 -31.00 -1.41
N GLN C 306 -15.01 -32.22 -1.94
CA GLN C 306 -13.88 -33.13 -2.06
C GLN C 306 -13.14 -32.99 -3.39
N GLU C 307 -13.68 -32.23 -4.34
CA GLU C 307 -13.01 -32.07 -5.64
C GLU C 307 -11.95 -30.98 -5.62
N PHE C 308 -12.22 -29.87 -4.95
CA PHE C 308 -11.26 -28.78 -4.82
C PHE C 308 -10.56 -28.76 -3.47
N HIS C 309 -10.91 -29.68 -2.58
CA HIS C 309 -10.31 -29.76 -1.24
C HIS C 309 -10.47 -28.45 -0.47
N GLU C 310 -11.73 -28.03 -0.33
CA GLU C 310 -12.08 -26.80 0.37
C GLU C 310 -13.38 -27.03 1.13
N THR C 311 -13.86 -25.97 1.78
CA THR C 311 -15.11 -26.03 2.53
C THR C 311 -15.72 -24.64 2.56
N LYS C 312 -16.92 -24.50 1.99
CA LYS C 312 -17.64 -23.24 1.98
C LYS C 312 -18.53 -23.16 3.20
N LEU C 313 -18.31 -22.15 4.04
CA LEU C 313 -19.08 -21.96 5.27
C LEU C 313 -20.07 -20.83 5.03
N GLN C 314 -21.24 -21.19 4.49
CA GLN C 314 -22.29 -20.21 4.24
C GLN C 314 -22.85 -19.70 5.56
N VAL C 315 -22.69 -18.41 5.80
CA VAL C 315 -23.09 -17.78 7.06
C VAL C 315 -24.33 -16.94 6.82
N LYS C 316 -25.42 -17.27 7.51
CA LYS C 316 -26.65 -16.50 7.47
C LYS C 316 -26.82 -15.84 8.84
N TRP C 317 -26.59 -14.54 8.89
CA TRP C 317 -26.56 -13.79 10.15
C TRP C 317 -27.77 -12.87 10.19
N THR C 318 -28.73 -13.17 11.06
CA THR C 318 -29.93 -12.39 11.24
C THR C 318 -29.94 -11.73 12.61
N GLY C 319 -30.87 -10.79 12.79
CA GLY C 319 -31.00 -10.10 14.04
C GLY C 319 -30.04 -8.96 14.27
N ILE C 320 -29.25 -8.59 13.26
CA ILE C 320 -28.27 -7.53 13.38
C ILE C 320 -28.96 -6.18 13.33
N PRO C 321 -28.60 -5.23 14.19
CA PRO C 321 -29.18 -3.89 14.09
C PRO C 321 -28.84 -3.22 12.76
N VAL C 322 -29.66 -2.23 12.40
CA VAL C 322 -29.48 -1.57 11.11
C VAL C 322 -28.20 -0.76 11.09
N GLY C 323 -27.86 -0.11 12.20
CA GLY C 323 -26.65 0.69 12.28
C GLY C 323 -25.43 -0.10 12.67
N GLU C 324 -25.51 -1.42 12.54
CA GLU C 324 -24.42 -2.31 12.93
C GLU C 324 -24.07 -3.31 11.83
N GLU C 325 -24.49 -3.05 10.59
CA GLU C 325 -24.26 -3.98 9.50
C GLU C 325 -22.78 -4.09 9.16
N ASP C 326 -22.16 -2.98 8.76
CA ASP C 326 -20.77 -3.00 8.34
C ASP C 326 -19.81 -3.24 9.51
N ARG C 327 -20.22 -2.92 10.73
CA ARG C 327 -19.33 -3.13 11.87
C ARG C 327 -19.13 -4.61 12.17
N VAL C 328 -20.19 -5.41 12.04
CA VAL C 328 -20.10 -6.84 12.32
C VAL C 328 -19.72 -7.67 11.10
N ARG C 329 -19.83 -7.10 9.90
CA ARG C 329 -19.46 -7.82 8.68
C ARG C 329 -17.98 -7.67 8.38
N ALA C 330 -17.45 -6.45 8.47
CA ALA C 330 -16.01 -6.25 8.25
C ALA C 330 -15.19 -6.94 9.32
N ASN C 331 -15.62 -6.86 10.58
CA ASN C 331 -14.88 -7.52 11.66
C ASN C 331 -15.00 -9.03 11.58
N PHE C 332 -16.07 -9.54 10.98
CA PHE C 332 -16.19 -10.99 10.80
C PHE C 332 -15.11 -11.53 9.88
N GLU C 333 -14.69 -10.75 8.90
CA GLU C 333 -13.58 -11.14 8.02
C GLU C 333 -12.23 -10.92 8.67
N GLU C 334 -12.18 -10.31 9.85
CA GLU C 334 -10.94 -10.01 10.55
C GLU C 334 -10.75 -10.85 11.81
N TYR C 335 -11.79 -10.99 12.62
CA TYR C 335 -11.69 -11.75 13.87
C TYR C 335 -12.15 -13.19 13.72
N TYR C 336 -12.90 -13.52 12.67
CA TYR C 336 -13.40 -14.87 12.48
C TYR C 336 -12.84 -15.57 11.24
N VAL C 337 -12.64 -14.84 10.14
CA VAL C 337 -12.18 -15.46 8.90
C VAL C 337 -10.65 -15.46 8.85
N ARG C 338 -10.05 -14.28 8.86
CA ARG C 338 -8.59 -14.20 8.74
C ARG C 338 -7.89 -14.67 10.01
N SER C 339 -8.57 -14.61 11.16
CA SER C 339 -7.95 -15.08 12.40
C SER C 339 -7.72 -16.58 12.37
N ILE C 340 -8.70 -17.35 11.89
CA ILE C 340 -8.55 -18.80 11.83
C ILE C 340 -7.60 -19.20 10.71
N LYS C 341 -7.63 -18.47 9.59
CA LYS C 341 -6.75 -18.81 8.47
C LYS C 341 -5.28 -18.58 8.81
N LEU C 342 -4.99 -17.70 9.78
CA LEU C 342 -3.62 -17.43 10.17
C LEU C 342 -3.16 -18.23 11.38
N THR C 343 -4.08 -18.57 12.30
CA THR C 343 -3.71 -19.32 13.49
C THR C 343 -3.50 -20.80 13.16
N PHE C 344 -4.52 -21.45 12.59
CA PHE C 344 -4.44 -22.86 12.26
C PHE C 344 -4.01 -23.13 10.82
N GLY C 345 -3.88 -22.09 10.00
CA GLY C 345 -3.48 -22.28 8.62
C GLY C 345 -4.55 -22.89 7.74
N PHE C 346 -5.81 -22.47 7.91
CA PHE C 346 -6.91 -22.98 7.11
C PHE C 346 -7.18 -22.07 5.91
N GLY C 347 -6.14 -21.91 5.09
CA GLY C 347 -6.24 -21.07 3.91
C GLY C 347 -5.18 -20.00 3.84
N ALA C 348 -4.82 -19.60 2.62
CA ALA C 348 -3.79 -18.58 2.43
C ALA C 348 -4.39 -17.19 2.54
N VAL C 349 -3.61 -16.26 3.10
CA VAL C 349 -4.03 -14.88 3.28
C VAL C 349 -3.02 -13.98 2.59
N LEU C 350 -3.47 -13.24 1.58
CA LEU C 350 -2.60 -12.34 0.84
C LEU C 350 -3.36 -11.12 0.34
N PRO D 206 11.49 37.31 -29.26
CA PRO D 206 12.92 37.08 -29.04
C PRO D 206 13.42 35.82 -29.74
N GLN D 207 14.69 35.49 -29.55
CA GLN D 207 15.28 34.31 -30.18
C GLN D 207 14.81 33.04 -29.48
N ASN D 208 14.79 31.95 -30.24
CA ASN D 208 14.40 30.65 -29.73
C ASN D 208 15.64 29.84 -29.39
N GLY D 209 15.63 29.22 -28.22
CA GLY D 209 16.77 28.44 -27.75
C GLY D 209 16.41 27.41 -26.70
N SER D 210 17.27 27.26 -25.71
CA SER D 210 17.08 26.27 -24.65
C SER D 210 17.34 26.93 -23.30
N GLY D 211 17.02 26.19 -22.24
CA GLY D 211 17.18 26.67 -20.89
C GLY D 211 18.58 26.47 -20.37
N ASN D 212 18.75 26.78 -19.08
CA ASN D 212 20.03 26.65 -18.40
C ASN D 212 20.15 25.25 -17.79
N SER D 213 21.17 25.05 -16.97
CA SER D 213 21.41 23.79 -16.28
C SER D 213 21.32 24.02 -14.77
N THR D 214 21.32 22.91 -14.04
CA THR D 214 21.25 22.94 -12.58
C THR D 214 22.17 21.86 -12.03
N SER D 215 22.10 21.63 -10.72
CA SER D 215 22.93 20.63 -10.06
C SER D 215 22.19 20.10 -8.85
N ILE D 216 22.34 18.79 -8.60
CA ILE D 216 21.76 18.13 -7.45
C ILE D 216 22.86 17.38 -6.71
N TYR D 217 22.53 16.94 -5.51
CA TYR D 217 23.49 16.25 -4.64
C TYR D 217 22.75 15.19 -3.84
N LEU D 218 23.18 13.93 -3.99
CA LEU D 218 22.60 12.81 -3.27
C LEU D 218 23.69 12.01 -2.60
N GLU D 219 23.31 11.27 -1.55
CA GLU D 219 24.23 10.41 -0.80
C GLU D 219 23.54 9.09 -0.52
N PRO D 220 23.42 8.22 -1.52
CA PRO D 220 22.84 6.89 -1.29
C PRO D 220 23.86 5.98 -0.62
N THR D 221 23.48 5.44 0.55
CA THR D 221 24.36 4.57 1.31
C THR D 221 24.22 3.14 0.83
N PHE D 222 25.36 2.53 0.48
CA PHE D 222 25.40 1.16 0.01
C PHE D 222 26.26 0.32 0.94
N ASN D 223 25.78 -0.88 1.27
CA ASN D 223 26.53 -1.84 2.09
C ASN D 223 27.36 -2.69 1.15
N VAL D 224 28.57 -2.22 0.86
CA VAL D 224 29.47 -2.87 -0.10
C VAL D 224 30.85 -2.28 0.06
N PRO D 225 31.92 -3.08 0.03
CA PRO D 225 33.27 -2.51 0.10
C PRO D 225 33.58 -1.65 -1.12
N SER D 226 34.54 -0.74 -0.95
CA SER D 226 34.90 0.18 -2.03
C SER D 226 35.44 -0.57 -3.25
N SER D 227 36.04 -1.75 -3.05
CA SER D 227 36.57 -2.50 -4.17
C SER D 227 35.46 -3.03 -5.06
N GLU D 228 34.43 -3.62 -4.46
CA GLU D 228 33.36 -4.20 -5.25
C GLU D 228 32.46 -3.14 -5.86
N LEU D 229 32.19 -2.07 -5.11
CA LEU D 229 31.32 -1.01 -5.63
C LEU D 229 31.98 -0.26 -6.78
N TYR D 230 33.29 -0.04 -6.69
CA TYR D 230 34.00 0.65 -7.77
C TYR D 230 33.98 -0.19 -9.05
N GLU D 231 34.24 -1.49 -8.93
CA GLU D 231 34.22 -2.36 -10.10
C GLU D 231 32.81 -2.60 -10.62
N THR D 232 31.79 -2.31 -9.82
CA THR D 232 30.42 -2.53 -10.27
C THR D 232 30.06 -1.60 -11.42
N PHE D 233 30.53 -0.35 -11.38
CA PHE D 233 30.26 0.62 -12.43
C PHE D 233 31.23 0.53 -13.60
N LEU D 234 32.16 -0.42 -13.59
CA LEU D 234 33.15 -0.56 -14.66
C LEU D 234 33.15 -1.93 -15.31
N ASP D 235 32.94 -3.00 -14.54
CA ASP D 235 32.93 -4.35 -15.10
C ASP D 235 31.73 -4.51 -16.02
N LYS D 236 31.98 -4.78 -17.30
CA LYS D 236 30.90 -4.90 -18.27
C LYS D 236 29.99 -6.08 -17.95
N GLN D 237 30.53 -7.16 -17.40
CA GLN D 237 29.69 -8.27 -16.99
C GLN D 237 28.83 -7.90 -15.80
N ARG D 238 29.37 -7.10 -14.87
CA ARG D 238 28.59 -6.66 -13.71
C ARG D 238 27.59 -5.58 -14.10
N ILE D 239 27.97 -4.70 -15.04
CA ILE D 239 27.07 -3.63 -15.46
C ILE D 239 25.81 -4.21 -16.11
N LEU D 240 25.99 -5.20 -16.98
CA LEU D 240 24.84 -5.82 -17.65
C LEU D 240 23.90 -6.50 -16.66
N ALA D 241 24.38 -6.81 -15.44
CA ALA D 241 23.53 -7.46 -14.45
C ALA D 241 22.53 -6.49 -13.84
N TRP D 242 23.00 -5.38 -13.29
CA TRP D 242 22.10 -4.43 -12.62
C TRP D 242 21.44 -3.44 -13.58
N THR D 243 21.83 -3.45 -14.86
CA THR D 243 21.19 -2.61 -15.86
C THR D 243 20.28 -3.36 -16.80
N ARG D 244 20.53 -4.65 -17.03
CA ARG D 244 19.72 -5.51 -17.88
C ARG D 244 19.71 -5.05 -19.34
N SER D 245 20.49 -4.02 -19.64
CA SER D 245 20.62 -3.51 -21.01
C SER D 245 21.88 -2.67 -21.09
N ALA D 246 22.84 -3.10 -21.91
CA ALA D 246 24.10 -2.37 -22.02
C ALA D 246 24.74 -2.72 -23.36
N GLN D 247 25.30 -1.71 -24.01
CA GLN D 247 26.02 -1.87 -25.26
C GLN D 247 27.31 -1.07 -25.19
N PHE D 248 28.44 -1.76 -25.23
CA PHE D 248 29.75 -1.13 -25.10
C PHE D 248 30.43 -1.07 -26.47
N PHE D 249 31.01 0.09 -26.78
CA PHE D 249 31.68 0.25 -28.07
C PHE D 249 33.00 -0.53 -28.11
N ASN D 250 33.81 -0.41 -27.06
CA ASN D 250 35.08 -1.11 -26.99
C ASN D 250 34.86 -2.58 -26.64
N SER D 251 35.81 -3.41 -27.06
CA SER D 251 35.77 -4.84 -26.81
C SER D 251 36.63 -5.25 -25.62
N GLY D 252 36.92 -4.33 -24.72
CA GLY D 252 37.73 -4.62 -23.55
C GLY D 252 36.92 -5.27 -22.46
N PRO D 253 37.63 -5.82 -21.46
CA PRO D 253 36.95 -6.48 -20.34
C PRO D 253 36.38 -5.52 -19.31
N LYS D 254 36.72 -4.23 -19.38
CA LYS D 254 36.23 -3.25 -18.41
C LYS D 254 36.09 -1.90 -19.12
N LEU D 255 35.73 -0.88 -18.37
CA LEU D 255 35.57 0.47 -18.91
C LEU D 255 36.87 1.25 -18.77
N GLU D 256 37.30 1.88 -19.86
CA GLU D 256 38.51 2.67 -19.89
C GLU D 256 38.18 4.15 -19.92
N THR D 257 39.22 4.98 -19.88
CA THR D 257 39.03 6.42 -19.88
C THR D 257 38.60 6.91 -21.27
N LYS D 258 37.64 7.84 -21.28
CA LYS D 258 37.07 8.38 -22.51
C LYS D 258 36.46 7.27 -23.37
N GLU D 259 35.64 6.43 -22.73
CA GLU D 259 34.95 5.34 -23.42
C GLU D 259 33.45 5.53 -23.29
N LYS D 260 32.78 5.68 -24.42
CA LYS D 260 31.33 5.84 -24.44
C LYS D 260 30.64 4.47 -24.44
N PHE D 261 29.46 4.43 -23.85
CA PHE D 261 28.68 3.21 -23.78
C PHE D 261 27.21 3.57 -23.57
N GLU D 262 26.32 2.80 -24.21
CA GLU D 262 24.89 3.03 -24.13
C GLU D 262 24.27 2.10 -23.10
N LEU D 263 23.33 2.65 -22.31
CA LEU D 263 22.66 1.90 -21.27
C LEU D 263 21.15 2.05 -21.41
N PHE D 264 20.43 1.03 -20.96
CA PHE D 264 18.96 1.01 -20.95
C PHE D 264 18.40 1.22 -22.35
N GLY D 265 18.74 0.28 -23.24
CA GLY D 265 18.24 0.32 -24.60
C GLY D 265 18.78 1.45 -25.44
N GLY D 266 20.00 1.91 -25.14
CA GLY D 266 20.61 2.98 -25.90
C GLY D 266 20.08 4.37 -25.60
N ASN D 267 19.18 4.50 -24.62
CA ASN D 267 18.65 5.82 -24.29
C ASN D 267 19.60 6.63 -23.42
N VAL D 268 20.41 5.96 -22.60
CA VAL D 268 21.35 6.62 -21.71
C VAL D 268 22.74 6.53 -22.33
N ILE D 269 23.41 7.67 -22.46
CA ILE D 269 24.75 7.76 -23.03
C ILE D 269 25.68 8.30 -21.95
N SER D 270 26.59 7.47 -21.47
CA SER D 270 27.55 7.86 -20.45
C SER D 270 28.97 7.57 -20.93
N GLU D 271 29.92 8.35 -20.44
CA GLU D 271 31.31 8.22 -20.83
C GLU D 271 32.20 8.51 -19.62
N LEU D 272 33.08 7.55 -19.30
CA LEU D 272 34.02 7.72 -18.20
C LEU D 272 35.16 8.62 -18.64
N VAL D 273 35.19 9.85 -18.11
CA VAL D 273 36.18 10.84 -18.53
C VAL D 273 37.35 10.86 -17.54
N SER D 274 37.09 10.47 -16.29
CA SER D 274 38.13 10.44 -15.27
C SER D 274 37.67 9.58 -14.11
N CYS D 275 38.62 8.90 -13.49
CA CYS D 275 38.32 8.01 -12.37
C CYS D 275 39.59 7.74 -11.58
N GLU D 276 39.48 7.74 -10.26
CA GLU D 276 40.57 7.41 -9.37
C GLU D 276 40.41 5.98 -8.86
N LYS D 277 41.48 5.46 -8.28
CA LYS D 277 41.50 4.07 -7.81
C LYS D 277 40.61 3.96 -6.57
N ASP D 278 39.40 3.44 -6.77
CA ASP D 278 38.43 3.18 -5.70
C ASP D 278 38.01 4.43 -4.95
N LYS D 279 38.21 5.61 -5.54
CA LYS D 279 37.87 6.84 -4.82
C LYS D 279 37.02 7.81 -5.62
N LYS D 280 37.21 7.88 -6.94
CA LYS D 280 36.51 8.86 -7.76
C LYS D 280 35.98 8.18 -9.02
N LEU D 281 34.76 8.55 -9.40
CA LEU D 281 34.13 8.07 -10.64
C LEU D 281 33.37 9.23 -11.26
N VAL D 282 33.88 9.78 -12.36
CA VAL D 282 33.28 10.90 -13.05
C VAL D 282 32.82 10.44 -14.43
N PHE D 283 31.54 10.68 -14.73
CA PHE D 283 30.95 10.27 -16.00
C PHE D 283 30.24 11.46 -16.64
N HIS D 284 30.22 11.47 -17.97
CA HIS D 284 29.48 12.46 -18.73
C HIS D 284 28.13 11.84 -19.11
N TRP D 285 27.15 12.03 -18.24
CA TRP D 285 25.83 11.44 -18.42
C TRP D 285 25.04 12.24 -19.45
N LYS D 286 24.31 11.53 -20.30
CA LYS D 286 23.52 12.16 -21.35
C LYS D 286 22.31 11.30 -21.65
N LEU D 287 21.16 11.96 -21.84
CA LEU D 287 19.91 11.29 -22.19
C LEU D 287 19.57 11.57 -23.64
N LYS D 288 18.97 10.57 -24.30
CA LYS D 288 18.60 10.74 -25.70
C LYS D 288 17.50 11.78 -25.87
N ASP D 289 16.64 11.95 -24.86
CA ASP D 289 15.59 12.95 -24.95
C ASP D 289 16.12 14.37 -24.83
N TRP D 290 17.35 14.54 -24.32
CA TRP D 290 17.92 15.87 -24.16
C TRP D 290 18.44 16.39 -25.49
N SER D 291 18.67 17.71 -25.53
CA SER D 291 19.17 18.35 -26.73
C SER D 291 20.66 18.03 -26.90
N ALA D 292 21.22 18.51 -28.02
CA ALA D 292 22.63 18.24 -28.30
C ALA D 292 23.57 19.05 -27.41
N PRO D 293 23.38 20.36 -27.20
CA PRO D 293 24.31 21.10 -26.33
C PRO D 293 24.24 20.69 -24.86
N PHE D 294 23.21 19.95 -24.45
CA PHE D 294 23.07 19.55 -23.06
C PHE D 294 23.93 18.31 -22.80
N ASN D 295 24.91 18.45 -21.92
CA ASN D 295 25.78 17.34 -21.51
C ASN D 295 26.01 17.45 -20.01
N SER D 296 25.50 16.48 -19.27
CA SER D 296 25.59 16.49 -17.81
C SER D 296 26.81 15.72 -17.35
N THR D 297 27.34 16.13 -16.20
CA THR D 297 28.51 15.50 -15.59
C THR D 297 28.15 15.04 -14.19
N ILE D 298 28.45 13.79 -13.88
CA ILE D 298 28.15 13.20 -12.58
C ILE D 298 29.44 12.69 -11.97
N GLU D 299 29.68 13.05 -10.71
CA GLU D 299 30.89 12.66 -9.98
C GLU D 299 30.50 11.76 -8.81
N MET D 300 31.16 10.62 -8.70
CA MET D 300 30.91 9.66 -7.63
C MET D 300 32.14 9.60 -6.73
N THR D 301 31.98 9.96 -5.46
CA THR D 301 33.04 9.90 -4.47
C THR D 301 32.71 8.81 -3.46
N PHE D 302 33.69 7.95 -3.19
CA PHE D 302 33.52 6.83 -2.29
C PHE D 302 33.98 7.20 -0.87
N HIS D 303 33.19 6.79 0.12
CA HIS D 303 33.53 7.01 1.53
C HIS D 303 33.22 5.72 2.28
N GLU D 304 34.25 4.91 2.52
CA GLU D 304 34.10 3.62 3.19
C GLU D 304 34.20 3.83 4.69
N SER D 305 33.15 3.44 5.41
CA SER D 305 33.11 3.56 6.86
C SER D 305 33.37 2.18 7.47
N GLN D 306 34.57 1.99 8.02
CA GLN D 306 34.92 0.73 8.64
C GLN D 306 34.24 0.51 9.98
N GLU D 307 33.62 1.56 10.55
CA GLU D 307 32.95 1.40 11.84
C GLU D 307 31.63 0.67 11.70
N PHE D 308 30.84 1.01 10.68
CA PHE D 308 29.54 0.39 10.44
C PHE D 308 29.54 -0.55 9.24
N HIS D 309 30.69 -0.75 8.59
CA HIS D 309 30.82 -1.63 7.44
C HIS D 309 29.93 -1.19 6.28
N GLU D 310 29.66 0.11 6.18
CA GLU D 310 28.88 0.69 5.10
C GLU D 310 29.79 1.48 4.17
N THR D 311 29.20 2.08 3.15
CA THR D 311 29.93 2.90 2.19
C THR D 311 29.00 3.96 1.63
N LYS D 312 29.31 5.23 1.90
CA LYS D 312 28.52 6.35 1.39
C LYS D 312 29.10 6.81 0.06
N LEU D 313 28.25 6.84 -0.96
CA LEU D 313 28.64 7.24 -2.31
C LEU D 313 28.03 8.62 -2.58
N GLN D 314 28.76 9.67 -2.21
CA GLN D 314 28.30 11.03 -2.44
C GLN D 314 28.31 11.33 -3.94
N VAL D 315 27.15 11.63 -4.49
CA VAL D 315 26.98 11.84 -5.92
C VAL D 315 26.73 13.33 -6.16
N LYS D 316 27.62 13.97 -6.91
CA LYS D 316 27.47 15.36 -7.32
C LYS D 316 27.18 15.37 -8.81
N TRP D 317 25.94 15.63 -9.18
CA TRP D 317 25.47 15.53 -10.56
C TRP D 317 25.18 16.93 -11.08
N THR D 318 26.01 17.40 -11.99
CA THR D 318 25.88 18.73 -12.60
C THR D 318 25.53 18.59 -14.08
N GLY D 319 25.13 19.72 -14.67
CA GLY D 319 24.78 19.75 -16.08
C GLY D 319 23.40 19.26 -16.42
N ILE D 320 22.57 18.99 -15.41
CA ILE D 320 21.22 18.48 -15.63
C ILE D 320 20.31 19.63 -16.08
N PRO D 321 19.46 19.43 -17.09
CA PRO D 321 18.51 20.48 -17.46
C PRO D 321 17.56 20.80 -16.31
N VAL D 322 16.97 22.00 -16.39
CA VAL D 322 16.08 22.47 -15.33
C VAL D 322 14.81 21.64 -15.29
N GLY D 323 14.28 21.27 -16.45
CA GLY D 323 13.06 20.50 -16.51
C GLY D 323 13.29 19.01 -16.44
N GLU D 324 14.48 18.61 -15.98
CA GLU D 324 14.85 17.20 -15.92
C GLU D 324 15.41 16.82 -14.54
N GLU D 325 15.14 17.64 -13.52
CA GLU D 325 15.69 17.38 -12.19
C GLU D 325 15.09 16.13 -11.57
N ASP D 326 13.77 16.13 -11.37
CA ASP D 326 13.11 15.01 -10.71
C ASP D 326 13.09 13.75 -11.57
N ARG D 327 13.21 13.88 -12.89
CA ARG D 327 13.19 12.70 -13.75
C ARG D 327 14.46 11.87 -13.59
N VAL D 328 15.62 12.54 -13.45
CA VAL D 328 16.89 11.82 -13.31
C VAL D 328 17.24 11.53 -11.86
N ARG D 329 16.60 12.18 -10.90
CA ARG D 329 16.87 11.94 -9.49
C ARG D 329 16.04 10.77 -8.97
N ALA D 330 14.75 10.73 -9.29
CA ALA D 330 13.91 9.61 -8.87
C ALA D 330 14.35 8.32 -9.53
N ASN D 331 14.67 8.37 -10.82
CA ASN D 331 15.12 7.17 -11.52
C ASN D 331 16.49 6.72 -11.06
N PHE D 332 17.32 7.64 -10.56
CA PHE D 332 18.62 7.26 -10.01
C PHE D 332 18.47 6.36 -8.79
N GLU D 333 17.42 6.57 -8.00
CA GLU D 333 17.14 5.70 -6.87
C GLU D 333 16.46 4.40 -7.29
N GLU D 334 16.10 4.26 -8.56
CA GLU D 334 15.42 3.06 -9.07
C GLU D 334 16.29 2.24 -9.99
N TYR D 335 17.01 2.87 -10.92
CA TYR D 335 17.84 2.14 -11.87
C TYR D 335 19.30 2.05 -11.43
N TYR D 336 19.73 2.87 -10.48
CA TYR D 336 21.11 2.87 -10.01
C TYR D 336 21.28 2.46 -8.56
N VAL D 337 20.37 2.86 -7.68
CA VAL D 337 20.50 2.57 -6.26
C VAL D 337 19.83 1.24 -5.92
N ARG D 338 18.52 1.15 -6.15
CA ARG D 338 17.80 -0.06 -5.79
C ARG D 338 18.13 -1.22 -6.73
N SER D 339 18.57 -0.92 -7.96
CA SER D 339 18.92 -1.98 -8.89
C SER D 339 20.15 -2.75 -8.42
N ILE D 340 21.16 -2.04 -7.92
CA ILE D 340 22.37 -2.70 -7.46
C ILE D 340 22.13 -3.38 -6.12
N LYS D 341 21.30 -2.77 -5.27
CA LYS D 341 21.02 -3.36 -3.96
C LYS D 341 20.26 -4.67 -4.08
N LEU D 342 19.50 -4.87 -5.15
CA LEU D 342 18.74 -6.10 -5.34
C LEU D 342 19.48 -7.13 -6.18
N THR D 343 20.31 -6.69 -7.12
CA THR D 343 21.03 -7.62 -7.98
C THR D 343 22.18 -8.29 -7.23
N PHE D 344 23.11 -7.48 -6.70
CA PHE D 344 24.27 -7.99 -6.00
C PHE D 344 24.09 -8.06 -4.49
N GLY D 345 22.95 -7.60 -3.98
CA GLY D 345 22.71 -7.64 -2.54
C GLY D 345 23.56 -6.66 -1.74
N PHE D 346 23.76 -5.46 -2.27
CA PHE D 346 24.56 -4.44 -1.58
C PHE D 346 23.66 -3.53 -0.74
N GLY D 347 22.93 -4.15 0.18
CA GLY D 347 22.03 -3.42 1.05
C GLY D 347 20.61 -3.92 1.02
N ALA D 348 19.88 -3.75 2.13
CA ALA D 348 18.51 -4.21 2.23
C ALA D 348 17.56 -3.19 1.64
N VAL D 349 16.50 -3.67 0.99
CA VAL D 349 15.48 -2.83 0.37
C VAL D 349 14.13 -3.20 0.96
N LEU D 350 13.50 -2.24 1.63
CA LEU D 350 12.19 -2.47 2.24
C LEU D 350 11.38 -1.17 2.27
PG AGS E . -21.67 26.58 5.43
S1G AGS E . -20.02 27.19 6.28
O2G AGS E . -22.41 25.61 6.39
O3G AGS E . -21.31 25.82 4.12
PB AGS E . -23.58 28.38 6.19
O1B AGS E . -24.10 27.29 7.04
O2B AGS E . -22.80 29.45 6.95
O3B AGS E . -22.59 27.79 5.09
PA AGS E . -25.95 28.31 4.79
O1A AGS E . -25.79 28.31 3.32
O2A AGS E . -25.92 26.91 5.42
O3A AGS E . -24.78 29.14 5.48
O5' AGS E . -27.28 29.09 5.14
C5' AGS E . -27.31 30.53 5.18
C4' AGS E . -27.75 30.98 6.55
O4' AGS E . -29.08 30.49 6.80
C3' AGS E . -26.92 30.45 7.71
O3' AGS E . -25.77 31.25 7.92
C2' AGS E . -27.90 30.53 8.88
O2' AGS E . -27.89 31.81 9.49
C1' AGS E . -29.25 30.28 8.20
N9 AGS E . -29.78 28.93 8.40
C8 AGS E . -29.58 27.83 7.60
N7 AGS E . -30.17 26.75 8.03
C5 AGS E . -30.82 27.15 9.19
C6 AGS E . -31.62 26.47 10.11
N6 AGS E . -31.93 25.18 10.02
N1 AGS E . -32.10 27.17 11.17
C2 AGS E . -31.78 28.47 11.27
N3 AGS E . -31.03 29.22 10.47
C4 AGS E . -30.58 28.50 9.43
MG MG F . -24.04 24.26 6.36
K K G . -27.22 31.17 1.83
PG AGS H . -13.16 27.70 -16.39
S1G AGS H . -14.25 26.21 -17.05
O2G AGS H . -11.84 27.76 -17.20
O3G AGS H . -12.84 27.45 -14.88
PB AGS H . -13.84 29.86 -17.90
O1B AGS H . -12.50 29.71 -18.51
O2B AGS H . -14.98 29.36 -18.79
O3B AGS H . -13.93 29.04 -16.55
PA AGS H . -13.02 32.31 -16.96
O1A AGS H . -13.34 32.60 -15.54
O2A AGS H . -11.69 31.58 -17.15
O3A AGS H . -14.13 31.39 -17.62
O5' AGS H . -13.06 33.67 -17.77
C5' AGS H . -14.32 34.23 -18.22
C4' AGS H . -14.27 34.40 -19.71
O4' AGS H . -13.20 35.31 -20.05
C3' AGS H . -13.94 33.13 -20.50
O3' AGS H . -15.12 32.36 -20.72
C2' AGS H . -13.38 33.70 -21.81
O2' AGS H . -14.41 33.99 -22.75
C1' AGS H . -12.70 35.00 -21.34
N9 AGS H . -11.24 34.89 -21.24
C8 AGS H . -10.51 34.52 -20.15
N7 AGS H . -9.21 34.52 -20.35
C5 AGS H . -9.08 34.91 -21.68
C6 AGS H . -7.97 35.11 -22.50
N6 AGS H . -6.70 34.94 -22.10
N1 AGS H . -8.19 35.51 -23.77
C2 AGS H . -9.44 35.70 -24.18
N3 AGS H . -10.58 35.54 -23.49
C4 AGS H . -10.32 35.15 -22.24
MG MG I . -9.89 28.52 -17.03
K K J . -15.45 35.35 -15.16
#